data_1IS3
# 
_entry.id   1IS3 
# 
_audit_conform.dict_name       mmcif_pdbx.dic 
_audit_conform.dict_version    5.380 
_audit_conform.dict_location   http://mmcif.pdb.org/dictionaries/ascii/mmcif_pdbx.dic 
# 
loop_
_database_2.database_id 
_database_2.database_code 
_database_2.pdbx_database_accession 
_database_2.pdbx_DOI 
PDB   1IS3         pdb_00001is3 10.2210/pdb1is3/pdb 
RCSB  RCSB005224   ?            ?                   
WWPDB D_1000005224 ?            ?                   
# 
loop_
_pdbx_database_related.db_name 
_pdbx_database_related.db_id 
_pdbx_database_related.details 
_pdbx_database_related.content_type 
PDB 1C1L '1C1L contains Lactose-Liganded Congerin I.'                               unspecified 
PDB 1IS4 '1IS4 contains LACTOSE-LIGANDED CONGERIN II.'                              unspecified 
PDB 1IS5 '1IS5 contains Ligand free Congerin II.'                                   unspecified 
PDB 1IS6 '1IS6 contains 2-(N-MORPHOLINO)-ETHANESULFONIC ACID-LIGANDED CONGERIN II.' unspecified 
# 
_pdbx_database_status.status_code                     REL 
_pdbx_database_status.entry_id                        1IS3 
_pdbx_database_status.recvd_initial_deposition_date   2001-11-12 
_pdbx_database_status.deposit_site                    PDBJ 
_pdbx_database_status.process_site                    PDBJ 
_pdbx_database_status.SG_entry                        . 
_pdbx_database_status.status_code_sf                  ? 
_pdbx_database_status.status_code_mr                  ? 
_pdbx_database_status.pdb_format_compatible           Y 
_pdbx_database_status.status_code_cs                  ? 
_pdbx_database_status.status_code_nmr_data            ? 
_pdbx_database_status.methods_development_category    ? 
# 
loop_
_audit_author.name 
_audit_author.pdbx_ordinal 
'Shirai, T.'            1 
'Matsui, Y.'            2 
'Shionyu-Mitsuyama, C.' 3 
'Yamane, T.'            4 
'Kamiya, H.'            5 
'Ishii, C.'             6 
'Ogawa, T.'             7 
'Muramoto, K.'          8 
# 
_citation.id                        primary 
_citation.title                     
;Crystal structure of a conger eel galectin (congerin II) at 1.45 A resolution: Implication for the accelerated evolution of a new ligand-binding site following gene duplication
;
_citation.journal_abbrev            J.MOL.BIOL. 
_citation.journal_volume            321 
_citation.page_first                879 
_citation.page_last                 889 
_citation.year                      2002 
_citation.journal_id_ASTM           JMOBAK 
_citation.country                   UK 
_citation.journal_id_ISSN           0022-2836 
_citation.journal_id_CSD            0070 
_citation.book_publisher            ? 
_citation.pdbx_database_id_PubMed   12206768 
_citation.pdbx_database_id_DOI      '10.1016/S0022-2836(02)00700-3' 
# 
loop_
_citation_author.citation_id 
_citation_author.name 
_citation_author.ordinal 
_citation_author.identifier_ORCID 
primary 'Shirai, T.'            1 ? 
primary 'Matsui, Y.'            2 ? 
primary 'Shionyu-Mitsuyama, C.' 3 ? 
primary 'Yamane, T.'            4 ? 
primary 'Kamiya, H.'            5 ? 
primary 'Ishii, C.'             6 ? 
primary 'Ogawa, T.'             7 ? 
primary 'Muramoto, K.'          8 ? 
# 
_cell.entry_id           1IS3 
_cell.length_a           61.500 
_cell.length_b           61.500 
_cell.length_c           80.700 
_cell.angle_alpha        90.00 
_cell.angle_beta         90.00 
_cell.angle_gamma        90.00 
_cell.Z_PDB              8 
_cell.pdbx_unique_axis   ? 
# 
_symmetry.entry_id                         1IS3 
_symmetry.space_group_name_H-M             'P 42 21 2' 
_symmetry.pdbx_full_space_group_name_H-M   ? 
_symmetry.cell_setting                     ? 
_symmetry.Int_Tables_number                94 
# 
loop_
_entity.id 
_entity.type 
_entity.src_method 
_entity.pdbx_description 
_entity.formula_weight 
_entity.pdbx_number_of_molecules 
_entity.pdbx_ec 
_entity.pdbx_mutation 
_entity.pdbx_fragment 
_entity.details 
1 polymer     man 'CONGERIN II'                                       15354.119 1  ? ? ? ? 
2 branched    man 'beta-D-galactopyranose-(1-4)-beta-D-glucopyranose' 342.297   1  ? ? ? ? 
3 non-polymer syn '2-(N-MORPHOLINO)-ETHANESULFONIC ACID'              195.237   1  ? ? ? ? 
4 water       nat water                                               18.015    91 ? ? ? ? 
# 
loop_
_entity_name_com.entity_id 
_entity_name_com.name 
1 'BETA-GALACTOSIDE-BINDING LECTIN 2' 
2 beta-lactose                        
# 
_entity_poly.entity_id                      1 
_entity_poly.type                           'polypeptide(L)' 
_entity_poly.nstd_linkage                   no 
_entity_poly.nstd_monomer                   no 
_entity_poly.pdbx_seq_one_letter_code       
;SDRAEVRNIPFKLGMYLTVGGVVNSNATRFSINVGESTDSIAMHMDHRFSYGADQNVLVLNSLVHNVGWQQEERSKKFPF
TKGDHFQTTITFDTHTFYIQLSNGETVEFPNRNKDAAFNLIYLAGDARLTFVRLE
;
_entity_poly.pdbx_seq_one_letter_code_can   
;SDRAEVRNIPFKLGMYLTVGGVVNSNATRFSINVGESTDSIAMHMDHRFSYGADQNVLVLNSLVHNVGWQQEERSKKFPF
TKGDHFQTTITFDTHTFYIQLSNGETVEFPNRNKDAAFNLIYLAGDARLTFVRLE
;
_entity_poly.pdbx_strand_id                 A 
_entity_poly.pdbx_target_identifier         ? 
# 
loop_
_entity_poly_seq.entity_id 
_entity_poly_seq.num 
_entity_poly_seq.mon_id 
_entity_poly_seq.hetero 
1 1   SER n 
1 2   ASP n 
1 3   ARG n 
1 4   ALA n 
1 5   GLU n 
1 6   VAL n 
1 7   ARG n 
1 8   ASN n 
1 9   ILE n 
1 10  PRO n 
1 11  PHE n 
1 12  LYS n 
1 13  LEU n 
1 14  GLY n 
1 15  MET n 
1 16  TYR n 
1 17  LEU n 
1 18  THR n 
1 19  VAL n 
1 20  GLY n 
1 21  GLY n 
1 22  VAL n 
1 23  VAL n 
1 24  ASN n 
1 25  SER n 
1 26  ASN n 
1 27  ALA n 
1 28  THR n 
1 29  ARG n 
1 30  PHE n 
1 31  SER n 
1 32  ILE n 
1 33  ASN n 
1 34  VAL n 
1 35  GLY n 
1 36  GLU n 
1 37  SER n 
1 38  THR n 
1 39  ASP n 
1 40  SER n 
1 41  ILE n 
1 42  ALA n 
1 43  MET n 
1 44  HIS n 
1 45  MET n 
1 46  ASP n 
1 47  HIS n 
1 48  ARG n 
1 49  PHE n 
1 50  SER n 
1 51  TYR n 
1 52  GLY n 
1 53  ALA n 
1 54  ASP n 
1 55  GLN n 
1 56  ASN n 
1 57  VAL n 
1 58  LEU n 
1 59  VAL n 
1 60  LEU n 
1 61  ASN n 
1 62  SER n 
1 63  LEU n 
1 64  VAL n 
1 65  HIS n 
1 66  ASN n 
1 67  VAL n 
1 68  GLY n 
1 69  TRP n 
1 70  GLN n 
1 71  GLN n 
1 72  GLU n 
1 73  GLU n 
1 74  ARG n 
1 75  SER n 
1 76  LYS n 
1 77  LYS n 
1 78  PHE n 
1 79  PRO n 
1 80  PHE n 
1 81  THR n 
1 82  LYS n 
1 83  GLY n 
1 84  ASP n 
1 85  HIS n 
1 86  PHE n 
1 87  GLN n 
1 88  THR n 
1 89  THR n 
1 90  ILE n 
1 91  THR n 
1 92  PHE n 
1 93  ASP n 
1 94  THR n 
1 95  HIS n 
1 96  THR n 
1 97  PHE n 
1 98  TYR n 
1 99  ILE n 
1 100 GLN n 
1 101 LEU n 
1 102 SER n 
1 103 ASN n 
1 104 GLY n 
1 105 GLU n 
1 106 THR n 
1 107 VAL n 
1 108 GLU n 
1 109 PHE n 
1 110 PRO n 
1 111 ASN n 
1 112 ARG n 
1 113 ASN n 
1 114 LYS n 
1 115 ASP n 
1 116 ALA n 
1 117 ALA n 
1 118 PHE n 
1 119 ASN n 
1 120 LEU n 
1 121 ILE n 
1 122 TYR n 
1 123 LEU n 
1 124 ALA n 
1 125 GLY n 
1 126 ASP n 
1 127 ALA n 
1 128 ARG n 
1 129 LEU n 
1 130 THR n 
1 131 PHE n 
1 132 VAL n 
1 133 ARG n 
1 134 LEU n 
1 135 GLU n 
# 
_entity_src_gen.entity_id                          1 
_entity_src_gen.pdbx_src_id                        1 
_entity_src_gen.pdbx_alt_source_flag               sample 
_entity_src_gen.pdbx_seq_type                      ? 
_entity_src_gen.pdbx_beg_seq_num                   ? 
_entity_src_gen.pdbx_end_seq_num                   ? 
_entity_src_gen.gene_src_common_name               'whitespotted conger' 
_entity_src_gen.gene_src_genus                     Conger 
_entity_src_gen.pdbx_gene_src_gene                 ? 
_entity_src_gen.gene_src_species                   ? 
_entity_src_gen.gene_src_strain                    ? 
_entity_src_gen.gene_src_tissue                    'SKIN MUCUS' 
_entity_src_gen.gene_src_tissue_fraction           ? 
_entity_src_gen.gene_src_details                   ? 
_entity_src_gen.pdbx_gene_src_fragment             ? 
_entity_src_gen.pdbx_gene_src_scientific_name      'Conger myriaster' 
_entity_src_gen.pdbx_gene_src_ncbi_taxonomy_id     7943 
_entity_src_gen.pdbx_gene_src_variant              ? 
_entity_src_gen.pdbx_gene_src_cell_line            ? 
_entity_src_gen.pdbx_gene_src_atcc                 ? 
_entity_src_gen.pdbx_gene_src_organ                ? 
_entity_src_gen.pdbx_gene_src_organelle            ? 
_entity_src_gen.pdbx_gene_src_cell                 ? 
_entity_src_gen.pdbx_gene_src_cellular_location    ? 
_entity_src_gen.host_org_common_name               ? 
_entity_src_gen.pdbx_host_org_scientific_name      'Escherichia coli' 
_entity_src_gen.pdbx_host_org_ncbi_taxonomy_id     562 
_entity_src_gen.host_org_genus                     Escherichia 
_entity_src_gen.pdbx_host_org_gene                 ? 
_entity_src_gen.pdbx_host_org_organ                ? 
_entity_src_gen.host_org_species                   ? 
_entity_src_gen.pdbx_host_org_tissue               ? 
_entity_src_gen.pdbx_host_org_tissue_fraction      ? 
_entity_src_gen.pdbx_host_org_strain               JM109 
_entity_src_gen.pdbx_host_org_variant              ? 
_entity_src_gen.pdbx_host_org_cell_line            ? 
_entity_src_gen.pdbx_host_org_atcc                 ? 
_entity_src_gen.pdbx_host_org_culture_collection   ? 
_entity_src_gen.pdbx_host_org_cell                 ? 
_entity_src_gen.pdbx_host_org_organelle            ? 
_entity_src_gen.pdbx_host_org_cellular_location    ? 
_entity_src_gen.pdbx_host_org_vector_type          PLASMID 
_entity_src_gen.pdbx_host_org_vector               ? 
_entity_src_gen.host_org_details                   ? 
_entity_src_gen.expression_system_id               ? 
_entity_src_gen.plasmid_name                       PTV118N 
_entity_src_gen.plasmid_details                    ? 
_entity_src_gen.pdbx_description                   ? 
# 
_struct_ref.id                         1 
_struct_ref.db_name                    UNP 
_struct_ref.db_code                    LEG2_CONMY 
_struct_ref.entity_id                  1 
_struct_ref.pdbx_seq_one_letter_code   
;SDRAEVRNIPFKLGMYLTVGGVVNSNATRFSINVGESTDSIAMHMDHRFSYGADQNVLVLNSLVHNVGWQQEERSKKFPF
TKGDHFQTTITFDTHTFYIQLSNGETVEFPNRNKDAAFNLIYLAGDARLTFVRLE
;
_struct_ref.pdbx_align_begin           ? 
_struct_ref.pdbx_db_accession          Q9YIC2 
_struct_ref.pdbx_db_isoform            ? 
# 
_struct_ref_seq.align_id                      1 
_struct_ref_seq.ref_id                        1 
_struct_ref_seq.pdbx_PDB_id_code              1IS3 
_struct_ref_seq.pdbx_strand_id                A 
_struct_ref_seq.seq_align_beg                 1 
_struct_ref_seq.pdbx_seq_align_beg_ins_code   ? 
_struct_ref_seq.seq_align_end                 135 
_struct_ref_seq.pdbx_seq_align_end_ins_code   ? 
_struct_ref_seq.pdbx_db_accession             Q9YIC2 
_struct_ref_seq.db_align_beg                  1 
_struct_ref_seq.pdbx_db_align_beg_ins_code    ? 
_struct_ref_seq.db_align_end                  135 
_struct_ref_seq.pdbx_db_align_end_ins_code    ? 
_struct_ref_seq.pdbx_auth_seq_align_beg       1 
_struct_ref_seq.pdbx_auth_seq_align_end       135 
# 
loop_
_chem_comp.id 
_chem_comp.type 
_chem_comp.mon_nstd_flag 
_chem_comp.name 
_chem_comp.pdbx_synonyms 
_chem_comp.formula 
_chem_comp.formula_weight 
ALA 'L-peptide linking'          y ALANINE                                ?                                          'C3 H7 N O2' 
89.093  
ARG 'L-peptide linking'          y ARGININE                               ?                                          
'C6 H15 N4 O2 1' 175.209 
ASN 'L-peptide linking'          y ASPARAGINE                             ?                                          'C4 H8 N2 O3' 
132.118 
ASP 'L-peptide linking'          y 'ASPARTIC ACID'                        ?                                          'C4 H7 N O4' 
133.103 
BGC 'D-saccharide, beta linking' . beta-D-glucopyranose                   'beta-D-glucose; D-glucose; glucose'       'C6 H12 O6' 
180.156 
GAL 'D-saccharide, beta linking' . beta-D-galactopyranose                 'beta-D-galactose; D-galactose; galactose' 'C6 H12 O6' 
180.156 
GLN 'L-peptide linking'          y GLUTAMINE                              ?                                          
'C5 H10 N2 O3'   146.144 
GLU 'L-peptide linking'          y 'GLUTAMIC ACID'                        ?                                          'C5 H9 N O4' 
147.129 
GLY 'peptide linking'            y GLYCINE                                ?                                          'C2 H5 N O2' 
75.067  
HIS 'L-peptide linking'          y HISTIDINE                              ?                                          
'C6 H10 N3 O2 1' 156.162 
HOH non-polymer                  . WATER                                  ?                                          'H2 O' 18.015 
ILE 'L-peptide linking'          y ISOLEUCINE                             ?                                          'C6 H13 N O2' 
131.173 
LEU 'L-peptide linking'          y LEUCINE                                ?                                          'C6 H13 N O2' 
131.173 
LYS 'L-peptide linking'          y LYSINE                                 ?                                          
'C6 H15 N2 O2 1' 147.195 
MES non-polymer                  . '2-(N-MORPHOLINO)-ETHANESULFONIC ACID' ?                                          
'C6 H13 N O4 S'  195.237 
MET 'L-peptide linking'          y METHIONINE                             ?                                          
'C5 H11 N O2 S'  149.211 
PHE 'L-peptide linking'          y PHENYLALANINE                          ?                                          'C9 H11 N O2' 
165.189 
PRO 'L-peptide linking'          y PROLINE                                ?                                          'C5 H9 N O2' 
115.130 
SER 'L-peptide linking'          y SERINE                                 ?                                          'C3 H7 N O3' 
105.093 
THR 'L-peptide linking'          y THREONINE                              ?                                          'C4 H9 N O3' 
119.119 
TRP 'L-peptide linking'          y TRYPTOPHAN                             ?                                          
'C11 H12 N2 O2'  204.225 
TYR 'L-peptide linking'          y TYROSINE                               ?                                          'C9 H11 N O3' 
181.189 
VAL 'L-peptide linking'          y VALINE                                 ?                                          'C5 H11 N O2' 
117.146 
# 
_exptl.entry_id          1IS3 
_exptl.method            'X-RAY DIFFRACTION' 
_exptl.crystals_number   1 
# 
_exptl_crystal.id                    1 
_exptl_crystal.density_meas          ? 
_exptl_crystal.density_Matthews      2.48 
_exptl_crystal.density_percent_sol   50.49 
_exptl_crystal.description           ? 
# 
_exptl_crystal_grow.crystal_id      1 
_exptl_crystal_grow.method          'VAPOR DIFFUSION, HANGING DROP' 
_exptl_crystal_grow.temp            291 
_exptl_crystal_grow.temp_details    ? 
_exptl_crystal_grow.pH              6.5 
_exptl_crystal_grow.pdbx_details    'magnesium sulfate, MES, pH 6.5, VAPOR DIFFUSION, HANGING DROP, temperature 291K' 
_exptl_crystal_grow.pdbx_pH_range   . 
# 
_diffrn.id                     1 
_diffrn.ambient_temp           291.0 
_diffrn.ambient_temp_details   ? 
_diffrn.crystal_id             1 
# 
_diffrn_detector.diffrn_id              1 
_diffrn_detector.detector               'IMAGE PLATE' 
_diffrn_detector.type                   FUJI 
_diffrn_detector.pdbx_collection_date   1998-11-26 
_diffrn_detector.details                ? 
# 
_diffrn_radiation.diffrn_id                        1 
_diffrn_radiation.wavelength_id                    1 
_diffrn_radiation.pdbx_monochromatic_or_laue_m_l   M 
_diffrn_radiation.monochromator                    ? 
_diffrn_radiation.pdbx_diffrn_protocol             'SINGLE WAVELENGTH' 
_diffrn_radiation.pdbx_scattering_type             x-ray 
# 
_diffrn_radiation_wavelength.id           1 
_diffrn_radiation_wavelength.wavelength   1.0 
_diffrn_radiation_wavelength.wt           1.0 
# 
_diffrn_source.diffrn_id                   1 
_diffrn_source.source                      SYNCHROTRON 
_diffrn_source.type                        'PHOTON FACTORY BEAMLINE BL-6A' 
_diffrn_source.pdbx_synchrotron_site       'Photon Factory' 
_diffrn_source.pdbx_synchrotron_beamline   BL-6A 
_diffrn_source.pdbx_wavelength             ? 
_diffrn_source.pdbx_wavelength_list        1.0 
# 
_reflns.entry_id                     1IS3 
_reflns.observed_criterion_sigma_I   0 
_reflns.observed_criterion_sigma_F   0 
_reflns.d_resolution_low             99.00 
_reflns.d_resolution_high            1.45 
_reflns.number_obs                   26180 
_reflns.number_all                   26180 
_reflns.percent_possible_obs         94.2 
_reflns.pdbx_Rmerge_I_obs            0.0600000 
_reflns.pdbx_Rsym_value              ? 
_reflns.pdbx_netI_over_sigmaI        37.0 
_reflns.B_iso_Wilson_estimate        ? 
_reflns.pdbx_redundancy              ? 
_reflns.R_free_details               ? 
_reflns.limit_h_max                  ? 
_reflns.limit_h_min                  ? 
_reflns.limit_k_max                  ? 
_reflns.limit_k_min                  ? 
_reflns.limit_l_max                  ? 
_reflns.limit_l_min                  ? 
_reflns.observed_criterion_F_max     ? 
_reflns.observed_criterion_F_min     ? 
_reflns.pdbx_ordinal                 1 
_reflns.pdbx_diffrn_id               1 
# 
_reflns_shell.d_res_high             1.45 
_reflns_shell.d_res_low              1.50 
_reflns_shell.percent_possible_all   77.0 
_reflns_shell.Rmerge_I_obs           0.2260000 
_reflns_shell.pdbx_Rsym_value        ? 
_reflns_shell.meanI_over_sigI_obs    5.500 
_reflns_shell.pdbx_redundancy        ? 
_reflns_shell.percent_possible_obs   ? 
_reflns_shell.number_unique_all      2097 
_reflns_shell.pdbx_ordinal           1 
_reflns_shell.pdbx_diffrn_id         1 
# 
_refine.entry_id                                 1IS3 
_refine.ls_number_reflns_obs                     25855 
_refine.ls_number_reflns_all                     26162 
_refine.pdbx_ls_sigma_I                          ? 
_refine.pdbx_ls_sigma_F                          3.0 
_refine.pdbx_data_cutoff_high_absF               ? 
_refine.pdbx_data_cutoff_low_absF                ? 
_refine.ls_d_res_low                             8.00 
_refine.ls_d_res_high                            1.45 
_refine.ls_percent_reflns_obs                    ? 
_refine.ls_R_factor_obs                          0.1960000 
_refine.ls_R_factor_all                          0.1970000 
_refine.ls_R_factor_R_work                       0.1950000 
_refine.ls_R_factor_R_free                       0.2260000 
_refine.ls_R_factor_R_free_error                 ? 
_refine.ls_R_factor_R_free_error_details         ? 
_refine.ls_percent_reflns_R_free                 4.9 
_refine.ls_number_reflns_R_free                  1272 
_refine.ls_number_parameters                     ? 
_refine.ls_number_restraints                     ? 
_refine.occupancy_min                            ? 
_refine.occupancy_max                            ? 
_refine.B_iso_mean                               ? 
_refine.aniso_B[1][1]                            ? 
_refine.aniso_B[2][2]                            ? 
_refine.aniso_B[3][3]                            ? 
_refine.aniso_B[1][2]                            ? 
_refine.aniso_B[1][3]                            ? 
_refine.aniso_B[2][3]                            ? 
_refine.solvent_model_details                    ? 
_refine.solvent_model_param_ksol                 ? 
_refine.solvent_model_param_bsol                 ? 
_refine.pdbx_ls_cross_valid_method               ? 
_refine.details                                  ? 
_refine.pdbx_starting_model                      'PDB ENTRY 1C1L' 
_refine.pdbx_method_to_determine_struct          'MOLECULAR REPLACEMENT' 
_refine.pdbx_isotropic_thermal_model             ? 
_refine.pdbx_stereochemistry_target_values       'Engh & Huber' 
_refine.pdbx_stereochem_target_val_spec_case     ? 
_refine.pdbx_R_Free_selection_details            RANDOM 
_refine.pdbx_overall_ESU_R_Free                  ? 
_refine.overall_SU_B                             ? 
_refine.ls_redundancy_reflns_obs                 ? 
_refine.B_iso_min                                ? 
_refine.B_iso_max                                ? 
_refine.correlation_coeff_Fo_to_Fc               ? 
_refine.overall_SU_R_Cruickshank_DPI             ? 
_refine.overall_SU_R_free                        ? 
_refine.overall_SU_ML                            ? 
_refine.pdbx_overall_ESU_R                       ? 
_refine.pdbx_data_cutoff_high_rms_absF           ? 
_refine.correlation_coeff_Fo_to_Fc_free          ? 
_refine.pdbx_solvent_vdw_probe_radii             ? 
_refine.pdbx_solvent_ion_probe_radii             ? 
_refine.pdbx_solvent_shrinkage_radii             ? 
_refine.pdbx_refine_id                           'X-RAY DIFFRACTION' 
_refine.pdbx_diffrn_id                           1 
_refine.pdbx_TLS_residual_ADP_flag               ? 
_refine.pdbx_overall_phase_error                 ? 
_refine.pdbx_overall_SU_R_free_Cruickshank_DPI   ? 
_refine.pdbx_overall_SU_R_Blow_DPI               ? 
_refine.pdbx_overall_SU_R_free_Blow_DPI          ? 
# 
_refine_hist.pdbx_refine_id                   'X-RAY DIFFRACTION' 
_refine_hist.cycle_id                         LAST 
_refine_hist.pdbx_number_atoms_protein        1078 
_refine_hist.pdbx_number_atoms_nucleic_acid   0 
_refine_hist.pdbx_number_atoms_ligand         35 
_refine_hist.number_atoms_solvent             91 
_refine_hist.number_atoms_total               1204 
_refine_hist.d_res_high                       1.45 
_refine_hist.d_res_low                        8.00 
# 
loop_
_refine_ls_restr.type 
_refine_ls_restr.dev_ideal 
_refine_ls_restr.dev_ideal_target 
_refine_ls_restr.weight 
_refine_ls_restr.number 
_refine_ls_restr.pdbx_refine_id 
_refine_ls_restr.pdbx_restraint_function 
x_bond_d                0.014 ? ? ? 'X-RAY DIFFRACTION' ? 
x_bond_d_na             ?     ? ? ? 'X-RAY DIFFRACTION' ? 
x_bond_d_prot           ?     ? ? ? 'X-RAY DIFFRACTION' ? 
x_angle_d               ?     ? ? ? 'X-RAY DIFFRACTION' ? 
x_angle_d_na            ?     ? ? ? 'X-RAY DIFFRACTION' ? 
x_angle_d_prot          ?     ? ? ? 'X-RAY DIFFRACTION' ? 
x_angle_deg             2.80  ? ? ? 'X-RAY DIFFRACTION' ? 
x_angle_deg_na          ?     ? ? ? 'X-RAY DIFFRACTION' ? 
x_angle_deg_prot        ?     ? ? ? 'X-RAY DIFFRACTION' ? 
x_dihedral_angle_d      26.40 ? ? ? 'X-RAY DIFFRACTION' ? 
x_dihedral_angle_d_na   ?     ? ? ? 'X-RAY DIFFRACTION' ? 
x_dihedral_angle_d_prot ?     ? ? ? 'X-RAY DIFFRACTION' ? 
x_improper_angle_d      2.40  ? ? ? 'X-RAY DIFFRACTION' ? 
x_improper_angle_d_na   ?     ? ? ? 'X-RAY DIFFRACTION' ? 
x_improper_angle_d_prot ?     ? ? ? 'X-RAY DIFFRACTION' ? 
x_mcbond_it             ?     ? ? ? 'X-RAY DIFFRACTION' ? 
x_mcangle_it            ?     ? ? ? 'X-RAY DIFFRACTION' ? 
x_scbond_it             ?     ? ? ? 'X-RAY DIFFRACTION' ? 
x_scangle_it            ?     ? ? ? 'X-RAY DIFFRACTION' ? 
# 
_refine_ls_shell.pdbx_total_number_of_bins_used   ? 
_refine_ls_shell.d_res_high                       1.45 
_refine_ls_shell.d_res_low                        1.50 
_refine_ls_shell.number_reflns_R_work             ? 
_refine_ls_shell.R_factor_R_work                  0.3050000 
_refine_ls_shell.percent_reflns_obs               ? 
_refine_ls_shell.R_factor_R_free                  0.3020000 
_refine_ls_shell.R_factor_R_free_error            ? 
_refine_ls_shell.percent_reflns_R_free            ? 
_refine_ls_shell.number_reflns_R_free             106 
_refine_ls_shell.redundancy_reflns_obs            ? 
_refine_ls_shell.number_reflns_all                ? 
_refine_ls_shell.number_reflns_obs                1783 
_refine_ls_shell.pdbx_refine_id                   'X-RAY DIFFRACTION' 
_refine_ls_shell.R_factor_all                     ? 
# 
_struct.entry_id                  1IS3 
_struct.title                     'LACTOSE AND MES-LIGANDED CONGERIN II' 
_struct.pdbx_model_details        ? 
_struct.pdbx_CASP_flag            ? 
_struct.pdbx_model_type_details   ? 
# 
_struct_keywords.entry_id        1IS3 
_struct_keywords.pdbx_keywords   'SUGAR BINDING PROTEIN' 
_struct_keywords.text            'COMPLEX WITH LACTOSE AND MES, SUGAR BINDING PROTEIN' 
# 
loop_
_struct_asym.id 
_struct_asym.pdbx_blank_PDB_chainid_flag 
_struct_asym.pdbx_modified 
_struct_asym.entity_id 
_struct_asym.details 
A N N 1 ? 
B N N 2 ? 
C N N 3 ? 
D N N 4 ? 
# 
_struct_biol.id                    1 
_struct_biol.details               'The second part of the biological assembly is generated by the two fold axis : y, x, -z+1.' 
_struct_biol.pdbx_parent_biol_id   ? 
# 
_struct_conn.id                            covale1 
_struct_conn.conn_type_id                  covale 
_struct_conn.pdbx_leaving_atom_flag        both 
_struct_conn.pdbx_PDB_id                   ? 
_struct_conn.ptnr1_label_asym_id           B 
_struct_conn.ptnr1_label_comp_id           BGC 
_struct_conn.ptnr1_label_seq_id            . 
_struct_conn.ptnr1_label_atom_id           O4 
_struct_conn.pdbx_ptnr1_label_alt_id       ? 
_struct_conn.pdbx_ptnr1_PDB_ins_code       ? 
_struct_conn.pdbx_ptnr1_standard_comp_id   ? 
_struct_conn.ptnr1_symmetry                1_555 
_struct_conn.ptnr2_label_asym_id           B 
_struct_conn.ptnr2_label_comp_id           GAL 
_struct_conn.ptnr2_label_seq_id            . 
_struct_conn.ptnr2_label_atom_id           C1 
_struct_conn.pdbx_ptnr2_label_alt_id       ? 
_struct_conn.pdbx_ptnr2_PDB_ins_code       ? 
_struct_conn.ptnr1_auth_asym_id            B 
_struct_conn.ptnr1_auth_comp_id            BGC 
_struct_conn.ptnr1_auth_seq_id             1 
_struct_conn.ptnr2_auth_asym_id            B 
_struct_conn.ptnr2_auth_comp_id            GAL 
_struct_conn.ptnr2_auth_seq_id             2 
_struct_conn.ptnr2_symmetry                1_555 
_struct_conn.pdbx_ptnr3_label_atom_id      ? 
_struct_conn.pdbx_ptnr3_label_seq_id       ? 
_struct_conn.pdbx_ptnr3_label_comp_id      ? 
_struct_conn.pdbx_ptnr3_label_asym_id      ? 
_struct_conn.pdbx_ptnr3_label_alt_id       ? 
_struct_conn.pdbx_ptnr3_PDB_ins_code       ? 
_struct_conn.details                       ? 
_struct_conn.pdbx_dist_value               1.388 
_struct_conn.pdbx_value_order              sing 
_struct_conn.pdbx_role                     ? 
# 
_struct_conn_type.id          covale 
_struct_conn_type.criteria    ? 
_struct_conn_type.reference   ? 
# 
loop_
_struct_sheet.id 
_struct_sheet.type 
_struct_sheet.number_strands 
_struct_sheet.details 
A ? 6 ? 
B ? 6 ? 
C ? 5 ? 
# 
loop_
_struct_sheet_order.sheet_id 
_struct_sheet_order.range_id_1 
_struct_sheet_order.range_id_2 
_struct_sheet_order.offset 
_struct_sheet_order.sense 
A 1 2 ? anti-parallel 
A 2 3 ? anti-parallel 
A 3 4 ? anti-parallel 
A 4 5 ? anti-parallel 
A 5 6 ? anti-parallel 
B 1 2 ? anti-parallel 
B 2 3 ? anti-parallel 
B 3 4 ? anti-parallel 
B 4 5 ? anti-parallel 
B 5 6 ? anti-parallel 
C 1 2 ? anti-parallel 
C 2 3 ? anti-parallel 
C 3 4 ? anti-parallel 
C 4 5 ? anti-parallel 
# 
loop_
_struct_sheet_range.sheet_id 
_struct_sheet_range.id 
_struct_sheet_range.beg_label_comp_id 
_struct_sheet_range.beg_label_asym_id 
_struct_sheet_range.beg_label_seq_id 
_struct_sheet_range.pdbx_beg_PDB_ins_code 
_struct_sheet_range.end_label_comp_id 
_struct_sheet_range.end_label_asym_id 
_struct_sheet_range.end_label_seq_id 
_struct_sheet_range.pdbx_end_PDB_ins_code 
_struct_sheet_range.beg_auth_comp_id 
_struct_sheet_range.beg_auth_asym_id 
_struct_sheet_range.beg_auth_seq_id 
_struct_sheet_range.end_auth_comp_id 
_struct_sheet_range.end_auth_asym_id 
_struct_sheet_range.end_auth_seq_id 
A 1 ALA A 4   ? LYS A 12  ? ALA A 4   LYS A 12  
A 2 ALA A 117 ? GLY A 125 ? ALA A 117 GLY A 125 
A 3 ARG A 29  ? SER A 37  ? ARG A 29  SER A 37  
A 4 SER A 40  ? ARG A 48  ? SER A 40  ARG A 48  
A 5 VAL A 57  ? VAL A 64  ? VAL A 57  VAL A 64  
A 6 GLY A 68  ? TRP A 69  ? GLY A 68  TRP A 69  
B 1 ALA A 4   ? LYS A 12  ? ALA A 4   LYS A 12  
B 2 ALA A 117 ? GLY A 125 ? ALA A 117 GLY A 125 
B 3 ARG A 29  ? SER A 37  ? ARG A 29  SER A 37  
B 4 SER A 40  ? ARG A 48  ? SER A 40  ARG A 48  
B 5 VAL A 57  ? VAL A 64  ? VAL A 57  VAL A 64  
B 6 GLU A 73  ? SER A 75  ? GLU A 73  SER A 75  
C 1 THR A 106 ? PRO A 110 ? THR A 106 PRO A 110 
C 2 THR A 96  ? GLN A 100 ? THR A 96  GLN A 100 
C 3 HIS A 85  ? PHE A 92  ? HIS A 85  PHE A 92  
C 4 LEU A 17  ? VAL A 23  ? LEU A 17  VAL A 23  
C 5 ALA A 127 ? LEU A 134 ? ALA A 127 LEU A 134 
# 
loop_
_pdbx_struct_sheet_hbond.sheet_id 
_pdbx_struct_sheet_hbond.range_id_1 
_pdbx_struct_sheet_hbond.range_id_2 
_pdbx_struct_sheet_hbond.range_1_label_atom_id 
_pdbx_struct_sheet_hbond.range_1_label_comp_id 
_pdbx_struct_sheet_hbond.range_1_label_asym_id 
_pdbx_struct_sheet_hbond.range_1_label_seq_id 
_pdbx_struct_sheet_hbond.range_1_PDB_ins_code 
_pdbx_struct_sheet_hbond.range_1_auth_atom_id 
_pdbx_struct_sheet_hbond.range_1_auth_comp_id 
_pdbx_struct_sheet_hbond.range_1_auth_asym_id 
_pdbx_struct_sheet_hbond.range_1_auth_seq_id 
_pdbx_struct_sheet_hbond.range_2_label_atom_id 
_pdbx_struct_sheet_hbond.range_2_label_comp_id 
_pdbx_struct_sheet_hbond.range_2_label_asym_id 
_pdbx_struct_sheet_hbond.range_2_label_seq_id 
_pdbx_struct_sheet_hbond.range_2_PDB_ins_code 
_pdbx_struct_sheet_hbond.range_2_auth_atom_id 
_pdbx_struct_sheet_hbond.range_2_auth_comp_id 
_pdbx_struct_sheet_hbond.range_2_auth_asym_id 
_pdbx_struct_sheet_hbond.range_2_auth_seq_id 
A 1 2 N PHE A 11  ? N PHE A 11  O PHE A 118 ? O PHE A 118 
A 2 3 O TYR A 122 ? O TYR A 122 N ASN A 33  ? N ASN A 33  
A 3 4 N PHE A 30  ? N PHE A 30  O HIS A 47  ? O HIS A 47  
A 4 5 N ASP A 46  ? N ASP A 46  O VAL A 59  ? O VAL A 59  
A 5 6 N VAL A 64  ? N VAL A 64  O GLY A 68  ? O GLY A 68  
B 1 2 N PHE A 11  ? N PHE A 11  O PHE A 118 ? O PHE A 118 
B 2 3 O TYR A 122 ? O TYR A 122 N ASN A 33  ? N ASN A 33  
B 3 4 N PHE A 30  ? N PHE A 30  O HIS A 47  ? O HIS A 47  
B 4 5 N ASP A 46  ? N ASP A 46  O VAL A 59  ? O VAL A 59  
B 5 6 N LEU A 60  ? N LEU A 60  O GLU A 73  ? O GLU A 73  
C 1 2 O PHE A 109 ? O PHE A 109 N PHE A 97  ? N PHE A 97  
C 2 3 O TYR A 98  ? O TYR A 98  N THR A 91  ? N THR A 91  
C 3 4 O ILE A 90  ? O ILE A 90  N LEU A 17  ? N LEU A 17  
C 4 5 N THR A 18  ? N THR A 18  O ARG A 133 ? O ARG A 133 
# 
_atom_sites.entry_id                    1IS3 
_atom_sites.fract_transf_matrix[1][1]   0.01068560 
_atom_sites.fract_transf_matrix[1][2]   0.00003479 
_atom_sites.fract_transf_matrix[1][3]   0.01225578 
_atom_sites.fract_transf_matrix[2][1]   -0.01145535 
_atom_sites.fract_transf_matrix[2][2]   0.00580835 
_atom_sites.fract_transf_matrix[2][3]   0.00997123 
_atom_sites.fract_transf_matrix[3][1]   -0.00331973 
_atom_sites.fract_transf_matrix[3][2]   -0.01157249 
_atom_sites.fract_transf_matrix[3][3]   0.00292727 
_atom_sites.fract_transf_vector[1]      0.320662 
_atom_sites.fract_transf_vector[2]      0.332204 
_atom_sites.fract_transf_vector[3]      0.320013 
# 
loop_
_atom_type.symbol 
C 
N 
O 
S 
# 
loop_
_atom_site.group_PDB 
_atom_site.id 
_atom_site.type_symbol 
_atom_site.label_atom_id 
_atom_site.label_alt_id 
_atom_site.label_comp_id 
_atom_site.label_asym_id 
_atom_site.label_entity_id 
_atom_site.label_seq_id 
_atom_site.pdbx_PDB_ins_code 
_atom_site.Cartn_x 
_atom_site.Cartn_y 
_atom_site.Cartn_z 
_atom_site.occupancy 
_atom_site.B_iso_or_equiv 
_atom_site.pdbx_formal_charge 
_atom_site.auth_seq_id 
_atom_site.auth_comp_id 
_atom_site.auth_asym_id 
_atom_site.auth_atom_id 
_atom_site.pdbx_PDB_model_num 
ATOM   1    N N   . ASP A 1 2   ? -11.832 -6.779  11.623  1.00 37.83 ? 2   ASP A N   1 
ATOM   2    C CA  . ASP A 1 2   ? -10.939 -5.733  12.070  1.00 36.61 ? 2   ASP A CA  1 
ATOM   3    C C   . ASP A 1 2   ? -10.238 -5.417  10.736  1.00 34.05 ? 2   ASP A C   1 
ATOM   4    O O   . ASP A 1 2   ? -10.989 -5.343  9.746   1.00 34.62 ? 2   ASP A O   1 
ATOM   5    C CB  . ASP A 1 2   ? -10.007 -6.308  13.190  1.00 39.98 ? 2   ASP A CB  1 
ATOM   6    C CG  . ASP A 1 2   ? -9.548  -7.770  13.040  1.00 42.69 ? 2   ASP A CG  1 
ATOM   7    O OD1 . ASP A 1 2   ? -10.296 -8.669  13.433  1.00 44.33 ? 2   ASP A OD1 1 
ATOM   8    O OD2 . ASP A 1 2   ? -8.451  -8.017  12.524  1.00 45.12 ? 2   ASP A OD2 1 
ATOM   9    N N   . ARG A 1 3   ? -8.913  -5.228  10.591  1.00 29.68 ? 3   ARG A N   1 
ATOM   10   C CA  . ARG A 1 3   ? -8.335  -4.938  9.289   1.00 23.85 ? 3   ARG A CA  1 
ATOM   11   C C   . ARG A 1 3   ? -8.083  -6.272  8.582   1.00 18.96 ? 3   ARG A C   1 
ATOM   12   O O   . ARG A 1 3   ? -8.086  -7.361  9.184   1.00 17.45 ? 3   ARG A O   1 
ATOM   13   C CB  . ARG A 1 3   ? -7.044  -4.150  9.477   1.00 24.79 ? 3   ARG A CB  1 
ATOM   14   C CG  . ARG A 1 3   ? -5.981  -4.926  10.182  1.00 25.57 ? 3   ARG A CG  1 
ATOM   15   C CD  . ARG A 1 3   ? -4.836  -4.044  10.525  1.00 26.51 ? 3   ARG A CD  1 
ATOM   16   N NE  . ARG A 1 3   ? -4.000  -4.891  11.312  1.00 27.52 ? 3   ARG A NE  1 
ATOM   17   C CZ  . ARG A 1 3   ? -4.044  -4.909  12.652  1.00 28.19 ? 3   ARG A CZ  1 
ATOM   18   N NH1 . ARG A 1 3   ? -3.240  -5.766  13.260  1.00 30.04 ? 3   ARG A NH1 1 
ATOM   19   N NH2 . ARG A 1 3   ? -4.765  -4.074  13.410  1.00 28.54 ? 3   ARG A NH2 1 
ATOM   20   N N   . ALA A 1 4   ? -7.866  -6.131  7.292   1.00 14.15 ? 4   ALA A N   1 
ATOM   21   C CA  . ALA A 1 4   ? -7.646  -7.265  6.462   1.00 10.87 ? 4   ALA A CA  1 
ATOM   22   C C   . ALA A 1 4   ? -6.138  -7.417  6.494   1.00 10.32 ? 4   ALA A C   1 
ATOM   23   O O   . ALA A 1 4   ? -5.395  -6.466  6.227   1.00 10.94 ? 4   ALA A O   1 
ATOM   24   C CB  . ALA A 1 4   ? -8.152  -6.943  5.075   1.00 10.49 ? 4   ALA A CB  1 
ATOM   25   N N   . GLU A 1 5   ? -5.625  -8.582  6.830   1.00 10.33 ? 5   GLU A N   1 
ATOM   26   C CA  . GLU A 1 5   ? -4.178  -8.788  6.867   1.00 10.01 ? 5   GLU A CA  1 
ATOM   27   C C   . GLU A 1 5   ? -3.744  -10.201 6.459   1.00 10.13 ? 5   GLU A C   1 
ATOM   28   O O   . GLU A 1 5   ? -4.527  -11.169 6.512   1.00 8.24  ? 5   GLU A O   1 
ATOM   29   C CB  . GLU A 1 5   ? -3.673  -8.459  8.266   1.00 13.03 ? 5   GLU A CB  1 
ATOM   30   C CG  . GLU A 1 5   ? -4.152  -9.277  9.423   1.00 17.60 ? 5   GLU A CG  1 
ATOM   31   C CD  . GLU A 1 5   ? -3.896  -8.640  10.784  1.00 20.76 ? 5   GLU A CD  1 
ATOM   32   O OE1 . GLU A 1 5   ? -4.524  -9.104  11.730  1.00 24.43 ? 5   GLU A OE1 1 
ATOM   33   O OE2 . GLU A 1 5   ? -3.123  -7.688  10.926  1.00 22.29 ? 5   GLU A OE2 1 
ATOM   34   N N   . VAL A 1 6   ? -2.503  -10.280 5.974   1.00 8.55  ? 6   VAL A N   1 
ATOM   35   C CA  . VAL A 1 6   ? -1.872  -11.546 5.607   1.00 8.24  ? 6   VAL A CA  1 
ATOM   36   C C   . VAL A 1 6   ? -0.640  -11.475 6.506   1.00 8.79  ? 6   VAL A C   1 
ATOM   37   O O   . VAL A 1 6   ? 0.165   -10.538 6.374   1.00 7.43  ? 6   VAL A O   1 
ATOM   38   C CB  . VAL A 1 6   ? -1.481  -11.559 4.101   1.00 9.38  ? 6   VAL A CB  1 
ATOM   39   C CG1 . VAL A 1 6   ? -0.765  -12.884 3.824   1.00 9.79  ? 6   VAL A CG1 1 
ATOM   40   C CG2 . VAL A 1 6   ? -2.707  -11.381 3.181   1.00 11.10 ? 6   VAL A CG2 1 
ATOM   41   N N   . ARG A 1 7   ? -0.458  -12.408 7.421   1.00 7.68  ? 7   ARG A N   1 
ATOM   42   C CA  . ARG A 1 7   ? 0.575   -12.351 8.431   1.00 8.72  ? 7   ARG A CA  1 
ATOM   43   C C   . ARG A 1 7   ? 1.345   -13.657 8.446   1.00 8.07  ? 7   ARG A C   1 
ATOM   44   O O   . ARG A 1 7   ? 0.786   -14.756 8.403   1.00 8.04  ? 7   ARG A O   1 
ATOM   45   C CB  . ARG A 1 7   ? -0.093  -12.104 9.788   1.00 10.35 ? 7   ARG A CB  1 
ATOM   46   C CG  . ARG A 1 7   ? 0.872   -12.056 10.948  1.00 16.62 ? 7   ARG A CG  1 
ATOM   47   C CD  . ARG A 1 7   ? 0.043   -11.934 12.236  1.00 20.64 ? 7   ARG A CD  1 
ATOM   48   N NE  . ARG A 1 7   ? -0.682  -10.665 12.332  1.00 24.19 ? 7   ARG A NE  1 
ATOM   49   C CZ  . ARG A 1 7   ? -0.099  -9.538  12.810  1.00 25.53 ? 7   ARG A CZ  1 
ATOM   50   N NH1 . ARG A 1 7   ? 1.184   -9.535  13.220  1.00 27.40 ? 7   ARG A NH1 1 
ATOM   51   N NH2 . ARG A 1 7   ? -0.780  -8.373  12.862  1.00 24.76 ? 7   ARG A NH2 1 
ATOM   52   N N   . ASN A 1 8   ? 2.659   -13.496 8.489   1.00 8.13  ? 8   ASN A N   1 
ATOM   53   C CA  . ASN A 1 8   ? 3.642   -14.578 8.597   1.00 8.50  ? 8   ASN A CA  1 
ATOM   54   C C   . ASN A 1 8   ? 3.677   -15.541 7.424   1.00 9.15  ? 8   ASN A C   1 
ATOM   55   O O   . ASN A 1 8   ? 4.058   -16.713 7.528   1.00 9.48  ? 8   ASN A O   1 
ATOM   56   C CB  . ASN A 1 8   ? 3.435   -15.355 9.947   1.00 10.44 ? 8   ASN A CB  1 
ATOM   57   C CG  . ASN A 1 8   ? 3.750   -14.478 11.162  1.00 12.75 ? 8   ASN A CG  1 
ATOM   58   O OD1 . ASN A 1 8   ? 3.148   -14.512 12.245  1.00 15.91 ? 8   ASN A OD1 1 
ATOM   59   N ND2 . ASN A 1 8   ? 4.792   -13.667 11.110  1.00 13.16 ? 8   ASN A ND2 1 
ATOM   60   N N   . ILE A 1 9   ? 3.335   -15.027 6.256   1.00 8.10  ? 9   ILE A N   1 
ATOM   61   C CA  . ILE A 1 9   ? 3.575   -15.721 5.034   1.00 9.13  ? 9   ILE A CA  1 
ATOM   62   C C   . ILE A 1 9   ? 4.555   -14.745 4.365   1.00 9.91  ? 9   ILE A C   1 
ATOM   63   O O   . ILE A 1 9   ? 4.136   -13.713 3.808   1.00 8.78  ? 9   ILE A O   1 
ATOM   64   C CB  . ILE A 1 9   ? 2.270   -15.897 4.214   1.00 9.99  ? 9   ILE A CB  1 
ATOM   65   C CG1 . ILE A 1 9   ? 1.213   -16.637 5.065   1.00 10.02 ? 9   ILE A CG1 1 
ATOM   66   C CG2 . ILE A 1 9   ? 2.613   -16.649 2.920   1.00 10.49 ? 9   ILE A CG2 1 
ATOM   67   C CD1 . ILE A 1 9   ? -0.197  -16.723 4.453   1.00 12.92 ? 9   ILE A CD1 1 
ATOM   68   N N   . PRO A 1 10  ? 5.860   -15.015 4.437   1.00 9.59  ? 10  PRO A N   1 
ATOM   69   C CA  . PRO A 1 10  ? 6.886   -14.065 4.032   1.00 9.73  ? 10  PRO A CA  1 
ATOM   70   C C   . PRO A 1 10  ? 6.720   -13.552 2.600   1.00 8.99  ? 10  PRO A C   1 
ATOM   71   O O   . PRO A 1 10  ? 6.635   -14.356 1.670   1.00 8.28  ? 10  PRO A O   1 
ATOM   72   C CB  . PRO A 1 10  ? 8.191   -14.814 4.253   1.00 10.01 ? 10  PRO A CB  1 
ATOM   73   C CG  . PRO A 1 10  ? 7.846   -15.809 5.362   1.00 11.23 ? 10  PRO A CG  1 
ATOM   74   C CD  . PRO A 1 10  ? 6.464   -16.264 4.936   1.00 9.94  ? 10  PRO A CD  1 
ATOM   75   N N   . PHE A 1 11  ? 6.659   -12.224 2.398   1.00 8.69  ? 11  PHE A N   1 
ATOM   76   C CA  . PHE A 1 11  ? 6.679   -11.600 1.066   1.00 8.89  ? 11  PHE A CA  1 
ATOM   77   C C   . PHE A 1 11  ? 8.164   -11.280 0.831   1.00 9.16  ? 11  PHE A C   1 
ATOM   78   O O   . PHE A 1 11  ? 8.751   -10.369 1.408   1.00 9.04  ? 11  PHE A O   1 
ATOM   79   C CB  . PHE A 1 11  ? 5.832   -10.330 1.087   1.00 7.18  ? 11  PHE A CB  1 
ATOM   80   C CG  . PHE A 1 11  ? 5.772   -9.520  -0.212  1.00 6.99  ? 11  PHE A CG  1 
ATOM   81   C CD1 . PHE A 1 11  ? 6.044   -10.076 -1.472  1.00 7.39  ? 11  PHE A CD1 1 
ATOM   82   C CD2 . PHE A 1 11  ? 5.386   -8.175  -0.140  1.00 8.65  ? 11  PHE A CD2 1 
ATOM   83   C CE1 . PHE A 1 11  ? 5.921   -9.297  -2.623  1.00 7.75  ? 11  PHE A CE1 1 
ATOM   84   C CE2 . PHE A 1 11  ? 5.261   -7.391  -1.297  1.00 6.63  ? 11  PHE A CE2 1 
ATOM   85   C CZ  . PHE A 1 11  ? 5.527   -7.959  -2.524  1.00 7.34  ? 11  PHE A CZ  1 
ATOM   86   N N   . LYS A 1 12  ? 8.791   -12.118 0.024   1.00 10.46 ? 12  LYS A N   1 
ATOM   87   C CA  . LYS A 1 12  ? 10.225  -12.093 -0.238  1.00 12.25 ? 12  LYS A CA  1 
ATOM   88   C C   . LYS A 1 12  ? 10.539  -11.513 -1.603  1.00 12.78 ? 12  LYS A C   1 
ATOM   89   O O   . LYS A 1 12  ? 9.685   -11.434 -2.496  1.00 11.68 ? 12  LYS A O   1 
ATOM   90   C CB  . LYS A 1 12  ? 10.778  -13.529 -0.153  1.00 13.26 ? 12  LYS A CB  1 
ATOM   91   C CG  . LYS A 1 12  ? 10.502  -14.043 1.260   1.00 17.21 ? 12  LYS A CG  1 
ATOM   92   C CD  . LYS A 1 12  ? 10.502  -15.526 1.222   1.00 22.41 ? 12  LYS A CD  1 
ATOM   93   C CE  . LYS A 1 12  ? 11.938  -15.961 1.150   1.00 26.75 ? 12  LYS A CE  1 
ATOM   94   N NZ  . LYS A 1 12  ? 12.107  -16.973 0.106   1.00 31.67 ? 12  LYS A NZ  1 
ATOM   95   N N   . LEU A 1 13  ? 11.800  -11.086 -1.706  1.00 14.75 ? 13  LEU A N   1 
ATOM   96   C CA  . LEU A 1 13  ? 12.417  -10.608 -2.938  1.00 16.54 ? 13  LEU A CA  1 
ATOM   97   C C   . LEU A 1 13  ? 12.056  -11.520 -4.101  1.00 16.93 ? 13  LEU A C   1 
ATOM   98   O O   . LEU A 1 13  ? 12.250  -12.748 -4.052  1.00 17.54 ? 13  LEU A O   1 
ATOM   99   C CB  . LEU A 1 13  ? 13.908  -10.606 -2.705  1.00 18.75 ? 13  LEU A CB  1 
ATOM   100  C CG  . LEU A 1 13  ? 14.814  -9.386  -2.830  1.00 22.39 ? 13  LEU A CG  1 
ATOM   101  C CD1 . LEU A 1 13  ? 14.408  -8.196  -2.008  1.00 22.64 ? 13  LEU A CD1 1 
ATOM   102  C CD2 . LEU A 1 13  ? 16.169  -9.838  -2.277  1.00 22.78 ? 13  LEU A CD2 1 
ATOM   103  N N   . GLY A 1 14  ? 11.398  -10.944 -5.111  1.00 17.09 ? 14  GLY A N   1 
ATOM   104  C CA  . GLY A 1 14  ? 11.083  -11.731 -6.292  1.00 16.68 ? 14  GLY A CA  1 
ATOM   105  C C   . GLY A 1 14  ? 9.671   -12.316 -6.317  1.00 15.45 ? 14  GLY A C   1 
ATOM   106  O O   . GLY A 1 14  ? 9.263   -12.862 -7.344  1.00 18.13 ? 14  GLY A O   1 
ATOM   107  N N   . MET A 1 15  ? 8.932   -12.249 -5.217  1.00 12.51 ? 15  MET A N   1 
ATOM   108  C CA  . MET A 1 15  ? 7.547   -12.675 -5.192  1.00 10.40 ? 15  MET A CA  1 
ATOM   109  C C   . MET A 1 15  ? 6.680   -11.537 -5.676  1.00 10.29 ? 15  MET A C   1 
ATOM   110  O O   . MET A 1 15  ? 7.130   -10.381 -5.668  1.00 9.92  ? 15  MET A O   1 
ATOM   111  C CB  . MET A 1 15  ? 7.111   -13.026 -3.792  1.00 9.24  ? 15  MET A CB  1 
ATOM   112  C CG  . MET A 1 15  ? 7.758   -14.351 -3.427  1.00 10.87 ? 15  MET A CG  1 
ATOM   113  S SD  . MET A 1 15  ? 7.526   -14.761 -1.693  1.00 10.73 ? 15  MET A SD  1 
ATOM   114  C CE  . MET A 1 15  ? 5.804   -15.202 -1.741  1.00 12.77 ? 15  MET A CE  1 
ATOM   115  N N   . TYR A 1 16  ? 5.437   -11.792 -6.048  1.00 8.99  ? 16  TYR A N   1 
ATOM   116  C CA  . TYR A 1 16  ? 4.473   -10.764 -6.445  1.00 9.74  ? 16  TYR A CA  1 
ATOM   117  C C   . TYR A 1 16  ? 3.283   -10.874 -5.516  1.00 8.88  ? 16  TYR A C   1 
ATOM   118  O O   . TYR A 1 16  ? 2.828   -11.959 -5.155  1.00 9.75  ? 16  TYR A O   1 
ATOM   119  C CB  . TYR A 1 16  ? 3.946   -10.946 -7.866  1.00 11.97 ? 16  TYR A CB  1 
ATOM   120  C CG  . TYR A 1 16  ? 5.009   -10.649 -8.915  1.00 16.79 ? 16  TYR A CG  1 
ATOM   121  C CD1 . TYR A 1 16  ? 6.140   -11.476 -9.022  1.00 20.03 ? 16  TYR A CD1 1 
ATOM   122  C CD2 . TYR A 1 16  ? 4.892   -9.525  -9.752  1.00 20.19 ? 16  TYR A CD2 1 
ATOM   123  C CE1 . TYR A 1 16  ? 7.157   -11.186 -9.937  1.00 22.88 ? 16  TYR A CE1 1 
ATOM   124  C CE2 . TYR A 1 16  ? 5.913   -9.222  -10.680 1.00 21.45 ? 16  TYR A CE2 1 
ATOM   125  C CZ  . TYR A 1 16  ? 7.044   -10.054 -10.762 1.00 23.43 ? 16  TYR A CZ  1 
ATOM   126  O OH  . TYR A 1 16  ? 8.105   -9.760  -11.637 1.00 26.39 ? 16  TYR A OH  1 
ATOM   127  N N   . LEU A 1 17  ? 2.786   -9.720  -5.110  1.00 7.64  ? 17  LEU A N   1 
ATOM   128  C CA  . LEU A 1 17  ? 1.595   -9.582  -4.281  1.00 7.10  ? 17  LEU A CA  1 
ATOM   129  C C   . LEU A 1 17  ? 0.528   -8.898  -5.129  1.00 7.83  ? 17  LEU A C   1 
ATOM   130  O O   . LEU A 1 17  ? 0.765   -7.753  -5.594  1.00 7.83  ? 17  LEU A O   1 
ATOM   131  C CB  . LEU A 1 17  ? 1.874   -8.696  -3.078  1.00 6.79  ? 17  LEU A CB  1 
ATOM   132  C CG  . LEU A 1 17  ? 0.673   -8.232  -2.235  1.00 8.91  ? 17  LEU A CG  1 
ATOM   133  C CD1 . LEU A 1 17  ? 0.011   -9.461  -1.593  1.00 9.03  ? 17  LEU A CD1 1 
ATOM   134  C CD2 . LEU A 1 17  ? 1.115   -7.185  -1.200  1.00 9.08  ? 17  LEU A CD2 1 
ATOM   135  N N   . THR A 1 18  ? -0.626  -9.530  -5.348  1.00 7.27  ? 18  THR A N   1 
ATOM   136  C CA  . THR A 1 18  ? -1.739  -8.857  -6.010  1.00 8.20  ? 18  THR A CA  1 
ATOM   137  C C   . THR A 1 18  ? -2.920  -8.868  -5.056  1.00 8.97  ? 18  THR A C   1 
ATOM   138  O O   . THR A 1 18  ? -3.276  -9.923  -4.519  1.00 8.86  ? 18  THR A O   1 
ATOM   139  C CB  . THR A 1 18  ? -2.142  -9.566  -7.285  1.00 8.85  ? 18  THR A CB  1 
ATOM   140  O OG1 . THR A 1 18  ? -0.974  -9.525  -8.110  1.00 12.04 ? 18  THR A OG1 1 
ATOM   141  C CG2 . THR A 1 18  ? -3.323  -8.919  -8.003  1.00 9.79  ? 18  THR A CG2 1 
ATOM   142  N N   . VAL A 1 19  ? -3.472  -7.688  -4.781  1.00 8.29  ? 19  VAL A N   1 
ATOM   143  C CA  . VAL A 1 19  ? -4.648  -7.573  -3.929  1.00 9.67  ? 19  VAL A CA  1 
ATOM   144  C C   . VAL A 1 19  ? -5.752  -6.901  -4.727  1.00 9.80  ? 19  VAL A C   1 
ATOM   145  O O   . VAL A 1 19  ? -5.476  -6.077  -5.610  1.00 9.37  ? 19  VAL A O   1 
ATOM   146  C CB  . VAL A 1 19  ? -4.415  -6.728  -2.638  1.00 11.84 ? 19  VAL A CB  1 
ATOM   147  C CG1 . VAL A 1 19  ? -3.526  -7.516  -1.672  1.00 12.78 ? 19  VAL A CG1 1 
ATOM   148  C CG2 . VAL A 1 19  ? -3.743  -5.392  -2.957  1.00 12.48 ? 19  VAL A CG2 1 
ATOM   149  N N   . GLY A 1 20  ? -6.995  -7.311  -4.481  1.00 9.34  ? 20  GLY A N   1 
ATOM   150  C CA  . GLY A 1 20  ? -8.147  -6.705  -5.115  1.00 7.73  ? 20  GLY A CA  1 
ATOM   151  C C   . GLY A 1 20  ? -9.110  -6.311  -4.019  1.00 8.45  ? 20  GLY A C   1 
ATOM   152  O O   . GLY A 1 20  ? -9.136  -6.926  -2.940  1.00 7.69  ? 20  GLY A O   1 
ATOM   153  N N   . GLY A 1 21  ? -9.892  -5.275  -4.286  1.00 7.45  ? 21  GLY A N   1 
ATOM   154  C CA  . GLY A 1 21  ? -10.828 -4.852  -3.303  1.00 8.55  ? 21  GLY A CA  1 
ATOM   155  C C   . GLY A 1 21  ? -11.797 -3.825  -3.851  1.00 7.91  ? 21  GLY A C   1 
ATOM   156  O O   . GLY A 1 21  ? -11.920 -3.628  -5.062  1.00 8.69  ? 21  GLY A O   1 
ATOM   157  N N   . VAL A 1 22  ? -12.505 -3.218  -2.913  1.00 7.59  ? 22  VAL A N   1 
ATOM   158  C CA  . VAL A 1 22  ? -13.570 -2.282  -3.238  1.00 8.63  ? 22  VAL A CA  1 
ATOM   159  C C   . VAL A 1 22  ? -13.433 -1.084  -2.312  1.00 7.36  ? 22  VAL A C   1 
ATOM   160  O O   . VAL A 1 22  ? -13.270 -1.247  -1.087  1.00 7.92  ? 22  VAL A O   1 
ATOM   161  C CB  . VAL A 1 22  ? -15.005 -2.885  -3.002  1.00 10.02 ? 22  VAL A CB  1 
ATOM   162  C CG1 . VAL A 1 22  ? -16.067 -1.902  -3.538  1.00 10.51 ? 22  VAL A CG1 1 
ATOM   163  C CG2 . VAL A 1 22  ? -15.154 -4.222  -3.686  1.00 11.64 ? 22  VAL A CG2 1 
ATOM   164  N N   . VAL A 1 23  ? -13.482 0.117   -2.889  1.00 6.84  ? 23  VAL A N   1 
ATOM   165  C CA  . VAL A 1 23  ? -13.437 1.341   -2.096  1.00 7.31  ? 23  VAL A CA  1 
ATOM   166  C C   . VAL A 1 23  ? -14.826 1.648   -1.524  1.00 7.29  ? 23  VAL A C   1 
ATOM   167  O O   . VAL A 1 23  ? -15.822 1.534   -2.240  1.00 8.37  ? 23  VAL A O   1 
ATOM   168  C CB  . VAL A 1 23  ? -12.955 2.506   -2.972  1.00 7.60  ? 23  VAL A CB  1 
ATOM   169  C CG1 . VAL A 1 23  ? -12.839 3.757   -2.122  1.00 6.92  ? 23  VAL A CG1 1 
ATOM   170  C CG2 . VAL A 1 23  ? -11.625 2.167   -3.627  1.00 7.97  ? 23  VAL A CG2 1 
ATOM   171  N N   . ASN A 1 24  ? -14.953 2.028   -0.265  1.00 8.05  ? 24  ASN A N   1 
ATOM   172  C CA  . ASN A 1 24  ? -16.246 2.367   0.295   1.00 9.28  ? 24  ASN A CA  1 
ATOM   173  C C   . ASN A 1 24  ? -16.829 3.577   -0.389  1.00 10.22 ? 24  ASN A C   1 
ATOM   174  O O   . ASN A 1 24  ? -16.078 4.444   -0.858  1.00 9.53  ? 24  ASN A O   1 
ATOM   175  C CB  . ASN A 1 24  ? -16.189 2.741   1.751   1.00 10.86 ? 24  ASN A CB  1 
ATOM   176  C CG  . ASN A 1 24  ? -15.726 1.636   2.682   1.00 13.15 ? 24  ASN A CG  1 
ATOM   177  O OD1 . ASN A 1 24  ? -15.540 1.900   3.876   1.00 16.76 ? 24  ASN A OD1 1 
ATOM   178  N ND2 . ASN A 1 24  ? -15.498 0.398   2.282   1.00 10.99 ? 24  ASN A ND2 1 
ATOM   179  N N   . SER A 1 25  ? -18.166 3.680   -0.426  1.00 11.21 ? 25  SER A N   1 
ATOM   180  C CA  . SER A 1 25  ? -18.860 4.848   -0.971  1.00 11.81 ? 25  SER A CA  1 
ATOM   181  C C   A SER A 1 25  ? -18.505 5.751   0.250   0.50 11.68 ? 25  SER A C   1 
ATOM   182  C C   B SER A 1 25  ? -18.610 6.306   -0.630  0.50 10.15 ? 25  SER A C   1 
ATOM   183  O O   A SER A 1 25  ? -18.407 5.333   1.413   0.50 13.53 ? 25  SER A O   1 
ATOM   184  O O   B SER A 1 25  ? -18.732 7.167   -1.495  0.50 9.28  ? 25  SER A O   1 
ATOM   185  C CB  . SER A 1 25  ? -20.360 4.689   -0.886  1.00 12.54 ? 25  SER A CB  1 
ATOM   186  O OG  . SER A 1 25  ? -20.665 3.590   -1.727  1.00 17.09 ? 25  SER A OG  1 
ATOM   187  N N   A ASN A 1 26  ? -18.328 7.021   0.037   0.50 11.95 ? 26  ASN A N   1 
ATOM   188  N N   B ASN A 1 26  ? -18.122 6.611   0.555   0.50 9.88  ? 26  ASN A N   1 
ATOM   189  C CA  . ASN A 1 26  ? -17.969 7.997   1.054   1.00 10.69 ? 26  ASN A CA  1 
ATOM   190  C C   . ASN A 1 26  ? -16.622 7.865   1.743   1.00 9.52  ? 26  ASN A C   1 
ATOM   191  O O   . ASN A 1 26  ? -16.379 8.451   2.803   1.00 9.89  ? 26  ASN A O   1 
ATOM   192  C CB  . ASN A 1 26  ? -19.088 8.163   2.108   1.00 11.27 ? 26  ASN A CB  1 
ATOM   193  C CG  . ASN A 1 26  ? -20.482 8.370   1.495   1.00 14.60 ? 26  ASN A CG  1 
ATOM   194  O OD1 . ASN A 1 26  ? -20.661 9.059   0.484   1.00 13.14 ? 26  ASN A OD1 1 
ATOM   195  N ND2 . ASN A 1 26  ? -21.484 7.711   2.061   1.00 17.75 ? 26  ASN A ND2 1 
ATOM   196  N N   . ALA A 1 27  ? -15.710 7.120   1.114   1.00 8.58  ? 27  ALA A N   1 
ATOM   197  C CA  . ALA A 1 27  ? -14.380 6.900   1.663   1.00 8.18  ? 27  ALA A CA  1 
ATOM   198  C C   . ALA A 1 27  ? -13.651 8.224   1.807   1.00 7.48  ? 27  ALA A C   1 
ATOM   199  O O   . ALA A 1 27  ? -13.729 9.091   0.949   1.00 7.34  ? 27  ALA A O   1 
ATOM   200  C CB  . ALA A 1 27  ? -13.504 6.017   0.745   1.00 7.08  ? 27  ALA A CB  1 
ATOM   201  N N   . THR A 1 28  ? -12.912 8.382   2.888   1.00 8.44  ? 28  THR A N   1 
ATOM   202  C CA  . THR A 1 28  ? -12.019 9.520   3.131   1.00 8.57  ? 28  THR A CA  1 
ATOM   203  C C   . THR A 1 28  ? -10.633 9.100   2.535   1.00 8.26  ? 28  THR A C   1 
ATOM   204  O O   . THR A 1 28  ? -10.031 9.799   1.707   1.00 8.52  ? 28  THR A O   1 
ATOM   205  C CB  . THR A 1 28  ? -12.312 9.591   4.683   1.00 11.65 ? 28  THR A CB  1 
ATOM   206  O OG1 . THR A 1 28  ? -12.673 10.922  5.033   1.00 16.18 ? 28  THR A OG1 1 
ATOM   207  C CG2 . THR A 1 28  ? -11.263 8.901   5.438   1.00 5.91  ? 28  THR A CG2 1 
ATOM   208  N N   . ARG A 1 29  ? -10.106 7.925   2.926   1.00 7.69  ? 29  ARG A N   1 
ATOM   209  C CA  . ARG A 1 29  ? -8.809  7.393   2.507   1.00 7.68  ? 29  ARG A CA  1 
ATOM   210  C C   . ARG A 1 29  ? -8.707  5.921   2.913   1.00 7.10  ? 29  ARG A C   1 
ATOM   211  O O   . ARG A 1 29  ? -9.395  5.461   3.841   1.00 7.45  ? 29  ARG A O   1 
ATOM   212  C CB  . ARG A 1 29  ? -7.670  8.182   3.176   1.00 8.99  ? 29  ARG A CB  1 
ATOM   213  C CG  . ARG A 1 29  ? -7.777  8.111   4.692   1.00 10.64 ? 29  ARG A CG  1 
ATOM   214  C CD  . ARG A 1 29  ? -6.987  9.114   5.499   1.00 15.37 ? 29  ARG A CD  1 
ATOM   215  N NE  . ARG A 1 29  ? -5.598  8.791   5.553   1.00 15.50 ? 29  ARG A NE  1 
ATOM   216  C CZ  . ARG A 1 29  ? -4.856  8.754   6.679   1.00 14.56 ? 29  ARG A CZ  1 
ATOM   217  N NH1 . ARG A 1 29  ? -3.582  8.460   6.548   1.00 12.60 ? 29  ARG A NH1 1 
ATOM   218  N NH2 . ARG A 1 29  ? -5.301  8.957   7.908   1.00 16.03 ? 29  ARG A NH2 1 
ATOM   219  N N   . PHE A 1 30  ? -7.866  5.156   2.268   1.00 6.41  ? 30  PHE A N   1 
ATOM   220  C CA  . PHE A 1 30  ? -7.554  3.802   2.742   1.00 6.19  ? 30  PHE A CA  1 
ATOM   221  C C   . PHE A 1 30  ? -6.086  3.569   2.370   1.00 5.82  ? 30  PHE A C   1 
ATOM   222  O O   . PHE A 1 30  ? -5.559  4.209   1.442   1.00 5.92  ? 30  PHE A O   1 
ATOM   223  C CB  . PHE A 1 30  ? -8.418  2.707   2.100   1.00 5.66  ? 30  PHE A CB  1 
ATOM   224  C CG  . PHE A 1 30  ? -8.180  2.392   0.629   1.00 6.84  ? 30  PHE A CG  1 
ATOM   225  C CD1 . PHE A 1 30  ? -8.822  3.155   -0.364  1.00 8.10  ? 30  PHE A CD1 1 
ATOM   226  C CD2 . PHE A 1 30  ? -7.302  1.351   0.266   1.00 6.68  ? 30  PHE A CD2 1 
ATOM   227  C CE1 . PHE A 1 30  ? -8.575  2.883   -1.723  1.00 8.77  ? 30  PHE A CE1 1 
ATOM   228  C CE2 . PHE A 1 30  ? -7.071  1.090   -1.086  1.00 7.88  ? 30  PHE A CE2 1 
ATOM   229  C CZ  . PHE A 1 30  ? -7.700  1.860   -2.079  1.00 7.88  ? 30  PHE A CZ  1 
ATOM   230  N N   . SER A 1 31  ? -5.390  2.665   3.048   1.00 5.56  ? 31  SER A N   1 
ATOM   231  C CA  . SER A 1 31  ? -4.002  2.405   2.682   1.00 5.42  ? 31  SER A CA  1 
ATOM   232  C C   . SER A 1 31  ? -3.693  0.925   2.529   1.00 5.54  ? 31  SER A C   1 
ATOM   233  O O   . SER A 1 31  ? -4.379  0.110   3.150   1.00 6.46  ? 31  SER A O   1 
ATOM   234  C CB  . SER A 1 31  ? -3.050  2.994   3.728   1.00 6.09  ? 31  SER A CB  1 
ATOM   235  O OG  . SER A 1 31  ? -3.211  2.533   5.062   1.00 8.03  ? 31  SER A OG  1 
ATOM   236  N N   . ILE A 1 32  ? -2.663  0.610   1.759   1.00 5.16  ? 32  ILE A N   1 
ATOM   237  C CA  . ILE A 1 32  ? -2.114  -0.731  1.680   1.00 6.14  ? 32  ILE A CA  1 
ATOM   238  C C   . ILE A 1 32  ? -0.725  -0.583  2.356   1.00 6.80  ? 32  ILE A C   1 
ATOM   239  O O   . ILE A 1 32  ? 0.053   0.352   2.065   1.00 7.18  ? 32  ILE A O   1 
ATOM   240  C CB  . ILE A 1 32  ? -1.975  -1.170  0.192   1.00 7.80  ? 32  ILE A CB  1 
ATOM   241  C CG1 . ILE A 1 32  ? -3.378  -1.259  -0.456  1.00 10.29 ? 32  ILE A CG1 1 
ATOM   242  C CG2 . ILE A 1 32  ? -1.198  -2.514  0.122   1.00 8.28  ? 32  ILE A CG2 1 
ATOM   243  C CD1 . ILE A 1 32  ? -3.331  -1.240  -2.038  1.00 12.15 ? 32  ILE A CD1 1 
ATOM   244  N N   . ASN A 1 33  ? -0.378  -1.523  3.232   1.00 5.99  ? 33  ASN A N   1 
ATOM   245  C CA  . ASN A 1 33  ? 0.825   -1.409  4.063   1.00 6.91  ? 33  ASN A CA  1 
ATOM   246  C C   . ASN A 1 33  ? 1.633   -2.704  4.020   1.00 8.31  ? 33  ASN A C   1 
ATOM   247  O O   . ASN A 1 33  ? 1.016   -3.771  4.149   1.00 8.47  ? 33  ASN A O   1 
ATOM   248  C CB  . ASN A 1 33  ? 0.428   -1.130  5.519   1.00 6.93  ? 33  ASN A CB  1 
ATOM   249  C CG  . ASN A 1 33  ? -0.382  0.139   5.633   1.00 7.15  ? 33  ASN A CG  1 
ATOM   250  O OD1 . ASN A 1 33  ? 0.196   1.215   5.612   1.00 8.91  ? 33  ASN A OD1 1 
ATOM   251  N ND2 . ASN A 1 33  ? -1.706  0.105   5.669   1.00 7.03  ? 33  ASN A ND2 1 
ATOM   252  N N   . VAL A 1 34  ? 2.934   -2.646  3.806   1.00 6.81  ? 34  VAL A N   1 
ATOM   253  C CA  . VAL A 1 34  ? 3.803   -3.809  3.747   1.00 7.42  ? 34  VAL A CA  1 
ATOM   254  C C   . VAL A 1 34  ? 4.877   -3.520  4.803   1.00 7.28  ? 34  VAL A C   1 
ATOM   255  O O   . VAL A 1 34  ? 5.509   -2.455  4.782   1.00 7.47  ? 34  VAL A O   1 
ATOM   256  C CB  . VAL A 1 34  ? 4.426   -3.925  2.331   1.00 8.07  ? 34  VAL A CB  1 
ATOM   257  C CG1 . VAL A 1 34  ? 5.442   -5.048  2.279   1.00 8.67  ? 34  VAL A CG1 1 
ATOM   258  C CG2 . VAL A 1 34  ? 3.325   -4.212  1.299   1.00 8.64  ? 34  VAL A CG2 1 
ATOM   259  N N   . GLY A 1 35  ? 5.082   -4.405  5.766   1.00 7.32  ? 35  GLY A N   1 
ATOM   260  C CA  . GLY A 1 35  ? 6.114   -4.198  6.771   1.00 8.57  ? 35  GLY A CA  1 
ATOM   261  C C   . GLY A 1 35  ? 6.201   -5.369  7.738   1.00 9.78  ? 35  GLY A C   1 
ATOM   262  O O   . GLY A 1 35  ? 6.107   -6.545  7.336   1.00 9.15  ? 35  GLY A O   1 
ATOM   263  N N   . GLU A 1 36  ? 6.401   -4.995  8.993   1.00 11.09 ? 36  GLU A N   1 
ATOM   264  C CA  . GLU A 1 36  ? 6.608   -5.966  10.054  1.00 14.01 ? 36  GLU A CA  1 
ATOM   265  C C   . GLU A 1 36  ? 5.480   -5.885  11.055  1.00 13.89 ? 36  GLU A C   1 
ATOM   266  O O   . GLU A 1 36  ? 5.164   -6.911  11.651  1.00 14.81 ? 36  GLU A O   1 
ATOM   267  C CB  . GLU A 1 36  ? 7.909   -5.724  10.846  1.00 17.85 ? 36  GLU A CB  1 
ATOM   268  C CG  . GLU A 1 36  ? 9.235   -5.613  10.083  1.00 26.65 ? 36  GLU A CG  1 
ATOM   269  C CD  . GLU A 1 36  ? 10.512  -5.042  10.792  1.00 32.62 ? 36  GLU A CD  1 
ATOM   270  O OE1 . GLU A 1 36  ? 11.613  -5.361  10.296  1.00 35.84 ? 36  GLU A OE1 1 
ATOM   271  O OE2 . GLU A 1 36  ? 10.455  -4.285  11.798  1.00 33.51 ? 36  GLU A OE2 1 
ATOM   272  N N   . SER A 1 37  ? 4.839   -4.734  11.309  1.00 12.27 ? 37  SER A N   1 
ATOM   273  C CA  . SER A 1 37  ? 3.820   -4.605  12.326  1.00 12.28 ? 37  SER A CA  1 
ATOM   274  C C   . SER A 1 37  ? 3.029   -3.329  11.993  1.00 12.10 ? 37  SER A C   1 
ATOM   275  O O   . SER A 1 37  ? 3.396   -2.588  11.078  1.00 11.07 ? 37  SER A O   1 
ATOM   276  C CB  . SER A 1 37  ? 4.494   -4.481  13.716  1.00 12.48 ? 37  SER A CB  1 
ATOM   277  O OG  . SER A 1 37  ? 5.171   -3.233  13.918  1.00 14.62 ? 37  SER A OG  1 
ATOM   278  N N   . THR A 1 38  ? 1.979   -2.985  12.731  1.00 12.16 ? 38  THR A N   1 
ATOM   279  C CA  . THR A 1 38  ? 1.274   -1.742  12.480  1.00 13.07 ? 38  THR A CA  1 
ATOM   280  C C   . THR A 1 38  ? 2.085   -0.511  12.901  1.00 13.49 ? 38  THR A C   1 
ATOM   281  O O   . THR A 1 38  ? 1.575   0.610   12.723  1.00 13.85 ? 38  THR A O   1 
ATOM   282  C CB  . THR A 1 38  ? -0.121  -1.755  13.212  1.00 14.51 ? 38  THR A CB  1 
ATOM   283  O OG1 . THR A 1 38  ? 0.182   -1.849  14.593  1.00 15.58 ? 38  THR A OG1 1 
ATOM   284  C CG2 . THR A 1 38  ? -1.096  -2.851  12.705  1.00 12.07 ? 38  THR A CG2 1 
ATOM   285  N N   . ASP A 1 39  ? 3.286   -0.691  13.494  1.00 13.20 ? 39  ASP A N   1 
ATOM   286  C CA  . ASP A 1 39  ? 4.162   0.416   13.860  1.00 12.77 ? 39  ASP A CA  1 
ATOM   287  C C   . ASP A 1 39  ? 5.518   0.325   13.155  1.00 12.59 ? 39  ASP A C   1 
ATOM   288  O O   . ASP A 1 39  ? 6.461   1.042   13.506  1.00 12.31 ? 39  ASP A O   1 
ATOM   289  C CB  . ASP A 1 39  ? 4.398   0.456   15.398  1.00 14.38 ? 39  ASP A CB  1 
ATOM   290  C CG  . ASP A 1 39  ? 4.862   1.827   15.889  1.00 15.47 ? 39  ASP A CG  1 
ATOM   291  O OD1 . ASP A 1 39  ? 5.802   1.898   16.689  1.00 17.35 ? 39  ASP A OD1 1 
ATOM   292  O OD2 . ASP A 1 39  ? 4.297   2.825   15.445  1.00 15.41 ? 39  ASP A OD2 1 
ATOM   293  N N   . SER A 1 40  ? 5.662   -0.543  12.152  1.00 10.89 ? 40  SER A N   1 
ATOM   294  C CA  . SER A 1 40  ? 6.913   -0.720  11.460  1.00 9.88  ? 40  SER A CA  1 
ATOM   295  C C   . SER A 1 40  ? 6.498   -1.042  10.029  1.00 9.61  ? 40  SER A C   1 
ATOM   296  O O   . SER A 1 40  ? 6.160   -2.201  9.729   1.00 9.29  ? 40  SER A O   1 
ATOM   297  C CB  . SER A 1 40  ? 7.652   -1.868  12.117  1.00 10.07 ? 40  SER A CB  1 
ATOM   298  O OG  . SER A 1 40  ? 8.885   -2.020  11.428  1.00 11.50 ? 40  SER A OG  1 
ATOM   299  N N   . ILE A 1 41  ? 6.437   -0.038  9.133   1.00 8.45  ? 41  ILE A N   1 
ATOM   300  C CA  . ILE A 1 41  ? 5.882   -0.225  7.784   1.00 8.47  ? 41  ILE A CA  1 
ATOM   301  C C   . ILE A 1 41  ? 6.919   0.273   6.800   1.00 9.06  ? 41  ILE A C   1 
ATOM   302  O O   . ILE A 1 41  ? 7.325   1.452   6.842   1.00 9.40  ? 41  ILE A O   1 
ATOM   303  C CB  . ILE A 1 41  ? 4.535   0.584   7.612   1.00 8.58  ? 41  ILE A CB  1 
ATOM   304  C CG1 . ILE A 1 41  ? 3.483   0.107   8.628   1.00 9.36  ? 41  ILE A CG1 1 
ATOM   305  C CG2 . ILE A 1 41  ? 3.979   0.380   6.206   1.00 8.81  ? 41  ILE A CG2 1 
ATOM   306  C CD1 . ILE A 1 41  ? 2.264   1.037   8.717   1.00 10.04 ? 41  ILE A CD1 1 
ATOM   307  N N   . ALA A 1 42  ? 7.370   -0.618  5.936   1.00 7.02  ? 42  ALA A N   1 
ATOM   308  C CA  . ALA A 1 42  ? 8.363   -0.253  4.934   1.00 7.61  ? 42  ALA A CA  1 
ATOM   309  C C   . ALA A 1 42  ? 7.740   0.497   3.726   1.00 8.48  ? 42  ALA A C   1 
ATOM   310  O O   . ALA A 1 42  ? 8.358   1.380   3.107   1.00 7.90  ? 42  ALA A O   1 
ATOM   311  C CB  . ALA A 1 42  ? 9.070   -1.514  4.416   1.00 8.53  ? 42  ALA A CB  1 
ATOM   312  N N   . MET A 1 43  ? 6.491   0.170   3.382   1.00 6.91  ? 43  MET A N   1 
ATOM   313  C CA  . MET A 1 43  ? 5.834   0.851   2.280   1.00 7.91  ? 43  MET A CA  1 
ATOM   314  C C   . MET A 1 43  ? 4.371   1.042   2.692   1.00 7.39  ? 43  MET A C   1 
ATOM   315  O O   . MET A 1 43  ? 3.642   0.051   2.847   1.00 7.48  ? 43  MET A O   1 
ATOM   316  C CB  . MET A 1 43  ? 5.947   -0.011  1.026   1.00 9.48  ? 43  MET A CB  1 
ATOM   317  C CG  . MET A 1 43  ? 5.642   0.695   -0.308  1.00 13.33 ? 43  MET A CG  1 
ATOM   318  S SD  . MET A 1 43  ? 3.926   1.180   -0.489  1.00 15.80 ? 43  MET A SD  1 
ATOM   319  C CE  . MET A 1 43  ? 3.115   -0.394  -0.632  1.00 13.75 ? 43  MET A CE  1 
ATOM   320  N N   . HIS A 1 44  ? 4.001   2.285   2.997   1.00 7.51  ? 44  HIS A N   1 
ATOM   321  C CA  . HIS A 1 44  ? 2.635   2.700   3.263   1.00 6.69  ? 44  HIS A CA  1 
ATOM   322  C C   . HIS A 1 44  ? 2.122   3.397   1.988   1.00 6.69  ? 44  HIS A C   1 
ATOM   323  O O   . HIS A 1 44  ? 2.767   4.359   1.579   1.00 6.75  ? 44  HIS A O   1 
ATOM   324  C CB  . HIS A 1 44  ? 2.629   3.666   4.455   1.00 8.02  ? 44  HIS A CB  1 
ATOM   325  C CG  . HIS A 1 44  ? 1.308   4.429   4.714   1.00 8.31  ? 44  HIS A CG  1 
ATOM   326  N ND1 . HIS A 1 44  ? 0.180   3.973   5.254   1.00 7.95  ? 44  HIS A ND1 1 
ATOM   327  C CD2 . HIS A 1 44  ? 1.096   5.795   4.515   1.00 8.34  ? 44  HIS A CD2 1 
ATOM   328  C CE1 . HIS A 1 44  ? -0.688  4.953   5.410   1.00 7.54  ? 44  HIS A CE1 1 
ATOM   329  N NE2 . HIS A 1 44  ? -0.122  6.050   4.960   1.00 8.54  ? 44  HIS A NE2 1 
ATOM   330  N N   . MET A 1 45  ? 1.022   3.002   1.344   1.00 5.67  ? 45  MET A N   1 
ATOM   331  C CA  . MET A 1 45  ? 0.519   3.652   0.153   1.00 6.53  ? 45  MET A CA  1 
ATOM   332  C C   . MET A 1 45  ? -0.898  4.105   0.526   1.00 7.91  ? 45  MET A C   1 
ATOM   333  O O   . MET A 1 45  ? -1.843  3.294   0.649   1.00 6.93  ? 45  MET A O   1 
ATOM   334  C CB  . MET A 1 45  ? 0.514   2.627   -0.932  1.00 9.40  ? 45  MET A CB  1 
ATOM   335  C CG  . MET A 1 45  ? -0.057  3.190   -2.189  1.00 13.43 ? 45  MET A CG  1 
ATOM   336  S SD  . MET A 1 45  ? -0.146  1.850   -3.414  1.00 22.14 ? 45  MET A SD  1 
ATOM   337  C CE  . MET A 1 45  ? -0.079  2.944   -4.780  1.00 22.01 ? 45  MET A CE  1 
ATOM   338  N N   . ASP A 1 46  ? -1.083  5.398   0.759   1.00 6.33  ? 46  ASP A N   1 
ATOM   339  C CA  . ASP A 1 46  ? -2.350  5.919   1.192   1.00 6.34  ? 46  ASP A CA  1 
ATOM   340  C C   . ASP A 1 46  ? -3.087  6.521   0.002   1.00 6.78  ? 46  ASP A C   1 
ATOM   341  O O   . ASP A 1 46  ? -2.500  7.228   -0.826  1.00 7.49  ? 46  ASP A O   1 
ATOM   342  C CB  . ASP A 1 46  ? -2.072  6.944   2.280   1.00 7.67  ? 46  ASP A CB  1 
ATOM   343  C CG  . ASP A 1 46  ? -3.277  7.274   3.128   1.00 9.88  ? 46  ASP A CG  1 
ATOM   344  O OD1 . ASP A 1 46  ? -4.163  6.449   3.292   1.00 10.45 ? 46  ASP A OD1 1 
ATOM   345  O OD2 . ASP A 1 46  ? -3.346  8.380   3.654   1.00 10.60 ? 46  ASP A OD2 1 
ATOM   346  N N   . HIS A 1 47  ? -4.373  6.221   -0.104  1.00 6.12  ? 47  HIS A N   1 
ATOM   347  C CA  . HIS A 1 47  ? -5.202  6.624   -1.226  1.00 6.56  ? 47  HIS A CA  1 
ATOM   348  C C   . HIS A 1 47  ? -6.154  7.656   -0.657  1.00 6.44  ? 47  HIS A C   1 
ATOM   349  O O   . HIS A 1 47  ? -7.064  7.290   0.097   1.00 7.55  ? 47  HIS A O   1 
ATOM   350  C CB  . HIS A 1 47  ? -6.011  5.442   -1.803  1.00 5.72  ? 47  HIS A CB  1 
ATOM   351  C CG  . HIS A 1 47  ? -5.171  4.238   -2.178  1.00 6.97  ? 47  HIS A CG  1 
ATOM   352  N ND1 . HIS A 1 47  ? -4.503  3.442   -1.324  1.00 7.89  ? 47  HIS A ND1 1 
ATOM   353  C CD2 . HIS A 1 47  ? -5.035  3.718   -3.436  1.00 8.48  ? 47  HIS A CD2 1 
ATOM   354  C CE1 . HIS A 1 47  ? -3.973  2.451   -2.010  1.00 8.28  ? 47  HIS A CE1 1 
ATOM   355  N NE2 . HIS A 1 47  ? -4.307  2.634   -3.267  1.00 10.24 ? 47  HIS A NE2 1 
ATOM   356  N N   . ARG A 1 48  ? -5.938  8.942   -0.956  1.00 7.33  ? 48  ARG A N   1 
ATOM   357  C CA  . ARG A 1 48  ? -6.705  9.992   -0.288  1.00 7.87  ? 48  ARG A CA  1 
ATOM   358  C C   . ARG A 1 48  ? -7.746  10.605  -1.202  1.00 8.74  ? 48  ARG A C   1 
ATOM   359  O O   . ARG A 1 48  ? -7.402  11.291  -2.180  1.00 9.06  ? 48  ARG A O   1 
ATOM   360  C CB  . ARG A 1 48  ? -5.759  11.085  0.203   1.00 7.61  ? 48  ARG A CB  1 
ATOM   361  C CG  . ARG A 1 48  ? -4.848  10.575  1.325   1.00 7.87  ? 48  ARG A CG  1 
ATOM   362  C CD  . ARG A 1 48  ? -3.757  11.584  1.721   1.00 10.07 ? 48  ARG A CD  1 
ATOM   363  N NE  . ARG A 1 48  ? -2.867  11.013  2.746   1.00 9.25  ? 48  ARG A NE  1 
ATOM   364  C CZ  . ARG A 1 48  ? -1.972  11.693  3.480   1.00 10.94 ? 48  ARG A CZ  1 
ATOM   365  N NH1 . ARG A 1 48  ? -1.207  11.074  4.396   1.00 8.91  ? 48  ARG A NH1 1 
ATOM   366  N NH2 . ARG A 1 48  ? -1.822  12.990  3.266   1.00 9.33  ? 48  ARG A NH2 1 
ATOM   367  N N   . PHE A 1 49  ? -9.015  10.338  -0.875  1.00 8.97  ? 49  PHE A N   1 
ATOM   368  C CA  . PHE A 1 49  ? -10.127 10.930  -1.599  1.00 9.49  ? 49  PHE A CA  1 
ATOM   369  C C   . PHE A 1 49  ? -10.341 12.319  -1.040  1.00 10.42 ? 49  PHE A C   1 
ATOM   370  O O   . PHE A 1 49  ? -10.448 13.275  -1.821  1.00 11.86 ? 49  PHE A O   1 
ATOM   371  C CB  . PHE A 1 49  ? -11.405 10.129  -1.425  1.00 9.02  ? 49  PHE A CB  1 
ATOM   372  C CG  . PHE A 1 49  ? -11.213 8.809   -2.151  1.00 11.28 ? 49  PHE A CG  1 
ATOM   373  C CD1 . PHE A 1 49  ? -10.647 7.715   -1.459  1.00 10.35 ? 49  PHE A CD1 1 
ATOM   374  C CD2 . PHE A 1 49  ? -11.544 8.711   -3.524  1.00 11.29 ? 49  PHE A CD2 1 
ATOM   375  C CE1 . PHE A 1 49  ? -10.404 6.530   -2.148  1.00 13.47 ? 49  PHE A CE1 1 
ATOM   376  C CE2 . PHE A 1 49  ? -11.295 7.503   -4.201  1.00 11.84 ? 49  PHE A CE2 1 
ATOM   377  C CZ  . PHE A 1 49  ? -10.727 6.422   -3.519  1.00 12.14 ? 49  PHE A CZ  1 
ATOM   378  N N   . SER A 1 50  ? -10.431 12.430  0.294   1.00 11.51 ? 50  SER A N   1 
ATOM   379  C CA  . SER A 1 50  ? -10.485 13.741  0.938   1.00 12.75 ? 50  SER A CA  1 
ATOM   380  C C   . SER A 1 50  ? -9.891  13.599  2.337   1.00 12.17 ? 50  SER A C   1 
ATOM   381  O O   . SER A 1 50  ? -10.459 12.942  3.215   1.00 12.27 ? 50  SER A O   1 
ATOM   382  C CB  . SER A 1 50  ? -11.949 14.254  1.005   1.00 12.68 ? 50  SER A CB  1 
ATOM   383  O OG  . SER A 1 50  ? -12.064 15.626  1.409   1.00 14.38 ? 50  SER A OG  1 
ATOM   384  N N   . TYR A 1 51  ? -8.711  14.188  2.502   1.00 13.48 ? 51  TYR A N   1 
ATOM   385  C CA  . TYR A 1 51  ? -8.020  14.106  3.772   1.00 14.96 ? 51  TYR A CA  1 
ATOM   386  C C   . TYR A 1 51  ? -7.272  15.396  3.930   1.00 16.19 ? 51  TYR A C   1 
ATOM   387  O O   . TYR A 1 51  ? -6.263  15.621  3.255   1.00 17.70 ? 51  TYR A O   1 
ATOM   388  C CB  . TYR A 1 51  ? -7.033  12.900  3.775   1.00 14.02 ? 51  TYR A CB  1 
ATOM   389  C CG  . TYR A 1 51  ? -6.203  12.790  5.050   1.00 12.89 ? 51  TYR A CG  1 
ATOM   390  C CD1 . TYR A 1 51  ? -6.818  12.525  6.281   1.00 13.98 ? 51  TYR A CD1 1 
ATOM   391  C CD2 . TYR A 1 51  ? -4.827  12.952  4.988   1.00 13.38 ? 51  TYR A CD2 1 
ATOM   392  C CE1 . TYR A 1 51  ? -6.057  12.416  7.450   1.00 13.74 ? 51  TYR A CE1 1 
ATOM   393  C CE2 . TYR A 1 51  ? -4.049  12.847  6.146   1.00 14.14 ? 51  TYR A CE2 1 
ATOM   394  C CZ  . TYR A 1 51  ? -4.675  12.575  7.369   1.00 14.34 ? 51  TYR A CZ  1 
ATOM   395  O OH  . TYR A 1 51  ? -3.885  12.452  8.496   1.00 15.45 ? 51  TYR A OH  1 
ATOM   396  N N   . GLY A 1 52  ? -7.722  16.250  4.836   1.00 19.12 ? 52  GLY A N   1 
ATOM   397  C CA  . GLY A 1 52  ? -7.096  17.561  5.021   1.00 20.30 ? 52  GLY A CA  1 
ATOM   398  C C   . GLY A 1 52  ? -7.196  18.320  3.712   1.00 21.49 ? 52  GLY A C   1 
ATOM   399  O O   . GLY A 1 52  ? -8.278  18.359  3.120   1.00 23.42 ? 52  GLY A O   1 
ATOM   400  N N   . ALA A 1 53  ? -6.086  18.850  3.215   1.00 22.06 ? 53  ALA A N   1 
ATOM   401  C CA  . ALA A 1 53  ? -6.074  19.518  1.928   1.00 22.52 ? 53  ALA A CA  1 
ATOM   402  C C   . ALA A 1 53  ? -5.864  18.551  0.784   1.00 22.32 ? 53  ALA A C   1 
ATOM   403  O O   . ALA A 1 53  ? -5.818  18.993  -0.357  1.00 23.23 ? 53  ALA A O   1 
ATOM   404  C CB  . ALA A 1 53  ? -4.947  20.523  1.808   1.00 23.89 ? 53  ALA A CB  1 
ATOM   405  N N   . ASP A 1 54  ? -5.660  17.253  1.024   1.00 20.25 ? 54  ASP A N   1 
ATOM   406  C CA  . ASP A 1 54  ? -5.420  16.277  -0.028  1.00 19.13 ? 54  ASP A CA  1 
ATOM   407  C C   . ASP A 1 54  ? -6.690  15.694  -0.613  1.00 18.11 ? 54  ASP A C   1 
ATOM   408  O O   . ASP A 1 54  ? -7.535  15.154  0.119   1.00 17.52 ? 54  ASP A O   1 
ATOM   409  C CB  . ASP A 1 54  ? -4.571  15.150  0.529   1.00 18.18 ? 54  ASP A CB  1 
ATOM   410  C CG  . ASP A 1 54  ? -3.129  15.567  0.743   1.00 20.14 ? 54  ASP A CG  1 
ATOM   411  O OD1 . ASP A 1 54  ? -2.621  16.319  -0.087  1.00 21.58 ? 54  ASP A OD1 1 
ATOM   412  O OD2 . ASP A 1 54  ? -2.502  15.139  1.698   1.00 17.83 ? 54  ASP A OD2 1 
ATOM   413  N N   . GLN A 1 55  ? -6.833  15.804  -1.935  1.00 18.50 ? 55  GLN A N   1 
ATOM   414  C CA  . GLN A 1 55  ? -8.001  15.269  -2.635  1.00 18.42 ? 55  GLN A CA  1 
ATOM   415  C C   . GLN A 1 55  ? -7.477  14.613  -3.895  1.00 16.69 ? 55  GLN A C   1 
ATOM   416  O O   . GLN A 1 55  ? -6.759  15.226  -4.695  1.00 16.68 ? 55  GLN A O   1 
ATOM   417  C CB  . GLN A 1 55  ? -9.004  16.381  -3.009  1.00 21.88 ? 55  GLN A CB  1 
ATOM   418  C CG  . GLN A 1 55  ? -9.744  17.066  -1.829  1.00 26.98 ? 55  GLN A CG  1 
ATOM   419  C CD  . GLN A 1 55  ? -10.379 18.380  -2.282  1.00 31.11 ? 55  GLN A CD  1 
ATOM   420  O OE1 . GLN A 1 55  ? -10.978 18.426  -3.372  1.00 33.70 ? 55  GLN A OE1 1 
ATOM   421  N NE2 . GLN A 1 55  ? -10.263 19.494  -1.547  1.00 31.93 ? 55  GLN A NE2 1 
ATOM   422  N N   . ASN A 1 56  ? -7.780  13.310  -4.004  1.00 14.91 ? 56  ASN A N   1 
ATOM   423  C CA  . ASN A 1 56  ? -7.412  12.443  -5.116  1.00 13.82 ? 56  ASN A CA  1 
ATOM   424  C C   . ASN A 1 56  ? -5.897  12.431  -5.372  1.00 13.69 ? 56  ASN A C   1 
ATOM   425  O O   . ASN A 1 56  ? -5.336  12.734  -6.442  1.00 13.51 ? 56  ASN A O   1 
ATOM   426  C CB  . ASN A 1 56  ? -8.200  12.858  -6.410  1.00 16.33 ? 56  ASN A CB  1 
ATOM   427  C CG  . ASN A 1 56  ? -9.700  12.917  -6.140  1.00 18.51 ? 56  ASN A CG  1 
ATOM   428  O OD1 . ASN A 1 56  ? -10.303 12.033  -5.523  1.00 20.93 ? 56  ASN A OD1 1 
ATOM   429  N ND2 . ASN A 1 56  ? -10.348 14.042  -6.445  1.00 20.91 ? 56  ASN A ND2 1 
ATOM   430  N N   . VAL A 1 57  ? -5.181  12.013  -4.321  1.00 12.18 ? 57  VAL A N   1 
ATOM   431  C CA  . VAL A 1 57  ? -3.720  11.914  -4.391  1.00 11.60 ? 57  VAL A CA  1 
ATOM   432  C C   . VAL A 1 57  ? -3.285  10.625  -3.691  1.00 10.74 ? 57  VAL A C   1 
ATOM   433  O O   . VAL A 1 57  ? -3.978  10.125  -2.781  1.00 9.84  ? 57  VAL A O   1 
ATOM   434  C CB  . VAL A 1 57  ? -3.111  13.230  -3.727  1.00 12.74 ? 57  VAL A CB  1 
ATOM   435  C CG1 . VAL A 1 57  ? -3.533  13.359  -2.309  1.00 14.11 ? 57  VAL A CG1 1 
ATOM   436  C CG2 . VAL A 1 57  ? -1.591  13.195  -3.758  1.00 15.52 ? 57  VAL A CG2 1 
ATOM   437  N N   . LEU A 1 58  ? -2.177  10.068  -4.186  1.00 9.41  ? 58  LEU A N   1 
ATOM   438  C CA  . LEU A 1 58  ? -1.536  8.959   -3.514  1.00 10.06 ? 58  LEU A CA  1 
ATOM   439  C C   . LEU A 1 58  ? -0.401  9.521   -2.675  1.00 9.30  ? 58  LEU A C   1 
ATOM   440  O O   . LEU A 1 58  ? 0.327   10.395  -3.145  1.00 8.97  ? 58  LEU A O   1 
ATOM   441  C CB  . LEU A 1 58  ? -0.927  7.920   -4.481  1.00 11.15 ? 58  LEU A CB  1 
ATOM   442  C CG  . LEU A 1 58  ? -1.868  6.987   -5.265  1.00 13.51 ? 58  LEU A CG  1 
ATOM   443  C CD1 . LEU A 1 58  ? -0.997  6.071   -6.155  1.00 13.29 ? 58  LEU A CD1 1 
ATOM   444  C CD2 . LEU A 1 58  ? -2.735  6.161   -4.340  1.00 13.19 ? 58  LEU A CD2 1 
ATOM   445  N N   . VAL A 1 59  ? -0.239  9.059   -1.442  1.00 8.46  ? 59  VAL A N   1 
ATOM   446  C CA  . VAL A 1 59  ? 0.870   9.488   -0.606  1.00 9.10  ? 59  VAL A CA  1 
ATOM   447  C C   . VAL A 1 59  ? 1.598   8.214   -0.159  1.00 10.33 ? 59  VAL A C   1 
ATOM   448  O O   . VAL A 1 59  ? 0.965   7.280   0.380   1.00 9.83  ? 59  VAL A O   1 
ATOM   449  C CB  . VAL A 1 59  ? 0.330   10.279  0.616   1.00 9.78  ? 59  VAL A CB  1 
ATOM   450  C CG1 . VAL A 1 59  ? 1.470   10.658  1.578   1.00 11.57 ? 59  VAL A CG1 1 
ATOM   451  C CG2 . VAL A 1 59  ? -0.346  11.567  0.115   1.00 10.92 ? 59  VAL A CG2 1 
ATOM   452  N N   . LEU A 1 60  ? 2.912   8.147   -0.384  1.00 8.72  ? 60  LEU A N   1 
ATOM   453  C CA  . LEU A 1 60  ? 3.724   6.996   -0.007  1.00 9.66  ? 60  LEU A CA  1 
ATOM   454  C C   . LEU A 1 60  ? 4.750   7.371   1.066   1.00 8.83  ? 60  LEU A C   1 
ATOM   455  O O   . LEU A 1 60  ? 5.338   8.469   1.026   1.00 9.60  ? 60  LEU A O   1 
ATOM   456  C CB  . LEU A 1 60  ? 4.449   6.448   -1.234  1.00 10.12 ? 60  LEU A CB  1 
ATOM   457  C CG  . LEU A 1 60  ? 3.462   5.858   -2.246  1.00 12.08 ? 60  LEU A CG  1 
ATOM   458  C CD1 . LEU A 1 60  ? 3.108   6.921   -3.278  1.00 14.41 ? 60  LEU A CD1 1 
ATOM   459  C CD2 . LEU A 1 60  ? 4.067   4.633   -2.877  1.00 12.96 ? 60  LEU A CD2 1 
ATOM   460  N N   . ASN A 1 61  ? 4.955   6.494   2.045   1.00 7.89  ? 61  ASN A N   1 
ATOM   461  C CA  . ASN A 1 61  ? 5.909   6.771   3.108   1.00 7.05  ? 61  ASN A CA  1 
ATOM   462  C C   . ASN A 1 61  ? 6.289   5.509   3.880   1.00 7.41  ? 61  ASN A C   1 
ATOM   463  O O   . ASN A 1 61  ? 5.748   4.431   3.600   1.00 7.44  ? 61  ASN A O   1 
ATOM   464  C CB  . ASN A 1 61  ? 5.309   7.818   4.065   1.00 7.94  ? 61  ASN A CB  1 
ATOM   465  C CG  . ASN A 1 61  ? 6.332   8.709   4.794   1.00 6.37  ? 61  ASN A CG  1 
ATOM   466  O OD1 . ASN A 1 61  ? 7.523   8.435   4.831   1.00 7.94  ? 61  ASN A OD1 1 
ATOM   467  N ND2 . ASN A 1 61  ? 5.910   9.778   5.437   1.00 8.03  ? 61  ASN A ND2 1 
ATOM   468  N N   . SER A 1 62  ? 7.268   5.586   4.776   1.00 7.02  ? 62  SER A N   1 
ATOM   469  C CA  . SER A 1 62  ? 7.631   4.499   5.655   1.00 6.96  ? 62  SER A CA  1 
ATOM   470  C C   . SER A 1 62  ? 7.450   5.018   7.078   1.00 7.65  ? 62  SER A C   1 
ATOM   471  O O   . SER A 1 62  ? 7.558   6.235   7.367   1.00 7.41  ? 62  SER A O   1 
ATOM   472  C CB  . SER A 1 62  ? 9.067   4.108   5.366   1.00 7.81  ? 62  SER A CB  1 
ATOM   473  O OG  . SER A 1 62  ? 9.918   5.237   5.549   1.00 7.52  ? 62  SER A OG  1 
ATOM   474  N N   . LEU A 1 63  ? 7.188   4.069   7.972   1.00 7.59  ? 63  LEU A N   1 
ATOM   475  C CA  . LEU A 1 63  ? 6.944   4.312   9.370   1.00 8.04  ? 63  LEU A CA  1 
ATOM   476  C C   . LEU A 1 63  ? 7.961   3.485   10.125  1.00 9.25  ? 63  LEU A C   1 
ATOM   477  O O   . LEU A 1 63  ? 8.040   2.265   9.904   1.00 8.41  ? 63  LEU A O   1 
ATOM   478  C CB  . LEU A 1 63  ? 5.540   3.869   9.762   1.00 8.71  ? 63  LEU A CB  1 
ATOM   479  C CG  . LEU A 1 63  ? 5.135   3.981   11.220  1.00 9.00  ? 63  LEU A CG  1 
ATOM   480  C CD1 . LEU A 1 63  ? 5.090   5.426   11.669  1.00 10.22 ? 63  LEU A CD1 1 
ATOM   481  C CD2 . LEU A 1 63  ? 3.737   3.435   11.379  1.00 10.30 ? 63  LEU A CD2 1 
ATOM   482  N N   . VAL A 1 64  ? 8.723   4.147   10.996  1.00 9.33  ? 64  VAL A N   1 
ATOM   483  C CA  . VAL A 1 64  ? 9.753   3.475   11.792  1.00 9.23  ? 64  VAL A CA  1 
ATOM   484  C C   . VAL A 1 64  ? 9.244   3.318   13.224  1.00 10.05 ? 64  VAL A C   1 
ATOM   485  O O   . VAL A 1 64  ? 8.709   4.264   13.816  1.00 9.93  ? 64  VAL A O   1 
ATOM   486  C CB  . VAL A 1 64  ? 11.056  4.321   11.751  1.00 9.47  ? 64  VAL A CB  1 
ATOM   487  C CG1 . VAL A 1 64  ? 12.150  3.745   12.679  1.00 8.23  ? 64  VAL A CG1 1 
ATOM   488  C CG2 . VAL A 1 64  ? 11.576  4.298   10.305  1.00 10.85 ? 64  VAL A CG2 1 
ATOM   489  N N   . HIS A 1 65  ? 9.407   2.115   13.778  1.00 11.25 ? 65  HIS A N   1 
ATOM   490  C CA  . HIS A 1 65  ? 8.878   1.786   15.084  1.00 13.07 ? 65  HIS A CA  1 
ATOM   491  C C   . HIS A 1 65  ? 9.429   2.716   16.165  1.00 12.77 ? 65  HIS A C   1 
ATOM   492  O O   . HIS A 1 65  ? 10.629  2.968   16.223  1.00 12.16 ? 65  HIS A O   1 
ATOM   493  C CB  . HIS A 1 65  ? 9.214   0.307   15.365  1.00 17.33 ? 65  HIS A CB  1 
ATOM   494  C CG  . HIS A 1 65  ? 8.727   -0.110  16.742  1.00 21.45 ? 65  HIS A CG  1 
ATOM   495  N ND1 . HIS A 1 65  ? 7.475   -0.165  17.198  1.00 24.06 ? 65  HIS A ND1 1 
ATOM   496  C CD2 . HIS A 1 65  ? 9.570   -0.397  17.793  1.00 24.57 ? 65  HIS A CD2 1 
ATOM   497  C CE1 . HIS A 1 65  ? 7.515   -0.450  18.490  1.00 26.20 ? 65  HIS A CE1 1 
ATOM   498  N NE2 . HIS A 1 65  ? 8.775   -0.586  18.827  1.00 27.15 ? 65  HIS A NE2 1 
ATOM   499  N N   . ASN A 1 66  ? 8.539   3.262   16.979  1.00 11.90 ? 66  ASN A N   1 
ATOM   500  C CA  . ASN A 1 66  ? 8.872   4.204   18.045  1.00 11.79 ? 66  ASN A CA  1 
ATOM   501  C C   . ASN A 1 66  ? 9.590   5.444   17.544  1.00 11.75 ? 66  ASN A C   1 
ATOM   502  O O   . ASN A 1 66  ? 10.189  6.168   18.335  1.00 12.11 ? 66  ASN A O   1 
ATOM   503  C CB  . ASN A 1 66  ? 9.735   3.519   19.117  1.00 12.07 ? 66  ASN A CB  1 
ATOM   504  C CG  . ASN A 1 66  ? 9.624   4.137   20.513  1.00 13.44 ? 66  ASN A CG  1 
ATOM   505  O OD1 . ASN A 1 66  ? 10.571  4.049   21.333  1.00 15.37 ? 66  ASN A OD1 1 
ATOM   506  N ND2 . ASN A 1 66  ? 8.483   4.723   20.893  1.00 11.69 ? 66  ASN A ND2 1 
ATOM   507  N N   . VAL A 1 67  ? 9.541   5.762   16.237  1.00 11.13 ? 67  VAL A N   1 
ATOM   508  C CA  . VAL A 1 67  ? 10.195  6.947   15.691  1.00 11.34 ? 67  VAL A CA  1 
ATOM   509  C C   . VAL A 1 67  ? 9.150   7.741   14.894  1.00 12.16 ? 67  VAL A C   1 
ATOM   510  O O   . VAL A 1 67  ? 8.934   8.924   15.202  1.00 13.02 ? 67  VAL A O   1 
ATOM   511  C CB  . VAL A 1 67  ? 11.400  6.521   14.793  1.00 11.10 ? 67  VAL A CB  1 
ATOM   512  C CG1 . VAL A 1 67  ? 11.896  7.662   13.929  1.00 12.62 ? 67  VAL A CG1 1 
ATOM   513  C CG2 . VAL A 1 67  ? 12.536  6.053   15.687  1.00 10.34 ? 67  VAL A CG2 1 
ATOM   514  N N   . GLY A 1 68  ? 8.446   7.161   13.912  1.00 10.80 ? 68  GLY A N   1 
ATOM   515  C CA  . GLY A 1 68  ? 7.427   7.890   13.180  1.00 9.85  ? 68  GLY A CA  1 
ATOM   516  C C   . GLY A 1 68  ? 7.633   7.838   11.666  1.00 10.12 ? 68  GLY A C   1 
ATOM   517  O O   . GLY A 1 68  ? 8.472   7.096   11.131  1.00 10.30 ? 68  GLY A O   1 
ATOM   518  N N   . TRP A 1 69  ? 6.844   8.696   11.021  1.00 10.13 ? 69  TRP A N   1 
ATOM   519  C CA  . TRP A 1 69  ? 6.788   8.793   9.573   1.00 10.07 ? 69  TRP A CA  1 
ATOM   520  C C   . TRP A 1 69  ? 8.010   9.503   9.020   1.00 10.41 ? 69  TRP A C   1 
ATOM   521  O O   . TRP A 1 69  ? 8.493   10.454  9.641   1.00 10.98 ? 69  TRP A O   1 
ATOM   522  C CB  . TRP A 1 69  ? 5.483   9.524   9.172   1.00 9.57  ? 69  TRP A CB  1 
ATOM   523  C CG  . TRP A 1 69  ? 4.228   8.672   9.425   1.00 9.89  ? 69  TRP A CG  1 
ATOM   524  C CD1 . TRP A 1 69  ? 3.381   8.932   10.478  1.00 10.57 ? 69  TRP A CD1 1 
ATOM   525  C CD2 . TRP A 1 69  ? 3.830   7.546   8.707   1.00 9.88  ? 69  TRP A CD2 1 
ATOM   526  N NE1 . TRP A 1 69  ? 2.456   7.986   10.445  1.00 10.21 ? 69  TRP A NE1 1 
ATOM   527  C CE2 . TRP A 1 69  ? 2.675   7.141   9.410   1.00 9.76  ? 69  TRP A CE2 1 
ATOM   528  C CE3 . TRP A 1 69  ? 4.273   6.816   7.591   1.00 8.55  ? 69  TRP A CE3 1 
ATOM   529  C CZ2 . TRP A 1 69  ? 1.968   5.994   8.981   1.00 10.44 ? 69  TRP A CZ2 1 
ATOM   530  C CZ3 . TRP A 1 69  ? 3.568   5.688   7.183   1.00 8.67  ? 69  TRP A CZ3 1 
ATOM   531  C CH2 . TRP A 1 69  ? 2.427   5.285   7.875   1.00 9.37  ? 69  TRP A CH2 1 
ATOM   532  N N   . GLN A 1 70  ? 8.522   9.037   7.885   1.00 10.06 ? 70  GLN A N   1 
ATOM   533  C CA  . GLN A 1 70  ? 9.704   9.587   7.258   1.00 10.20 ? 70  GLN A CA  1 
ATOM   534  C C   . GLN A 1 70  ? 9.300   10.584  6.166   1.00 10.99 ? 70  GLN A C   1 
ATOM   535  O O   . GLN A 1 70  ? 8.273   11.259  6.334   1.00 10.67 ? 70  GLN A O   1 
ATOM   536  C CB  . GLN A 1 70  ? 10.535  8.402   6.738   1.00 10.81 ? 70  GLN A CB  1 
ATOM   537  C CG  . GLN A 1 70  ? 10.963  7.523   7.945   1.00 11.37 ? 70  GLN A CG  1 
ATOM   538  C CD  . GLN A 1 70  ? 11.640  8.293   9.101   1.00 11.87 ? 70  GLN A CD  1 
ATOM   539  O OE1 . GLN A 1 70  ? 12.714  8.870   8.915   1.00 12.87 ? 70  GLN A OE1 1 
ATOM   540  N NE2 . GLN A 1 70  ? 11.076  8.347   10.305  1.00 11.90 ? 70  GLN A NE2 1 
ATOM   541  N N   . GLN A 1 71  ? 10.042  10.719  5.072   1.00 11.53 ? 71  GLN A N   1 
ATOM   542  C CA  . GLN A 1 71  ? 9.736   11.722  4.062   1.00 13.55 ? 71  GLN A CA  1 
ATOM   543  C C   . GLN A 1 71  ? 8.650   11.171  3.112   1.00 12.64 ? 71  GLN A C   1 
ATOM   544  O O   . GLN A 1 71  ? 8.810   10.117  2.500   1.00 11.53 ? 71  GLN A O   1 
ATOM   545  C CB  . GLN A 1 71  ? 11.052  12.010  3.360   1.00 16.61 ? 71  GLN A CB  1 
ATOM   546  C CG  . GLN A 1 71  ? 10.997  13.046  2.257   1.00 26.42 ? 71  GLN A CG  1 
ATOM   547  C CD  . GLN A 1 71  ? 11.499  12.591  0.863   1.00 32.09 ? 71  GLN A CD  1 
ATOM   548  O OE1 . GLN A 1 71  ? 12.708  12.549  0.549   1.00 34.74 ? 71  GLN A OE1 1 
ATOM   549  N NE2 . GLN A 1 71  ? 10.582  12.276  -0.070  1.00 35.18 ? 71  GLN A NE2 1 
ATOM   550  N N   . GLU A 1 72  ? 7.532   11.878  2.981   1.00 12.56 ? 72  GLU A N   1 
ATOM   551  C CA  . GLU A 1 72  ? 6.446   11.520  2.047   1.00 13.50 ? 72  GLU A CA  1 
ATOM   552  C C   . GLU A 1 72  ? 6.810   11.702  0.582   1.00 13.63 ? 72  GLU A C   1 
ATOM   553  O O   . GLU A 1 72  ? 7.524   12.660  0.227   1.00 13.84 ? 72  GLU A O   1 
ATOM   554  C CB  . GLU A 1 72  ? 5.201   12.374  2.135   1.00 15.22 ? 72  GLU A CB  1 
ATOM   555  C CG  . GLU A 1 72  ? 4.661   12.473  3.503   1.00 17.72 ? 72  GLU A CG  1 
ATOM   556  C CD  . GLU A 1 72  ? 3.346   13.221  3.569   1.00 17.75 ? 72  GLU A CD  1 
ATOM   557  O OE1 . GLU A 1 72  ? 3.071   14.134  2.784   1.00 18.10 ? 72  GLU A OE1 1 
ATOM   558  O OE2 . GLU A 1 72  ? 2.599   12.859  4.455   1.00 17.79 ? 72  GLU A OE2 1 
ATOM   559  N N   . GLU A 1 73  ? 6.317   10.828  -0.273  1.00 12.35 ? 73  GLU A N   1 
ATOM   560  C CA  . GLU A 1 73  ? 6.412   10.969  -1.709  1.00 14.20 ? 73  GLU A CA  1 
ATOM   561  C C   . GLU A 1 73  ? 4.976   10.995  -2.150  1.00 13.67 ? 73  GLU A C   1 
ATOM   562  O O   . GLU A 1 73  ? 4.125   10.338  -1.542  1.00 13.04 ? 73  GLU A O   1 
ATOM   563  C CB  . GLU A 1 73  ? 7.147   9.793   -2.310  1.00 17.13 ? 73  GLU A CB  1 
ATOM   564  C CG  . GLU A 1 73  ? 8.631   10.128  -2.015  1.00 23.29 ? 73  GLU A CG  1 
ATOM   565  C CD  . GLU A 1 73  ? 9.734   9.283   -2.641  1.00 27.27 ? 73  GLU A CD  1 
ATOM   566  O OE1 . GLU A 1 73  ? 10.847  9.251   -2.072  1.00 30.62 ? 73  GLU A OE1 1 
ATOM   567  O OE2 . GLU A 1 73  ? 9.487   8.660   -3.686  1.00 29.32 ? 73  GLU A OE2 1 
ATOM   568  N N   . ARG A 1 74  ? 4.646   11.840  -3.117  1.00 13.07 ? 74  ARG A N   1 
ATOM   569  C CA  . ARG A 1 74  ? 3.267   11.964  -3.597  1.00 14.46 ? 74  ARG A CA  1 
ATOM   570  C C   . ARG A 1 74  ? 3.088   11.693  -5.076  1.00 14.42 ? 74  ARG A C   1 
ATOM   571  O O   . ARG A 1 74  ? 4.016   11.921  -5.857  1.00 14.00 ? 74  ARG A O   1 
ATOM   572  C CB  . ARG A 1 74  ? 2.733   13.352  -3.304  1.00 16.16 ? 74  ARG A CB  1 
ATOM   573  C CG  A ARG A 1 74  ? 2.515   13.516  -1.807  0.50 16.98 ? 74  ARG A CG  1 
ATOM   574  C CG  B ARG A 1 74  ? 2.455   13.420  -1.824  0.50 18.45 ? 74  ARG A CG  1 
ATOM   575  C CD  A ARG A 1 74  ? 2.627   14.947  -1.294  0.50 18.36 ? 74  ARG A CD  1 
ATOM   576  C CD  B ARG A 1 74  ? 1.734   14.655  -1.365  0.50 19.89 ? 74  ARG A CD  1 
ATOM   577  N NE  A ARG A 1 74  ? 2.233   15.020  0.113   0.50 17.89 ? 74  ARG A NE  1 
ATOM   578  N NE  B ARG A 1 74  ? 1.534   14.520  0.075   0.50 22.48 ? 74  ARG A NE  1 
ATOM   579  C CZ  A ARG A 1 74  ? 0.937   15.142  0.444   0.50 17.75 ? 74  ARG A CZ  1 
ATOM   580  C CZ  B ARG A 1 74  ? 0.659   15.278  0.730   0.50 22.96 ? 74  ARG A CZ  1 
ATOM   581  N NH1 A ARG A 1 74  ? 0.003   15.205  -0.511  0.50 17.50 ? 74  ARG A NH1 1 
ATOM   582  N NH1 B ARG A 1 74  ? 0.466   15.151  2.044   0.50 22.33 ? 74  ARG A NH1 1 
ATOM   583  N NH2 A ARG A 1 74  ? 0.561   15.195  1.728   0.50 16.51 ? 74  ARG A NH2 1 
ATOM   584  N NH2 B ARG A 1 74  ? -0.022  16.193  0.057   0.50 24.88 ? 74  ARG A NH2 1 
ATOM   585  N N   . SER A 1 75  ? 1.941   11.125  -5.480  1.00 13.43 ? 75  SER A N   1 
ATOM   586  C CA  . SER A 1 75  ? 1.668   10.908  -6.869  1.00 12.47 ? 75  SER A CA  1 
ATOM   587  C C   . SER A 1 75  ? 0.244   11.356  -7.062  1.00 13.49 ? 75  SER A C   1 
ATOM   588  O O   . SER A 1 75  ? -0.667  11.163  -6.285  1.00 13.68 ? 75  SER A O   1 
ATOM   589  C CB  . SER A 1 75  ? 1.795   9.450   -7.256  1.00 12.22 ? 75  SER A CB  1 
ATOM   590  O OG  . SER A 1 75  ? 1.463   9.269   -8.621  1.00 11.69 ? 75  SER A OG  1 
ATOM   591  N N   . LYS A 1 76  ? 0.087   11.838  -8.267  1.00 15.24 ? 76  LYS A N   1 
ATOM   592  C CA  . LYS A 1 76  ? -1.108  12.446  -8.806  1.00 16.09 ? 76  LYS A CA  1 
ATOM   593  C C   . LYS A 1 76  ? -1.857  11.364  -9.601  1.00 15.30 ? 76  LYS A C   1 
ATOM   594  O O   . LYS A 1 76  ? -2.968  11.581  -10.079 1.00 15.68 ? 76  LYS A O   1 
ATOM   595  C CB  . LYS A 1 76  ? -0.565  13.628  -9.638  1.00 19.60 ? 76  LYS A CB  1 
ATOM   596  C CG  . LYS A 1 76  ? 0.611   13.249  -10.671 1.00 23.78 ? 76  LYS A CG  1 
ATOM   597  C CD  . LYS A 1 76  ? 2.080   12.794  -10.203 1.00 23.71 ? 76  LYS A CD  1 
ATOM   598  C CE  . LYS A 1 76  ? 2.686   11.664  -11.066 1.00 23.43 ? 76  LYS A CE  1 
ATOM   599  N NZ  . LYS A 1 76  ? 3.699   10.845  -10.397 1.00 23.59 ? 76  LYS A NZ  1 
ATOM   600  N N   . LYS A 1 77  ? -1.285  10.180  -9.834  1.00 14.09 ? 77  LYS A N   1 
ATOM   601  C CA  . LYS A 1 77  ? -1.954  9.106   -10.567 1.00 13.19 ? 77  LYS A CA  1 
ATOM   602  C C   . LYS A 1 77  ? -3.071  8.604   -9.678  1.00 14.02 ? 77  LYS A C   1 
ATOM   603  O O   . LYS A 1 77  ? -2.774  8.080   -8.598  1.00 15.69 ? 77  LYS A O   1 
ATOM   604  C CB  . LYS A 1 77  ? -0.982  7.999   -10.839 1.00 13.65 ? 77  LYS A CB  1 
ATOM   605  C CG  . LYS A 1 77  ? 0.088   8.563   -11.757 1.00 14.86 ? 77  LYS A CG  1 
ATOM   606  C CD  . LYS A 1 77  ? 1.162   7.560   -11.964 1.00 17.29 ? 77  LYS A CD  1 
ATOM   607  C CE  . LYS A 1 77  ? 2.053   8.139   -13.021 1.00 18.21 ? 77  LYS A CE  1 
ATOM   608  N NZ  . LYS A 1 77  ? 3.087   7.168   -13.273 1.00 21.54 ? 77  LYS A NZ  1 
ATOM   609  N N   . PHE A 1 78  ? -4.338  8.710   -10.054 1.00 11.54 ? 78  PHE A N   1 
ATOM   610  C CA  . PHE A 1 78  ? -5.353  8.318   -9.120  1.00 10.14 ? 78  PHE A CA  1 
ATOM   611  C C   . PHE A 1 78  ? -6.525  7.720   -9.879  1.00 10.86 ? 78  PHE A C   1 
ATOM   612  O O   . PHE A 1 78  ? -7.601  8.323   -9.951  1.00 11.86 ? 78  PHE A O   1 
ATOM   613  C CB  . PHE A 1 78  ? -5.772  9.550   -8.312  1.00 10.30 ? 78  PHE A CB  1 
ATOM   614  C CG  . PHE A 1 78  ? -6.439  9.200   -6.984  1.00 10.08 ? 78  PHE A CG  1 
ATOM   615  C CD1 . PHE A 1 78  ? -7.827  9.332   -6.827  1.00 11.54 ? 78  PHE A CD1 1 
ATOM   616  C CD2 . PHE A 1 78  ? -5.652  8.741   -5.920  1.00 10.88 ? 78  PHE A CD2 1 
ATOM   617  C CE1 . PHE A 1 78  ? -8.425  9.005   -5.598  1.00 10.92 ? 78  PHE A CE1 1 
ATOM   618  C CE2 . PHE A 1 78  ? -6.252  8.414   -4.703  1.00 11.44 ? 78  PHE A CE2 1 
ATOM   619  C CZ  . PHE A 1 78  ? -7.633  8.547   -4.543  1.00 11.33 ? 78  PHE A CZ  1 
ATOM   620  N N   . PRO A 1 79  ? -6.419  6.508   -10.415 1.00 10.89 ? 79  PRO A N   1 
ATOM   621  C CA  . PRO A 1 79  ? -7.512  5.863   -11.133 1.00 12.85 ? 79  PRO A CA  1 
ATOM   622  C C   . PRO A 1 79  ? -8.473  5.165   -10.145 1.00 13.30 ? 79  PRO A C   1 
ATOM   623  O O   . PRO A 1 79  ? -8.763  3.966   -10.312 1.00 15.86 ? 79  PRO A O   1 
ATOM   624  C CB  . PRO A 1 79  ? -6.757  4.928   -12.080 1.00 12.55 ? 79  PRO A CB  1 
ATOM   625  C CG  . PRO A 1 79  ? -5.641  4.420   -11.183 1.00 11.49 ? 79  PRO A CG  1 
ATOM   626  C CD  . PRO A 1 79  ? -5.187  5.710   -10.514 1.00 10.99 ? 79  PRO A CD  1 
ATOM   627  N N   . PHE A 1 80  ? -8.964  5.822   -9.107  1.00 11.83 ? 80  PHE A N   1 
ATOM   628  C CA  . PHE A 1 80  ? -9.770  5.161   -8.103  1.00 10.23 ? 80  PHE A CA  1 
ATOM   629  C C   . PHE A 1 80  ? -11.096 5.883   -8.037  1.00 10.87 ? 80  PHE A C   1 
ATOM   630  O O   . PHE A 1 80  ? -11.107 7.117   -8.141  1.00 11.74 ? 80  PHE A O   1 
ATOM   631  C CB  . PHE A 1 80  ? -9.101  5.231   -6.711  1.00 10.67 ? 80  PHE A CB  1 
ATOM   632  C CG  . PHE A 1 80  ? -7.737  4.576   -6.709  1.00 11.07 ? 80  PHE A CG  1 
ATOM   633  C CD1 . PHE A 1 80  ? -7.632  3.188   -6.625  1.00 11.87 ? 80  PHE A CD1 1 
ATOM   634  C CD2 . PHE A 1 80  ? -6.590  5.356   -6.881  1.00 10.54 ? 80  PHE A CD2 1 
ATOM   635  C CE1 . PHE A 1 80  ? -6.365  2.582   -6.732  1.00 12.62 ? 80  PHE A CE1 1 
ATOM   636  C CE2 . PHE A 1 80  ? -5.347  4.744   -6.985  1.00 10.48 ? 80  PHE A CE2 1 
ATOM   637  C CZ  . PHE A 1 80  ? -5.226  3.364   -6.917  1.00 11.21 ? 80  PHE A CZ  1 
ATOM   638  N N   . THR A 1 81  ? -12.193 5.155   -7.859  1.00 9.35  ? 81  THR A N   1 
ATOM   639  C CA  . THR A 1 81  ? -13.489 5.747   -7.669  1.00 8.85  ? 81  THR A CA  1 
ATOM   640  C C   . THR A 1 81  ? -14.143 5.154   -6.428  1.00 8.31  ? 81  THR A C   1 
ATOM   641  O O   . THR A 1 81  ? -14.112 3.933   -6.236  1.00 8.64  ? 81  THR A O   1 
ATOM   642  C CB  . THR A 1 81  ? -14.359 5.492   -8.916  1.00 10.71 ? 81  THR A CB  1 
ATOM   643  O OG1 . THR A 1 81  ? -13.698 6.120   -10.003 1.00 11.73 ? 81  THR A OG1 1 
ATOM   644  C CG2 . THR A 1 81  ? -15.763 6.073   -8.800  1.00 10.85 ? 81  THR A CG2 1 
ATOM   645  N N   . LYS A 1 82  ? -14.738 5.977   -5.565  1.00 7.43  ? 82  LYS A N   1 
ATOM   646  C CA  . LYS A 1 82  ? -15.482 5.477   -4.410  1.00 8.39  ? 82  LYS A CA  1 
ATOM   647  C C   . LYS A 1 82  ? -16.622 4.547   -4.860  1.00 7.92  ? 82  LYS A C   1 
ATOM   648  O O   . LYS A 1 82  ? -17.311 4.845   -5.842  1.00 8.28  ? 82  LYS A O   1 
ATOM   649  C CB  . LYS A 1 82  ? -16.080 6.643   -3.630  1.00 7.72  ? 82  LYS A CB  1 
ATOM   650  C CG  . LYS A 1 82  ? -15.014 7.506   -2.939  1.00 10.07 ? 82  LYS A CG  1 
ATOM   651  C CD  . LYS A 1 82  ? -15.564 8.668   -2.098  1.00 8.92  ? 82  LYS A CD  1 
ATOM   652  C CE  . LYS A 1 82  ? -16.073 9.782   -2.995  1.00 11.49 ? 82  LYS A CE  1 
ATOM   653  N NZ  . LYS A 1 82  ? -16.652 10.866  -2.227  1.00 8.73  ? 82  LYS A NZ  1 
ATOM   654  N N   . GLY A 1 83  ? -16.779 3.416   -4.163  1.00 8.01  ? 83  GLY A N   1 
ATOM   655  C CA  . GLY A 1 83  ? -17.776 2.408   -4.464  1.00 8.18  ? 83  GLY A CA  1 
ATOM   656  C C   . GLY A 1 83  ? -17.304 1.394   -5.510  1.00 8.91  ? 83  GLY A C   1 
ATOM   657  O O   . GLY A 1 83  ? -18.002 0.388   -5.773  1.00 9.31  ? 83  GLY A O   1 
ATOM   658  N N   . ASP A 1 84  ? -16.139 1.590   -6.125  1.00 7.75  ? 84  ASP A N   1 
ATOM   659  C CA  . ASP A 1 84  ? -15.650 0.724   -7.181  1.00 8.73  ? 84  ASP A CA  1 
ATOM   660  C C   . ASP A 1 84  ? -14.495 -0.180  -6.776  1.00 8.35  ? 84  ASP A C   1 
ATOM   661  O O   . ASP A 1 84  ? -13.823 0.052   -5.780  1.00 8.60  ? 84  ASP A O   1 
ATOM   662  C CB  . ASP A 1 84  ? -15.226 1.580   -8.372  1.00 9.79  ? 84  ASP A CB  1 
ATOM   663  C CG  . ASP A 1 84  ? -16.387 2.230   -9.140  1.00 14.12 ? 84  ASP A CG  1 
ATOM   664  O OD1 . ASP A 1 84  ? -16.114 2.949   -10.112 1.00 15.18 ? 84  ASP A OD1 1 
ATOM   665  O OD2 . ASP A 1 84  ? -17.557 2.009   -8.813  1.00 14.45 ? 84  ASP A OD2 1 
ATOM   666  N N   . HIS A 1 85  ? -14.266 -1.219  -7.578  1.00 9.91  ? 85  HIS A N   1 
ATOM   667  C CA  . HIS A 1 85  ? -13.174 -2.155  -7.377  1.00 10.68 ? 85  HIS A CA  1 
ATOM   668  C C   . HIS A 1 85  ? -11.827 -1.570  -7.782  1.00 10.42 ? 85  HIS A C   1 
ATOM   669  O O   . HIS A 1 85  ? -11.749 -0.629  -8.597  1.00 12.17 ? 85  HIS A O   1 
ATOM   670  C CB  . HIS A 1 85  ? -13.354 -3.423  -8.208  1.00 15.17 ? 85  HIS A CB  1 
ATOM   671  C CG  . HIS A 1 85  ? -14.547 -4.197  -7.705  1.00 20.93 ? 85  HIS A CG  1 
ATOM   672  N ND1 . HIS A 1 85  ? -14.596 -5.321  -6.991  1.00 24.17 ? 85  HIS A ND1 1 
ATOM   673  C CD2 . HIS A 1 85  ? -15.847 -3.790  -7.915  1.00 24.29 ? 85  HIS A CD2 1 
ATOM   674  C CE1 . HIS A 1 85  ? -15.868 -5.603  -6.755  1.00 25.92 ? 85  HIS A CE1 1 
ATOM   675  N NE2 . HIS A 1 85  ? -16.619 -4.667  -7.316  1.00 26.53 ? 85  HIS A NE2 1 
ATOM   676  N N   . PHE A 1 86  ? -10.759 -2.101  -7.224  1.00 8.94  ? 86  PHE A N   1 
ATOM   677  C CA  . PHE A 1 86  ? -9.407  -1.738  -7.641  1.00 8.92  ? 86  PHE A CA  1 
ATOM   678  C C   . PHE A 1 86  ? -8.573  -3.026  -7.577  1.00 9.40  ? 86  PHE A C   1 
ATOM   679  O O   . PHE A 1 86  ? -8.970  -4.001  -6.903  1.00 8.16  ? 86  PHE A O   1 
ATOM   680  C CB  . PHE A 1 86  ? -8.823  -0.689  -6.695  1.00 9.00  ? 86  PHE A CB  1 
ATOM   681  C CG  . PHE A 1 86  ? -8.618  -1.142  -5.258  1.00 9.42  ? 86  PHE A CG  1 
ATOM   682  C CD1 . PHE A 1 86  ? -9.628  -0.965  -4.319  1.00 10.94 ? 86  PHE A CD1 1 
ATOM   683  C CD2 . PHE A 1 86  ? -7.419  -1.763  -4.861  1.00 11.65 ? 86  PHE A CD2 1 
ATOM   684  C CE1 . PHE A 1 86  ? -9.445  -1.406  -3.001  1.00 10.43 ? 86  PHE A CE1 1 
ATOM   685  C CE2 . PHE A 1 86  ? -7.259  -2.201  -3.543  1.00 11.63 ? 86  PHE A CE2 1 
ATOM   686  C CZ  . PHE A 1 86  ? -8.274  -2.023  -2.613  1.00 11.03 ? 86  PHE A CZ  1 
ATOM   687  N N   . GLN A 1 87  ? -7.404  -3.018  -8.212  1.00 9.68  ? 87  GLN A N   1 
ATOM   688  C CA  . GLN A 1 87  ? -6.486  -4.158  -8.223  1.00 11.04 ? 87  GLN A CA  1 
ATOM   689  C C   . GLN A 1 87  ? -5.072  -3.583  -8.231  1.00 10.06 ? 87  GLN A C   1 
ATOM   690  O O   . GLN A 1 87  ? -4.803  -2.700  -9.054  1.00 10.09 ? 87  GLN A O   1 
ATOM   691  C CB  . GLN A 1 87  ? -6.739  -4.978  -9.478  1.00 14.92 ? 87  GLN A CB  1 
ATOM   692  C CG  . GLN A 1 87  ? -5.881  -6.212  -9.504  1.00 21.31 ? 87  GLN A CG  1 
ATOM   693  C CD  . GLN A 1 87  ? -6.385  -7.223  -10.524 1.00 23.75 ? 87  GLN A CD  1 
ATOM   694  O OE1 . GLN A 1 87  ? -5.615  -7.788  -11.293 1.00 27.27 ? 87  GLN A OE1 1 
ATOM   695  N NE2 . GLN A 1 87  ? -7.680  -7.521  -10.571 1.00 26.29 ? 87  GLN A NE2 1 
ATOM   696  N N   . THR A 1 88  ? -4.184  -4.027  -7.346  1.00 8.10  ? 88  THR A N   1 
ATOM   697  C CA  . THR A 1 88  ? -2.833  -3.507  -7.256  1.00 8.01  ? 88  THR A CA  1 
ATOM   698  C C   . THR A 1 88  ? -1.879  -4.679  -7.134  1.00 7.87  ? 88  THR A C   1 
ATOM   699  O O   . THR A 1 88  ? -2.152  -5.649  -6.404  1.00 6.98  ? 88  THR A O   1 
ATOM   700  C CB  . THR A 1 88  ? -2.674  -2.597  -6.022  1.00 9.79  ? 88  THR A CB  1 
ATOM   701  O OG1 . THR A 1 88  ? -3.714  -1.621  -6.147  1.00 13.49 ? 88  THR A OG1 1 
ATOM   702  C CG2 . THR A 1 88  ? -1.314  -1.931  -5.922  1.00 9.44  ? 88  THR A CG2 1 
ATOM   703  N N   . THR A 1 89  ? -0.763  -4.541  -7.844  1.00 7.17  ? 89  THR A N   1 
ATOM   704  C CA  . THR A 1 89  ? 0.298   -5.527  -7.792  1.00 7.96  ? 89  THR A CA  1 
ATOM   705  C C   . THR A 1 89  ? 1.594   -4.850  -7.342  1.00 8.22  ? 89  THR A C   1 
ATOM   706  O O   . THR A 1 89  ? 1.939   -3.750  -7.800  1.00 7.70  ? 89  THR A O   1 
ATOM   707  C CB  . THR A 1 89  ? 0.529   -6.201  -9.189  1.00 10.33 ? 89  THR A CB  1 
ATOM   708  O OG1 . THR A 1 89  ? -0.687  -6.897  -9.475  1.00 12.97 ? 89  THR A OG1 1 
ATOM   709  C CG2 . THR A 1 89  ? 1.698   -7.205  -9.242  1.00 10.23 ? 89  THR A CG2 1 
ATOM   710  N N   . ILE A 1 90  ? 2.286   -5.511  -6.427  1.00 6.62  ? 90  ILE A N   1 
ATOM   711  C CA  . ILE A 1 90  ? 3.512   -5.001  -5.847  1.00 6.83  ? 90  ILE A CA  1 
ATOM   712  C C   . ILE A 1 90  ? 4.603   -6.062  -5.943  1.00 7.03  ? 90  ILE A C   1 
ATOM   713  O O   . ILE A 1 90  ? 4.351   -7.258  -5.713  1.00 6.85  ? 90  ILE A O   1 
ATOM   714  C CB  . ILE A 1 90  ? 3.253   -4.609  -4.355  1.00 7.36  ? 90  ILE A CB  1 
ATOM   715  C CG1 . ILE A 1 90  ? 2.136   -3.578  -4.264  1.00 7.11  ? 90  ILE A CG1 1 
ATOM   716  C CG2 . ILE A 1 90  ? 4.558   -4.097  -3.710  1.00 7.69  ? 90  ILE A CG2 1 
ATOM   717  C CD1 . ILE A 1 90  ? 1.646   -3.305  -2.836  1.00 8.87  ? 90  ILE A CD1 1 
ATOM   718  N N   . THR A 1 91  ? 5.805   -5.659  -6.312  1.00 6.96  ? 91  THR A N   1 
ATOM   719  C CA  . THR A 1 91  ? 6.976   -6.511  -6.218  1.00 7.54  ? 91  THR A CA  1 
ATOM   720  C C   . THR A 1 91  ? 8.113   -5.587  -5.746  1.00 7.85  ? 91  THR A C   1 
ATOM   721  O O   . THR A 1 91  ? 7.910   -4.358  -5.680  1.00 8.12  ? 91  THR A O   1 
ATOM   722  C CB  . THR A 1 91  ? 7.298   -7.159  -7.604  1.00 8.11  ? 91  THR A CB  1 
ATOM   723  O OG1 A THR A 1 91  ? 6.073   -7.653  -8.084  0.50 12.38 ? 91  THR A OG1 1 
ATOM   724  O OG1 B THR A 1 91  ? 8.170   -8.252  -7.292  0.50 7.10  ? 91  THR A OG1 1 
ATOM   725  C CG2 A THR A 1 91  ? 8.314   -8.298  -7.536  0.50 9.93  ? 91  THR A CG2 1 
ATOM   726  C CG2 B THR A 1 91  ? 7.845   -6.206  -8.646  0.50 3.71  ? 91  THR A CG2 1 
ATOM   727  N N   . PHE A 1 92  ? 9.288   -6.118  -5.407  1.00 7.35  ? 92  PHE A N   1 
ATOM   728  C CA  . PHE A 1 92  ? 10.346  -5.258  -4.929  1.00 8.05  ? 92  PHE A CA  1 
ATOM   729  C C   . PHE A 1 92  ? 11.694  -5.926  -5.055  1.00 8.73  ? 92  PHE A C   1 
ATOM   730  O O   . PHE A 1 92  ? 11.778  -7.165  -5.187  1.00 9.31  ? 92  PHE A O   1 
ATOM   731  C CB  . PHE A 1 92  ? 10.099  -4.872  -3.448  1.00 7.85  ? 92  PHE A CB  1 
ATOM   732  C CG  . PHE A 1 92  ? 10.159  -6.014  -2.439  1.00 8.88  ? 92  PHE A CG  1 
ATOM   733  C CD1 . PHE A 1 92  ? 9.020   -6.770  -2.170  1.00 9.71  ? 92  PHE A CD1 1 
ATOM   734  C CD2 . PHE A 1 92  ? 11.373  -6.327  -1.789  1.00 9.01  ? 92  PHE A CD2 1 
ATOM   735  C CE1 . PHE A 1 92  ? 9.099   -7.835  -1.263  1.00 9.23  ? 92  PHE A CE1 1 
ATOM   736  C CE2 . PHE A 1 92  ? 11.438  -7.390  -0.885  1.00 9.60  ? 92  PHE A CE2 1 
ATOM   737  C CZ  . PHE A 1 92  ? 10.304  -8.142  -0.625  1.00 9.19  ? 92  PHE A CZ  1 
ATOM   738  N N   . ASP A 1 93  ? 12.746  -5.105  -5.118  1.00 8.38  ? 93  ASP A N   1 
ATOM   739  C CA  . ASP A 1 93  ? 14.066  -5.675  -4.954  1.00 8.39  ? 93  ASP A CA  1 
ATOM   740  C C   . ASP A 1 93  ? 14.675  -4.950  -3.765  1.00 9.45  ? 93  ASP A C   1 
ATOM   741  O O   . ASP A 1 93  ? 13.952  -4.201  -3.103  1.00 8.73  ? 93  ASP A O   1 
ATOM   742  C CB  . ASP A 1 93  ? 14.915  -5.485  -6.207  1.00 9.72  ? 93  ASP A CB  1 
ATOM   743  C CG  . ASP A 1 93  ? 15.075  -4.078  -6.748  1.00 10.12 ? 93  ASP A CG  1 
ATOM   744  O OD1 . ASP A 1 93  ? 15.305  -4.000  -7.949  1.00 11.79 ? 93  ASP A OD1 1 
ATOM   745  O OD2 . ASP A 1 93  ? 14.965  -3.104  -6.007  1.00 9.09  ? 93  ASP A OD2 1 
ATOM   746  N N   . THR A 1 94  ? 15.998  -5.016  -3.509  1.00 11.34 ? 94  THR A N   1 
ATOM   747  C CA  . THR A 1 94  ? 16.491  -4.347  -2.291  1.00 12.37 ? 94  THR A CA  1 
ATOM   748  C C   . THR A 1 94  ? 16.529  -2.847  -2.333  1.00 10.24 ? 94  THR A C   1 
ATOM   749  O O   . THR A 1 94  ? 16.747  -2.183  -1.331  1.00 11.03 ? 94  THR A O   1 
ATOM   750  C CB  . THR A 1 94  ? 17.906  -4.767  -1.874  1.00 15.17 ? 94  THR A CB  1 
ATOM   751  O OG1 . THR A 1 94  ? 18.726  -4.653  -3.028  1.00 17.43 ? 94  THR A OG1 1 
ATOM   752  C CG2 . THR A 1 94  ? 17.881  -6.131  -1.167  1.00 17.68 ? 94  THR A CG2 1 
ATOM   753  N N   . HIS A 1 95  ? 16.314  -2.301  -3.521  1.00 9.66  ? 95  HIS A N   1 
ATOM   754  C CA  . HIS A 1 95  ? 16.337  -0.854  -3.670  1.00 10.73 ? 95  HIS A CA  1 
ATOM   755  C C   . HIS A 1 95  ? 15.015  -0.157  -3.914  1.00 8.65  ? 95  HIS A C   1 
ATOM   756  O O   . HIS A 1 95  ? 14.882  1.023   -3.567  1.00 8.38  ? 95  HIS A O   1 
ATOM   757  C CB  . HIS A 1 95  ? 17.254  -0.455  -4.813  1.00 14.13 ? 95  HIS A CB  1 
ATOM   758  C CG  . HIS A 1 95  ? 18.681  -0.785  -4.447  1.00 20.38 ? 95  HIS A CG  1 
ATOM   759  N ND1 . HIS A 1 95  ? 19.462  -1.746  -4.936  1.00 23.72 ? 95  HIS A ND1 1 
ATOM   760  C CD2 . HIS A 1 95  ? 19.358  -0.147  -3.430  1.00 22.45 ? 95  HIS A CD2 1 
ATOM   761  C CE1 . HIS A 1 95  ? 20.583  -1.718  -4.232  1.00 24.83 ? 95  HIS A CE1 1 
ATOM   762  N NE2 . HIS A 1 95  ? 20.504  -0.753  -3.335  1.00 25.87 ? 95  HIS A NE2 1 
ATOM   763  N N   . THR A 1 96  ? 14.028  -0.879  -4.465  1.00 7.90  ? 96  THR A N   1 
ATOM   764  C CA  . THR A 1 96  ? 12.830  -0.243  -4.986  1.00 7.72  ? 96  THR A CA  1 
ATOM   765  C C   . THR A 1 96  ? 11.585  -1.100  -4.806  1.00 7.53  ? 96  THR A C   1 
ATOM   766  O O   . THR A 1 96  ? 11.684  -2.298  -5.124  1.00 7.96  ? 96  THR A O   1 
ATOM   767  C CB  . THR A 1 96  ? 12.985  0.023   -6.525  1.00 7.92  ? 96  THR A CB  1 
ATOM   768  O OG1 . THR A 1 96  ? 14.225  0.693   -6.701  1.00 8.70  ? 96  THR A OG1 1 
ATOM   769  C CG2 . THR A 1 96  ? 11.820  0.801   -7.121  1.00 7.63  ? 96  THR A CG2 1 
ATOM   770  N N   . PHE A 1 97  ? 10.462  -0.513  -4.378  1.00 6.35  ? 97  PHE A N   1 
ATOM   771  C CA  . PHE A 1 97  ? 9.137   -1.130  -4.495  1.00 6.49  ? 97  PHE A CA  1 
ATOM   772  C C   . PHE A 1 97  ? 8.534   -0.704  -5.832  1.00 6.06  ? 97  PHE A C   1 
ATOM   773  O O   . PHE A 1 97  ? 8.524   0.475   -6.178  1.00 6.47  ? 97  PHE A O   1 
ATOM   774  C CB  . PHE A 1 97  ? 8.130   -0.698  -3.429  1.00 6.43  ? 97  PHE A CB  1 
ATOM   775  C CG  . PHE A 1 97  ? 8.466   -1.291  -2.055  1.00 7.05  ? 97  PHE A CG  1 
ATOM   776  C CD1 . PHE A 1 97  ? 7.882   -2.497  -1.676  1.00 8.48  ? 97  PHE A CD1 1 
ATOM   777  C CD2 . PHE A 1 97  ? 9.318   -0.608  -1.188  1.00 8.37  ? 97  PHE A CD2 1 
ATOM   778  C CE1 . PHE A 1 97  ? 8.146   -3.029  -0.423  1.00 9.06  ? 97  PHE A CE1 1 
ATOM   779  C CE2 . PHE A 1 97  ? 9.585   -1.141  0.071   1.00 10.06 ? 97  PHE A CE2 1 
ATOM   780  C CZ  . PHE A 1 97  ? 8.996   -2.351  0.447   1.00 9.97  ? 97  PHE A CZ  1 
ATOM   781  N N   . TYR A 1 98  ? 8.044   -1.686  -6.576  1.00 5.48  ? 98  TYR A N   1 
ATOM   782  C CA  . TYR A 1 98  ? 7.416   -1.468  -7.878  1.00 6.72  ? 98  TYR A CA  1 
ATOM   783  C C   . TYR A 1 98  ? 5.922   -1.753  -7.717  1.00 7.63  ? 98  TYR A C   1 
ATOM   784  O O   . TYR A 1 98  ? 5.542   -2.911  -7.430  1.00 8.08  ? 98  TYR A O   1 
ATOM   785  C CB  . TYR A 1 98  ? 8.026   -2.420  -8.904  1.00 7.02  ? 98  TYR A CB  1 
ATOM   786  C CG  . TYR A 1 98  ? 9.469   -2.088  -9.215  1.00 6.82  ? 98  TYR A CG  1 
ATOM   787  C CD1 . TYR A 1 98  ? 10.489  -2.862  -8.660  1.00 8.32  ? 98  TYR A CD1 1 
ATOM   788  C CD2 . TYR A 1 98  ? 9.754   -1.033  -10.087 1.00 7.34  ? 98  TYR A CD2 1 
ATOM   789  C CE1 . TYR A 1 98  ? 11.829  -2.602  -8.982  1.00 8.84  ? 98  TYR A CE1 1 
ATOM   790  C CE2 . TYR A 1 98  ? 11.091  -0.770  -10.417 1.00 7.92  ? 98  TYR A CE2 1 
ATOM   791  C CZ  . TYR A 1 98  ? 12.105  -1.561  -9.865  1.00 9.07  ? 98  TYR A CZ  1 
ATOM   792  O OH  . TYR A 1 98  ? 13.423  -1.347  -10.199 1.00 9.54  ? 98  TYR A OH  1 
ATOM   793  N N   . ILE A 1 99  ? 5.106   -0.717  -7.894  1.00 6.65  ? 99  ILE A N   1 
ATOM   794  C CA  . ILE A 1 99  ? 3.672   -0.814  -7.692  1.00 8.43  ? 99  ILE A CA  1 
ATOM   795  C C   . ILE A 1 99  ? 2.986   -0.600  -9.036  1.00 8.45  ? 99  ILE A C   1 
ATOM   796  O O   . ILE A 1 99  ? 3.338   0.348   -9.756  1.00 9.16  ? 99  ILE A O   1 
ATOM   797  C CB  . ILE A 1 99  ? 3.227   0.269   -6.662  1.00 8.88  ? 99  ILE A CB  1 
ATOM   798  C CG1 . ILE A 1 99  ? 3.924   0.120   -5.319  1.00 9.10  ? 99  ILE A CG1 1 
ATOM   799  C CG2 . ILE A 1 99  ? 1.739   0.109   -6.406  1.00 10.35 ? 99  ILE A CG2 1 
ATOM   800  C CD1 . ILE A 1 99  ? 4.266   1.490   -4.721  1.00 13.00 ? 99  ILE A CD1 1 
ATOM   801  N N   . GLN A 1 100 ? 2.006   -1.435  -9.379  1.00 7.34  ? 100 GLN A N   1 
ATOM   802  C CA  . GLN A 1 100 ? 1.248   -1.248  -10.606 1.00 8.52  ? 100 GLN A CA  1 
ATOM   803  C C   . GLN A 1 100 ? -0.205  -1.087  -10.222 1.00 8.54  ? 100 GLN A C   1 
ATOM   804  O O   . GLN A 1 100 ? -0.751  -1.847  -9.417  1.00 7.97  ? 100 GLN A O   1 
ATOM   805  C CB  . GLN A 1 100 ? 1.425   -2.428  -11.524 1.00 11.24 ? 100 GLN A CB  1 
ATOM   806  C CG  . GLN A 1 100 ? 0.703   -2.128  -12.851 1.00 17.07 ? 100 GLN A CG  1 
ATOM   807  C CD  . GLN A 1 100 ? 1.394   -2.725  -14.079 1.00 21.24 ? 100 GLN A CD  1 
ATOM   808  O OE1 . GLN A 1 100 ? 1.308   -2.189  -15.193 1.00 20.55 ? 100 GLN A OE1 1 
ATOM   809  N NE2 . GLN A 1 100 ? 2.140   -3.837  -13.966 1.00 23.25 ? 100 GLN A NE2 1 
ATOM   810  N N   . LEU A 1 101 ? -0.811  -0.001  -10.703 1.00 9.39  ? 101 LEU A N   1 
ATOM   811  C CA  . LEU A 1 101 ? -2.195  0.355   -10.384 1.00 10.65 ? 101 LEU A CA  1 
ATOM   812  C C   . LEU A 1 101 ? -3.193  -0.357  -11.322 1.00 11.17 ? 101 LEU A C   1 
ATOM   813  O O   . LEU A 1 101 ? -2.777  -0.987  -12.306 1.00 10.33 ? 101 LEU A O   1 
ATOM   814  C CB  . LEU A 1 101 ? -2.354  1.896   -10.462 1.00 10.66 ? 101 LEU A CB  1 
ATOM   815  C CG  . LEU A 1 101 ? -1.307  2.717   -9.709  1.00 11.73 ? 101 LEU A CG  1 
ATOM   816  C CD1 . LEU A 1 101 ? -1.551  4.189   -9.942  1.00 11.18 ? 101 LEU A CD1 1 
ATOM   817  C CD2 . LEU A 1 101 ? -1.357  2.369   -8.212  1.00 12.09 ? 101 LEU A CD2 1 
ATOM   818  N N   . SER A 1 102 ? -4.509  -0.244  -11.036 1.00 13.05 ? 102 SER A N   1 
ATOM   819  C CA  . SER A 1 102 ? -5.604  -0.881  -11.813 1.00 15.14 ? 102 SER A CA  1 
ATOM   820  C C   . SER A 1 102 ? -5.576  -0.551  -13.305 1.00 14.41 ? 102 SER A C   1 
ATOM   821  O O   . SER A 1 102 ? -5.835  -1.422  -14.146 1.00 16.45 ? 102 SER A O   1 
ATOM   822  C CB  . SER A 1 102 ? -7.015  -0.455  -11.309 1.00 14.80 ? 102 SER A CB  1 
ATOM   823  O OG  . SER A 1 102 ? -7.197  -0.319  -9.890  1.00 18.69 ? 102 SER A OG  1 
ATOM   824  N N   . ASN A 1 103 ? -5.215  0.695   -13.664 1.00 14.35 ? 103 ASN A N   1 
ATOM   825  C CA  . ASN A 1 103 ? -5.181  1.118   -15.065 1.00 12.80 ? 103 ASN A CA  1 
ATOM   826  C C   . ASN A 1 103 ? -3.843  0.854   -15.750 1.00 11.82 ? 103 ASN A C   1 
ATOM   827  O O   . ASN A 1 103 ? -3.652  1.274   -16.897 1.00 11.39 ? 103 ASN A O   1 
ATOM   828  C CB  . ASN A 1 103 ? -5.501  2.602   -15.160 1.00 12.64 ? 103 ASN A CB  1 
ATOM   829  C CG  . ASN A 1 103 ? -4.433  3.472   -14.500 1.00 14.78 ? 103 ASN A CG  1 
ATOM   830  O OD1 . ASN A 1 103 ? -3.647  3.025   -13.641 1.00 12.20 ? 103 ASN A OD1 1 
ATOM   831  N ND2 . ASN A 1 103 ? -4.357  4.756   -14.840 1.00 13.26 ? 103 ASN A ND2 1 
ATOM   832  N N   . GLY A 1 104 ? -2.882  0.185   -15.093 1.00 10.09 ? 104 GLY A N   1 
ATOM   833  C CA  . GLY A 1 104 ? -1.603  -0.115  -15.717 1.00 9.09  ? 104 GLY A CA  1 
ATOM   834  C C   . GLY A 1 104 ? -0.537  0.912   -15.383 1.00 8.24  ? 104 GLY A C   1 
ATOM   835  O O   . GLY A 1 104 ? 0.628   0.683   -15.662 1.00 8.61  ? 104 GLY A O   1 
ATOM   836  N N   . GLU A 1 105 ? -0.878  2.057   -14.800 1.00 8.57  ? 105 GLU A N   1 
ATOM   837  C CA  . GLU A 1 105 ? 0.158   3.035   -14.459 1.00 9.99  ? 105 GLU A CA  1 
ATOM   838  C C   . GLU A 1 105 ? 0.992   2.511   -13.285 1.00 10.16 ? 105 GLU A C   1 
ATOM   839  O O   . GLU A 1 105 ? 0.522   1.705   -12.467 1.00 9.49  ? 105 GLU A O   1 
ATOM   840  C CB  . GLU A 1 105 ? -0.438  4.399   -14.055 1.00 10.73 ? 105 GLU A CB  1 
ATOM   841  C CG  . GLU A 1 105 ? -0.905  5.136   -15.297 1.00 13.78 ? 105 GLU A CG  1 
ATOM   842  C CD  . GLU A 1 105 ? -1.446  6.533   -15.035 1.00 17.48 ? 105 GLU A CD  1 
ATOM   843  O OE1 . GLU A 1 105 ? -0.854  7.452   -15.598 1.00 21.92 ? 105 GLU A OE1 1 
ATOM   844  O OE2 . GLU A 1 105 ? -2.425  6.710   -14.295 1.00 16.37 ? 105 GLU A OE2 1 
ATOM   845  N N   . THR A 1 106 ? 2.245   2.949   -13.185 1.00 9.97  ? 106 THR A N   1 
ATOM   846  C CA  . THR A 1 106 ? 3.086   2.433   -12.112 1.00 10.62 ? 106 THR A CA  1 
ATOM   847  C C   . THR A 1 106 ? 3.576   3.550   -11.214 1.00 9.98  ? 106 THR A C   1 
ATOM   848  O O   . THR A 1 106 ? 3.625   4.722   -11.634 1.00 10.90 ? 106 THR A O   1 
ATOM   849  C CB  . THR A 1 106 ? 4.305   1.653   -12.704 1.00 11.91 ? 106 THR A CB  1 
ATOM   850  O OG1 . THR A 1 106 ? 5.174   2.632   -13.267 1.00 15.52 ? 106 THR A OG1 1 
ATOM   851  C CG2 . THR A 1 106 ? 3.946   0.652   -13.798 1.00 12.30 ? 106 THR A CG2 1 
ATOM   852  N N   . VAL A 1 107 ? 3.939   3.203   -9.981  1.00 8.92  ? 107 VAL A N   1 
ATOM   853  C CA  . VAL A 1 107 ? 4.576   4.113   -9.048  1.00 8.81  ? 107 VAL A CA  1 
ATOM   854  C C   . VAL A 1 107 ? 5.732   3.298   -8.459  1.00 8.77  ? 107 VAL A C   1 
ATOM   855  O O   . VAL A 1 107 ? 5.643   2.074   -8.304  1.00 8.72  ? 107 VAL A O   1 
ATOM   856  C CB  . VAL A 1 107 ? 3.513   4.634   -7.949  1.00 10.60 ? 107 VAL A CB  1 
ATOM   857  C CG1 A VAL A 1 107 ? 2.626   3.528   -7.479  0.50 12.25 ? 107 VAL A CG1 1 
ATOM   858  C CG1 B VAL A 1 107 ? 4.199   5.504   -6.900  0.50 10.51 ? 107 VAL A CG1 1 
ATOM   859  C CG2 A VAL A 1 107 ? 4.225   5.232   -6.738  0.50 11.78 ? 107 VAL A CG2 1 
ATOM   860  C CG2 B VAL A 1 107 ? 2.422   5.468   -8.612  0.50 7.89  ? 107 VAL A CG2 1 
ATOM   861  N N   . GLU A 1 108 ? 6.882   3.937   -8.231  1.00 8.62  ? 108 GLU A N   1 
ATOM   862  C CA  . GLU A 1 108 ? 8.033   3.283   -7.616  1.00 9.01  ? 108 GLU A CA  1 
ATOM   863  C C   . GLU A 1 108 ? 8.338   4.020   -6.320  1.00 10.15 ? 108 GLU A C   1 
ATOM   864  O O   . GLU A 1 108 ? 8.148   5.247   -6.250  1.00 11.69 ? 108 GLU A O   1 
ATOM   865  C CB  . GLU A 1 108 ? 9.274   3.345   -8.492  1.00 10.73 ? 108 GLU A CB  1 
ATOM   866  C CG  . GLU A 1 108 ? 9.200   2.555   -9.784  1.00 12.59 ? 108 GLU A CG  1 
ATOM   867  C CD  . GLU A 1 108 ? 8.281   3.151   -10.845 1.00 15.53 ? 108 GLU A CD  1 
ATOM   868  O OE1 . GLU A 1 108 ? 8.387   4.358   -11.108 1.00 15.34 ? 108 GLU A OE1 1 
ATOM   869  O OE2 . GLU A 1 108 ? 7.440   2.422   -11.392 1.00 15.73 ? 108 GLU A OE2 1 
ATOM   870  N N   . PHE A 1 109 ? 8.812   3.374   -5.272  1.00 8.36  ? 109 PHE A N   1 
ATOM   871  C CA  . PHE A 1 109 ? 9.076   4.028   -3.997  1.00 7.99  ? 109 PHE A CA  1 
ATOM   872  C C   . PHE A 1 109 ? 10.330  3.334   -3.472  1.00 8.52  ? 109 PHE A C   1 
ATOM   873  O O   . PHE A 1 109 ? 10.427  2.116   -3.632  1.00 8.94  ? 109 PHE A O   1 
ATOM   874  C CB  . PHE A 1 109 ? 7.874   3.798   -3.094  1.00 9.08  ? 109 PHE A CB  1 
ATOM   875  C CG  . PHE A 1 109 ? 8.044   4.366   -1.701  1.00 8.52  ? 109 PHE A CG  1 
ATOM   876  C CD1 . PHE A 1 109 ? 7.998   5.744   -1.498  1.00 8.84  ? 109 PHE A CD1 1 
ATOM   877  C CD2 . PHE A 1 109 ? 8.243   3.485   -0.620  1.00 10.24 ? 109 PHE A CD2 1 
ATOM   878  C CE1 . PHE A 1 109 ? 8.154   6.229   -0.200  1.00 10.10 ? 109 PHE A CE1 1 
ATOM   879  C CE2 . PHE A 1 109 ? 8.397   3.983   0.671   1.00 9.25  ? 109 PHE A CE2 1 
ATOM   880  C CZ  . PHE A 1 109 ? 8.351   5.352   0.876   1.00 10.27 ? 109 PHE A CZ  1 
ATOM   881  N N   . PRO A 1 110 ? 11.358  3.989   -2.927  1.00 8.15  ? 110 PRO A N   1 
ATOM   882  C CA  . PRO A 1 110 ? 12.552  3.330   -2.428  1.00 8.22  ? 110 PRO A CA  1 
ATOM   883  C C   . PRO A 1 110 ? 12.288  2.328   -1.290  1.00 7.79  ? 110 PRO A C   1 
ATOM   884  O O   . PRO A 1 110 ? 11.448  2.521   -0.396  1.00 8.18  ? 110 PRO A O   1 
ATOM   885  C CB  . PRO A 1 110 ? 13.443  4.487   -1.987  1.00 9.24  ? 110 PRO A CB  1 
ATOM   886  C CG  . PRO A 1 110 ? 12.452  5.527   -1.544  1.00 11.65 ? 110 PRO A CG  1 
ATOM   887  C CD  . PRO A 1 110 ? 11.380  5.427   -2.624  1.00 9.75  ? 110 PRO A CD  1 
ATOM   888  N N   . ASN A 1 111 ? 13.075  1.261   -1.320  1.00 8.02  ? 111 ASN A N   1 
ATOM   889  C CA  . ASN A 1 111 ? 13.107  0.294   -0.219  1.00 8.13  ? 111 ASN A CA  1 
ATOM   890  C C   . ASN A 1 111 ? 14.152  0.869   0.740   1.00 7.98  ? 111 ASN A C   1 
ATOM   891  O O   . ASN A 1 111 ? 15.336  0.522   0.691   1.00 9.58  ? 111 ASN A O   1 
ATOM   892  C CB  . ASN A 1 111 ? 13.548  -1.052  -0.758  1.00 8.41  ? 111 ASN A CB  1 
ATOM   893  C CG  . ASN A 1 111 ? 13.581  -2.165  0.261   1.00 7.88  ? 111 ASN A CG  1 
ATOM   894  O OD1 . ASN A 1 111 ? 13.612  -3.323  -0.138  1.00 11.40 ? 111 ASN A OD1 1 
ATOM   895  N ND2 . ASN A 1 111 ? 13.545  -1.959  1.551   1.00 8.62  ? 111 ASN A ND2 1 
ATOM   896  N N   . ARG A 1 112 ? 13.728  1.753   1.623   1.00 9.05  ? 112 ARG A N   1 
ATOM   897  C CA  . ARG A 1 112 ? 14.607  2.521   2.494   1.00 9.99  ? 112 ARG A CA  1 
ATOM   898  C C   . ARG A 1 112 ? 15.425  1.719   3.478   1.00 11.34 ? 112 ARG A C   1 
ATOM   899  O O   . ARG A 1 112 ? 16.568  2.064   3.792   1.00 12.31 ? 112 ARG A O   1 
ATOM   900  C CB  . ARG A 1 112 ? 13.767  3.535   3.246   1.00 10.55 ? 112 ARG A CB  1 
ATOM   901  C CG  . ARG A 1 112 ? 13.232  4.594   2.289   1.00 10.43 ? 112 ARG A CG  1 
ATOM   902  C CD  . ARG A 1 112 ? 12.240  5.524   2.965   1.00 10.18 ? 112 ARG A CD  1 
ATOM   903  N NE  . ARG A 1 112 ? 11.927  6.663   2.110   1.00 9.72  ? 112 ARG A NE  1 
ATOM   904  C CZ  . ARG A 1 112 ? 10.917  7.503   2.328   1.00 8.94  ? 112 ARG A CZ  1 
ATOM   905  N NH1 . ARG A 1 112 ? 10.749  8.494   1.459   1.00 10.16 ? 112 ARG A NH1 1 
ATOM   906  N NH2 . ARG A 1 112 ? 10.079  7.355   3.343   1.00 7.88  ? 112 ARG A NH2 1 
ATOM   907  N N   . ASN A 1 113 ? 14.924  0.606   3.996   1.00 12.34 ? 113 ASN A N   1 
ATOM   908  C CA  . ASN A 1 113 ? 15.738  -0.167  4.925   1.00 13.95 ? 113 ASN A CA  1 
ATOM   909  C C   . ASN A 1 113 ? 16.525  -1.258  4.238   1.00 13.22 ? 113 ASN A C   1 
ATOM   910  O O   . ASN A 1 113 ? 17.274  -1.964  4.899   1.00 13.93 ? 113 ASN A O   1 
ATOM   911  C CB  . ASN A 1 113 ? 14.906  -0.856  5.989   1.00 17.60 ? 113 ASN A CB  1 
ATOM   912  C CG  . ASN A 1 113 ? 13.808  -0.043  6.618   1.00 19.42 ? 113 ASN A CG  1 
ATOM   913  O OD1 . ASN A 1 113 ? 12.820  -0.679  7.010   1.00 24.12 ? 113 ASN A OD1 1 
ATOM   914  N ND2 . ASN A 1 113 ? 13.798  1.292   6.681   1.00 18.77 ? 113 ASN A ND2 1 
ATOM   915  N N   . LYS A 1 114 ? 16.393  -1.441  2.923   1.00 13.15 ? 114 LYS A N   1 
ATOM   916  C CA  . LYS A 1 114 ? 17.045  -2.485  2.139   1.00 14.01 ? 114 LYS A CA  1 
ATOM   917  C C   . LYS A 1 114 ? 16.605  -3.886  2.611   1.00 14.18 ? 114 LYS A C   1 
ATOM   918  O O   . LYS A 1 114 ? 17.371  -4.847  2.612   1.00 15.43 ? 114 LYS A O   1 
ATOM   919  C CB  . LYS A 1 114 ? 18.583  -2.324  2.234   1.00 16.49 ? 114 LYS A CB  1 
ATOM   920  C CG  . LYS A 1 114 ? 19.170  -1.015  1.687   1.00 20.26 ? 114 LYS A CG  1 
ATOM   921  C CD  . LYS A 1 114 ? 19.436  -1.172  0.203   1.00 23.03 ? 114 LYS A CD  1 
ATOM   922  C CE  . LYS A 1 114 ? 20.525  -2.218  -0.155  1.00 24.72 ? 114 LYS A CE  1 
ATOM   923  N NZ  . LYS A 1 114 ? 21.883  -1.925  0.316   1.00 24.15 ? 114 LYS A NZ  1 
ATOM   924  N N   . ASP A 1 115 ? 15.345  -4.012  3.044   1.00 13.63 ? 115 ASP A N   1 
ATOM   925  C CA  . ASP A 1 115 ? 14.786  -5.283  3.501   1.00 13.70 ? 115 ASP A CA  1 
ATOM   926  C C   . ASP A 1 115 ? 14.564  -6.292  2.381   1.00 12.70 ? 115 ASP A C   1 
ATOM   927  O O   . ASP A 1 115 ? 14.244  -5.942  1.252   1.00 11.38 ? 115 ASP A O   1 
ATOM   928  C CB  . ASP A 1 115 ? 13.448  -5.058  4.200   1.00 16.50 ? 115 ASP A CB  1 
ATOM   929  C CG  . ASP A 1 115 ? 13.549  -4.349  5.547   1.00 18.71 ? 115 ASP A CG  1 
ATOM   930  O OD1 . ASP A 1 115 ? 12.793  -3.409  5.798   1.00 23.62 ? 115 ASP A OD1 1 
ATOM   931  O OD2 . ASP A 1 115 ? 14.381  -4.735  6.352   1.00 21.52 ? 115 ASP A OD2 1 
ATOM   932  N N   . ALA A 1 116 ? 14.682  -7.591  2.680   1.00 11.77 ? 116 ALA A N   1 
ATOM   933  C CA  . ALA A 1 116 ? 14.493  -8.593  1.654   1.00 11.65 ? 116 ALA A CA  1 
ATOM   934  C C   . ALA A 1 116 ? 13.243  -9.468  1.827   1.00 10.03 ? 116 ALA A C   1 
ATOM   935  O O   . ALA A 1 116 ? 12.915  -10.285 0.965   1.00 10.45 ? 116 ALA A O   1 
ATOM   936  C CB  . ALA A 1 116 ? 15.723  -9.509  1.596   1.00 14.31 ? 116 ALA A CB  1 
ATOM   937  N N   . ALA A 1 117 ? 12.537  -9.302  2.941   1.00 10.85 ? 117 ALA A N   1 
ATOM   938  C CA  . ALA A 1 117 ? 11.318  -10.073 3.223   1.00 10.27 ? 117 ALA A CA  1 
ATOM   939  C C   . ALA A 1 117 ? 10.454  -9.257  4.186   1.00 10.69 ? 117 ALA A C   1 
ATOM   940  O O   . ALA A 1 117 ? 11.019  -8.491  5.011   1.00 11.75 ? 117 ALA A O   1 
ATOM   941  C CB  . ALA A 1 117 ? 11.665  -11.396 3.900   1.00 10.19 ? 117 ALA A CB  1 
ATOM   942  N N   . PHE A 1 118 ? 9.118   -9.411  4.124   1.00 9.14  ? 118 PHE A N   1 
ATOM   943  C CA  . PHE A 1 118 ? 8.195   -8.690  5.007   1.00 9.21  ? 118 PHE A CA  1 
ATOM   944  C C   . PHE A 1 118 ? 7.192   -9.701  5.518   1.00 9.76  ? 118 PHE A C   1 
ATOM   945  O O   . PHE A 1 118 ? 6.713   -10.520 4.717   1.00 10.14 ? 118 PHE A O   1 
ATOM   946  C CB  . PHE A 1 118 ? 7.417   -7.592  4.257   1.00 8.25  ? 118 PHE A CB  1 
ATOM   947  C CG  . PHE A 1 118 ? 8.360   -6.560  3.683   1.00 8.87  ? 118 PHE A CG  1 
ATOM   948  C CD1 . PHE A 1 118 ? 8.980   -5.627  4.539   1.00 10.76 ? 118 PHE A CD1 1 
ATOM   949  C CD2 . PHE A 1 118 ? 8.667   -6.588  2.322   1.00 10.47 ? 118 PHE A CD2 1 
ATOM   950  C CE1 . PHE A 1 118 ? 9.919   -4.736  4.007   1.00 11.49 ? 118 PHE A CE1 1 
ATOM   951  C CE2 . PHE A 1 118 ? 9.609   -5.685  1.805   1.00 11.16 ? 118 PHE A CE2 1 
ATOM   952  C CZ  . PHE A 1 118 ? 10.227  -4.775  2.646   1.00 11.28 ? 118 PHE A CZ  1 
ATOM   953  N N   . ASN A 1 119 ? 6.870   -9.628  6.810   1.00 9.58  ? 119 ASN A N   1 
ATOM   954  C CA  . ASN A 1 119 ? 5.916   -10.568 7.356   1.00 10.54 ? 119 ASN A CA  1 
ATOM   955  C C   . ASN A 1 119 ? 4.502   -10.073 7.595   1.00 10.49 ? 119 ASN A C   1 
ATOM   956  O O   . ASN A 1 119 ? 3.673   -10.822 8.158   1.00 11.16 ? 119 ASN A O   1 
ATOM   957  C CB  . ASN A 1 119 ? 6.478   -11.154 8.654   1.00 13.86 ? 119 ASN A CB  1 
ATOM   958  C CG  . ASN A 1 119 ? 7.353   -12.378 8.344   1.00 18.69 ? 119 ASN A CG  1 
ATOM   959  O OD1 . ASN A 1 119 ? 7.824   -12.648 7.237   1.00 21.61 ? 119 ASN A OD1 1 
ATOM   960  N ND2 . ASN A 1 119 ? 7.674   -13.188 9.335   1.00 24.52 ? 119 ASN A ND2 1 
ATOM   961  N N   . LEU A 1 120 ? 4.164   -8.861  7.164   1.00 7.94  ? 120 LEU A N   1 
ATOM   962  C CA  . LEU A 1 120 ? 2.812   -8.358  7.362   1.00 7.60  ? 120 LEU A CA  1 
ATOM   963  C C   . LEU A 1 120 ? 2.372   -7.499  6.169   1.00 8.01  ? 120 LEU A C   1 
ATOM   964  O O   . LEU A 1 120 ? 3.110   -6.601  5.739   1.00 7.25  ? 120 LEU A O   1 
ATOM   965  C CB  . LEU A 1 120 ? 2.738   -7.511  8.648   1.00 8.03  ? 120 LEU A CB  1 
ATOM   966  C CG  . LEU A 1 120 ? 1.374   -6.866  8.957   1.00 8.32  ? 120 LEU A CG  1 
ATOM   967  C CD1 . LEU A 1 120 ? 0.364   -7.968  9.233   1.00 10.07 ? 120 LEU A CD1 1 
ATOM   968  C CD2 . LEU A 1 120 ? 1.447   -5.959  10.158  1.00 10.16 ? 120 LEU A CD2 1 
ATOM   969  N N   . ILE A 1 121 ? 1.211   -7.793  5.610   1.00 7.19  ? 121 ILE A N   1 
ATOM   970  C CA  . ILE A 1 121 ? 0.619   -7.005  4.556   1.00 7.35  ? 121 ILE A CA  1 
ATOM   971  C C   . ILE A 1 121 ? -0.760  -6.670  5.103   1.00 7.44  ? 121 ILE A C   1 
ATOM   972  O O   . ILE A 1 121 ? -1.439  -7.604  5.549   1.00 7.19  ? 121 ILE A O   1 
ATOM   973  C CB  . ILE A 1 121 ? 0.525   -7.849  3.279   1.00 9.14  ? 121 ILE A CB  1 
ATOM   974  C CG1 . ILE A 1 121 ? 1.901   -8.167  2.746   1.00 10.39 ? 121 ILE A CG1 1 
ATOM   975  C CG2 . ILE A 1 121 ? -0.282  -7.095  2.251   1.00 11.44 ? 121 ILE A CG2 1 
ATOM   976  C CD1 . ILE A 1 121 ? 1.960   -9.655  2.369   1.00 13.08 ? 121 ILE A CD1 1 
ATOM   977  N N   . TYR A 1 122 ? -1.243  -5.423  5.154   1.00 6.79  ? 122 TYR A N   1 
ATOM   978  C CA  . TYR A 1 122 ? -2.589  -5.181  5.603   1.00 7.01  ? 122 TYR A CA  1 
ATOM   979  C C   . TYR A 1 122 ? -3.170  -3.952  4.937   1.00 8.26  ? 122 TYR A C   1 
ATOM   980  O O   . TYR A 1 122 ? -2.440  -3.060  4.465   1.00 7.92  ? 122 TYR A O   1 
ATOM   981  C CB  . TYR A 1 122 ? -2.664  -4.992  7.120   1.00 7.54  ? 122 TYR A CB  1 
ATOM   982  C CG  . TYR A 1 122 ? -2.080  -3.728  7.751   1.00 7.74  ? 122 TYR A CG  1 
ATOM   983  C CD1 . TYR A 1 122 ? -2.913  -2.640  8.033   1.00 8.70  ? 122 TYR A CD1 1 
ATOM   984  C CD2 . TYR A 1 122 ? -0.750  -3.693  8.146   1.00 7.54  ? 122 TYR A CD2 1 
ATOM   985  C CE1 . TYR A 1 122 ? -2.424  -1.534  8.726   1.00 8.29  ? 122 TYR A CE1 1 
ATOM   986  C CE2 . TYR A 1 122 ? -0.256  -2.576  8.843   1.00 10.14 ? 122 TYR A CE2 1 
ATOM   987  C CZ  . TYR A 1 122 ? -1.096  -1.496  9.137   1.00 9.56  ? 122 TYR A CZ  1 
ATOM   988  O OH  . TYR A 1 122 ? -0.607  -0.407  9.867   1.00 10.87 ? 122 TYR A OH  1 
ATOM   989  N N   . LEU A 1 123 ? -4.491  -3.925  4.927   1.00 8.15  ? 123 LEU A N   1 
ATOM   990  C CA  . LEU A 1 123 ? -5.248  -2.789  4.412   1.00 8.51  ? 123 LEU A CA  1 
ATOM   991  C C   . LEU A 1 123 ? -5.892  -2.137  5.614   1.00 8.54  ? 123 LEU A C   1 
ATOM   992  O O   . LEU A 1 123 ? -6.412  -2.840  6.496   1.00 10.37 ? 123 LEU A O   1 
ATOM   993  C CB  . LEU A 1 123 ? -6.341  -3.256  3.422   1.00 10.38 ? 123 LEU A CB  1 
ATOM   994  C CG  . LEU A 1 123 ? -7.200  -2.153  2.796   1.00 11.82 ? 123 LEU A CG  1 
ATOM   995  C CD1 . LEU A 1 123 ? -7.233  -2.225  1.272   1.00 12.43 ? 123 LEU A CD1 1 
ATOM   996  C CD2 . LEU A 1 123 ? -8.581  -2.303  3.385   1.00 15.10 ? 123 LEU A CD2 1 
ATOM   997  N N   . ALA A 1 124 ? -5.897  -0.812  5.644   1.00 8.05  ? 124 ALA A N   1 
ATOM   998  C CA  . ALA A 1 124 ? -6.564  -0.079  6.704   1.00 8.70  ? 124 ALA A CA  1 
ATOM   999  C C   . ALA A 1 124 ? -7.407  1.042   6.068   1.00 8.64  ? 124 ALA A C   1 
ATOM   1000 O O   . ALA A 1 124 ? -7.218  1.438   4.917   1.00 7.39  ? 124 ALA A O   1 
ATOM   1001 C CB  . ALA A 1 124 ? -5.548  0.537   7.649   1.00 8.81  ? 124 ALA A CB  1 
ATOM   1002 N N   . GLY A 1 125 ? -8.376  1.568   6.817   1.00 8.98  ? 125 GLY A N   1 
ATOM   1003 C CA  . GLY A 1 125 ? -9.223  2.660   6.344   1.00 7.79  ? 125 GLY A CA  1 
ATOM   1004 C C   . GLY A 1 125 ? -10.485 2.225   5.569   1.00 8.57  ? 125 GLY A C   1 
ATOM   1005 O O   . GLY A 1 125 ? -11.021 1.120   5.731   1.00 9.11  ? 125 GLY A O   1 
ATOM   1006 N N   . ASP A 1 126 ? -10.966 3.099   4.682   1.00 7.28  ? 126 ASP A N   1 
ATOM   1007 C CA  . ASP A 1 126 ? -12.270 2.950   4.070   1.00 6.99  ? 126 ASP A CA  1 
ATOM   1008 C C   . ASP A 1 126 ? -12.360 2.162   2.757   1.00 7.41  ? 126 ASP A C   1 
ATOM   1009 O O   . ASP A 1 126 ? -12.751 2.668   1.683   1.00 7.58  ? 126 ASP A O   1 
ATOM   1010 C CB  . ASP A 1 126 ? -12.845 4.325   3.849   1.00 8.51  ? 126 ASP A CB  1 
ATOM   1011 C CG  . ASP A 1 126 ? -13.060 5.151   5.103   1.00 11.37 ? 126 ASP A CG  1 
ATOM   1012 O OD1 . ASP A 1 126 ? -13.000 6.377   4.981   1.00 12.49 ? 126 ASP A OD1 1 
ATOM   1013 O OD2 . ASP A 1 126 ? -13.285 4.613   6.195   1.00 11.09 ? 126 ASP A OD2 1 
ATOM   1014 N N   . ALA A 1 127 ? -12.000 0.879   2.873   1.00 6.92  ? 127 ALA A N   1 
ATOM   1015 C CA  . ALA A 1 127 ? -12.038 -0.065  1.753   1.00 6.67  ? 127 ALA A CA  1 
ATOM   1016 C C   . ALA A 1 127 ? -12.042 -1.493  2.319   1.00 7.08  ? 127 ALA A C   1 
ATOM   1017 O O   . ALA A 1 127 ? -11.962 -1.708  3.537   1.00 7.52  ? 127 ALA A O   1 
ATOM   1018 C CB  . ALA A 1 127 ? -10.821 0.086   0.832   1.00 6.22  ? 127 ALA A CB  1 
ATOM   1019 N N   . ARG A 1 128 ? -12.250 -2.475  1.467   1.00 8.04  ? 128 ARG A N   1 
ATOM   1020 C CA  . ARG A 1 128 ? -12.193 -3.852  1.900   1.00 9.23  ? 128 ARG A CA  1 
ATOM   1021 C C   . ARG A 1 128 ? -11.473 -4.637  0.835   1.00 9.47  ? 128 ARG A C   1 
ATOM   1022 O O   . ARG A 1 128 ? -11.442 -4.207  -0.326  1.00 8.42  ? 128 ARG A O   1 
ATOM   1023 C CB  . ARG A 1 128 ? -13.613 -4.363  2.110   1.00 11.10 ? 128 ARG A CB  1 
ATOM   1024 C CG  . ARG A 1 128 ? -14.517 -4.298  0.915   1.00 13.94 ? 128 ARG A CG  1 
ATOM   1025 C CD  . ARG A 1 128 ? -15.959 -4.495  1.386   1.00 18.22 ? 128 ARG A CD  1 
ATOM   1026 N NE  . ARG A 1 128 ? -16.892 -4.267  0.287   1.00 21.78 ? 128 ARG A NE  1 
ATOM   1027 C CZ  . ARG A 1 128 ? -17.237 -5.247  -0.573  1.00 24.81 ? 128 ARG A CZ  1 
ATOM   1028 N NH1 . ARG A 1 128 ? -16.746 -6.506  -0.458  1.00 25.24 ? 128 ARG A NH1 1 
ATOM   1029 N NH2 . ARG A 1 128 ? -18.041 -4.951  -1.619  1.00 25.50 ? 128 ARG A NH2 1 
ATOM   1030 N N   . LEU A 1 129 ? -10.858 -5.746  1.223   1.00 9.27  ? 129 LEU A N   1 
ATOM   1031 C CA  . LEU A 1 129 ? -10.204 -6.600  0.240   1.00 10.10 ? 129 LEU A CA  1 
ATOM   1032 C C   . LEU A 1 129 ? -11.121 -7.768  -0.112  1.00 9.97  ? 129 LEU A C   1 
ATOM   1033 O O   . LEU A 1 129 ? -11.914 -8.222  0.714   1.00 11.13 ? 129 LEU A O   1 
ATOM   1034 C CB  . LEU A 1 129 ? -8.854  -7.168  0.763   1.00 10.88 ? 129 LEU A CB  1 
ATOM   1035 C CG  . LEU A 1 129 ? -7.657  -6.215  0.974   1.00 11.84 ? 129 LEU A CG  1 
ATOM   1036 C CD1 . LEU A 1 129 ? -6.411  -6.949  1.486   1.00 11.40 ? 129 LEU A CD1 1 
ATOM   1037 C CD2 . LEU A 1 129 ? -7.389  -5.515  -0.375  1.00 12.28 ? 129 LEU A CD2 1 
ATOM   1038 N N   . THR A 1 130 ? -11.045 -8.201  -1.365  1.00 9.04  ? 130 THR A N   1 
ATOM   1039 C CA  . THR A 1 130 ? -11.856 -9.299  -1.847  1.00 10.18 ? 130 THR A CA  1 
ATOM   1040 C C   . THR A 1 130 ? -11.006 -10.493 -2.326  1.00 9.27  ? 130 THR A C   1 
ATOM   1041 O O   . THR A 1 130 ? -11.540 -11.602 -2.407  1.00 9.08  ? 130 THR A O   1 
ATOM   1042 C CB  . THR A 1 130 ? -12.792 -8.799  -2.984  1.00 10.47 ? 130 THR A CB  1 
ATOM   1043 O OG1 . THR A 1 130 ? -11.961 -8.321  -4.026  1.00 13.12 ? 130 THR A OG1 1 
ATOM   1044 C CG2 . THR A 1 130 ? -13.780 -7.723  -2.500  1.00 11.71 ? 130 THR A CG2 1 
ATOM   1045 N N   . PHE A 1 131 ? -9.730  -10.326 -2.676  1.00 7.85  ? 131 PHE A N   1 
ATOM   1046 C CA  . PHE A 1 131 ? -8.923  -11.468 -3.048  1.00 8.18  ? 131 PHE A CA  1 
ATOM   1047 C C   . PHE A 1 131 ? -7.466  -11.081 -2.826  1.00 8.37  ? 131 PHE A C   1 
ATOM   1048 O O   . PHE A 1 131 ? -7.123  -9.893  -2.734  1.00 7.72  ? 131 PHE A O   1 
ATOM   1049 C CB  . PHE A 1 131 ? -9.157  -11.874 -4.526  1.00 8.80  ? 131 PHE A CB  1 
ATOM   1050 C CG  . PHE A 1 131 ? -8.533  -11.009 -5.622  1.00 10.40 ? 131 PHE A CG  1 
ATOM   1051 C CD1 . PHE A 1 131 ? -9.267  -9.978  -6.214  1.00 12.67 ? 131 PHE A CD1 1 
ATOM   1052 C CD2 . PHE A 1 131 ? -7.218  -11.261 -6.033  1.00 12.06 ? 131 PHE A CD2 1 
ATOM   1053 C CE1 . PHE A 1 131 ? -8.676  -9.193  -7.231  1.00 12.99 ? 131 PHE A CE1 1 
ATOM   1054 C CE2 . PHE A 1 131 ? -6.633  -10.484 -7.031  1.00 13.43 ? 131 PHE A CE2 1 
ATOM   1055 C CZ  . PHE A 1 131 ? -7.368  -9.452  -7.627  1.00 13.39 ? 131 PHE A CZ  1 
ATOM   1056 N N   . VAL A 1 132 ? -6.590  -12.082 -2.770  1.00 7.59  ? 132 VAL A N   1 
ATOM   1057 C CA  . VAL A 1 132 ? -5.167  -11.881 -2.606  1.00 7.56  ? 132 VAL A CA  1 
ATOM   1058 C C   . VAL A 1 132 ? -4.409  -13.034 -3.271  1.00 8.29  ? 132 VAL A C   1 
ATOM   1059 O O   . VAL A 1 132 ? -4.834  -14.206 -3.170  1.00 7.64  ? 132 VAL A O   1 
ATOM   1060 C CB  . VAL A 1 132 ? -4.812  -11.785 -1.068  1.00 9.32  ? 132 VAL A CB  1 
ATOM   1061 C CG1 . VAL A 1 132 ? -5.154  -13.095 -0.290  1.00 8.26  ? 132 VAL A CG1 1 
ATOM   1062 C CG2 . VAL A 1 132 ? -3.314  -11.484 -0.944  1.00 9.89  ? 132 VAL A CG2 1 
ATOM   1063 N N   . ARG A 1 133 ? -3.291  -12.705 -3.946  1.00 7.91  ? 133 ARG A N   1 
ATOM   1064 C CA  . ARG A 1 133 ? -2.377  -13.702 -4.457  1.00 8.88  ? 133 ARG A CA  1 
ATOM   1065 C C   . ARG A 1 133 ? -0.994  -13.259 -3.986  1.00 9.41  ? 133 ARG A C   1 
ATOM   1066 O O   . ARG A 1 133 ? -0.606  -12.097 -4.212  1.00 9.02  ? 133 ARG A O   1 
ATOM   1067 C CB  . ARG A 1 133 ? -2.348  -13.763 -5.955  1.00 11.32 ? 133 ARG A CB  1 
ATOM   1068 C CG  . ARG A 1 133 ? -3.663  -14.224 -6.553  1.00 17.74 ? 133 ARG A CG  1 
ATOM   1069 C CD  . ARG A 1 133 ? -3.478  -14.757 -7.970  1.00 21.87 ? 133 ARG A CD  1 
ATOM   1070 N NE  . ARG A 1 133 ? -3.059  -13.771 -8.945  1.00 26.67 ? 133 ARG A NE  1 
ATOM   1071 C CZ  . ARG A 1 133 ? -3.909  -12.901 -9.503  1.00 28.85 ? 133 ARG A CZ  1 
ATOM   1072 N NH1 . ARG A 1 133 ? -5.199  -12.866 -9.198  1.00 30.45 ? 133 ARG A NH1 1 
ATOM   1073 N NH2 . ARG A 1 133 ? -3.467  -12.072 -10.448 1.00 30.77 ? 133 ARG A NH2 1 
ATOM   1074 N N   . LEU A 1 134 ? -0.254  -14.115 -3.292  1.00 8.72  ? 134 LEU A N   1 
ATOM   1075 C CA  . LEU A 1 134 ? 1.103   -13.818 -2.846  1.00 9.70  ? 134 LEU A CA  1 
ATOM   1076 C C   . LEU A 1 134 ? 1.910   -15.059 -3.207  1.00 11.11 ? 134 LEU A C   1 
ATOM   1077 O O   . LEU A 1 134 ? 1.743   -16.117 -2.571  1.00 10.72 ? 134 LEU A O   1 
ATOM   1078 C CB  . LEU A 1 134 ? 1.143   -13.589 -1.332  1.00 11.05 ? 134 LEU A CB  1 
ATOM   1079 C CG  . LEU A 1 134 ? 2.547   -13.432 -0.703  1.00 12.00 ? 134 LEU A CG  1 
ATOM   1080 C CD1 . LEU A 1 134 ? 3.226   -12.237 -1.379  1.00 12.40 ? 134 LEU A CD1 1 
ATOM   1081 C CD2 . LEU A 1 134 ? 2.451   -13.272 0.815   1.00 11.94 ? 134 LEU A CD2 1 
ATOM   1082 N N   . GLU A 1 135 ? 2.733   -14.942 -4.241  1.00 10.81 ? 135 GLU A N   1 
ATOM   1083 C CA  . GLU A 1 135 ? 3.447   -16.096 -4.733  1.00 13.65 ? 135 GLU A CA  1 
ATOM   1084 C C   . GLU A 1 135 ? 4.682   -15.707 -5.537  1.00 14.05 ? 135 GLU A C   1 
ATOM   1085 O O   . GLU A 1 135 ? 5.529   -16.563 -5.739  1.00 15.14 ? 135 GLU A O   1 
ATOM   1086 C CB  . GLU A 1 135 ? 2.484   -16.939 -5.575  1.00 16.58 ? 135 GLU A CB  1 
ATOM   1087 C CG  . GLU A 1 135 ? 1.877   -16.240 -6.782  1.00 22.73 ? 135 GLU A CG  1 
ATOM   1088 C CD  . GLU A 1 135 ? 0.789   -17.027 -7.530  1.00 27.07 ? 135 GLU A CD  1 
ATOM   1089 O OE1 . GLU A 1 135 ? -0.121  -16.359 -8.040  1.00 29.63 ? 135 GLU A OE1 1 
ATOM   1090 O OE2 . GLU A 1 135 ? 0.839   -18.274 -7.596  1.00 29.30 ? 135 GLU A OE2 1 
ATOM   1091 O OXT . GLU A 1 135 ? 4.818   -14.555 -5.923  1.00 12.70 ? 135 GLU A OXT 1 
HETATM 1092 C C2  . BGC B 2 .   ? 0.970   15.836  5.787   1.00 18.77 ? 1   BGC B C2  1 
HETATM 1093 C C3  . BGC B 2 .   ? 0.080   14.599  5.890   1.00 17.10 ? 1   BGC B C3  1 
HETATM 1094 C C4  . BGC B 2 .   ? 0.378   13.870  7.196   1.00 16.64 ? 1   BGC B C4  1 
HETATM 1095 C C5  . BGC B 2 .   ? 0.205   14.837  8.381   1.00 20.00 ? 1   BGC B C5  1 
HETATM 1096 C C6  . BGC B 2 .   ? 0.593   14.215  9.705   1.00 21.99 ? 1   BGC B C6  1 
HETATM 1097 C C1  . BGC B 2 .   ? 0.728   16.723  7.005   1.00 20.26 ? 1   BGC B C1  1 
HETATM 1098 O O1  . BGC B 2 .   ? 1.563   17.829  6.943   1.00 24.82 ? 1   BGC B O1  1 
HETATM 1099 O O2  . BGC B 2 .   ? 0.671   16.555  4.599   1.00 19.34 ? 1   BGC B O2  1 
HETATM 1100 O O3  . BGC B 2 .   ? 0.312   13.743  4.786   1.00 12.44 ? 1   BGC B O3  1 
HETATM 1101 O O4  . BGC B 2 .   ? -0.529  12.763  7.344   1.00 13.92 ? 1   BGC B O4  1 
HETATM 1102 O O5  . BGC B 2 .   ? 1.041   15.999  8.202   1.00 22.34 ? 1   BGC B O5  1 
HETATM 1103 O O6  . BGC B 2 .   ? 1.932   13.739  9.668   1.00 25.65 ? 1   BGC B O6  1 
HETATM 1104 C C1  . GAL B 2 .   ? 0.027   11.536  7.675   1.00 12.30 ? 2   GAL B C1  1 
HETATM 1105 C C2  . GAL B 2 .   ? -1.098  10.599  8.098   1.00 10.57 ? 2   GAL B C2  1 
HETATM 1106 C C3  . GAL B 2 .   ? -0.571  9.188   8.316   1.00 10.24 ? 2   GAL B C3  1 
HETATM 1107 C C4  . GAL B 2 .   ? 0.196   8.714   7.078   1.00 10.26 ? 2   GAL B C4  1 
HETATM 1108 C C5  . GAL B 2 .   ? 1.282   9.729   6.748   1.00 10.08 ? 2   GAL B C5  1 
HETATM 1109 C C6  . GAL B 2 .   ? 2.064   9.360   5.516   1.00 10.14 ? 2   GAL B C6  1 
HETATM 1110 O O2  . GAL B 2 .   ? -1.678  11.074  9.297   1.00 11.69 ? 2   GAL B O2  1 
HETATM 1111 O O3  . GAL B 2 .   ? -1.655  8.313   8.582   1.00 10.94 ? 2   GAL B O3  1 
HETATM 1112 O O4  . GAL B 2 .   ? -0.682  8.565   5.968   1.00 8.52  ? 2   GAL B O4  1 
HETATM 1113 O O5  . GAL B 2 .   ? 0.698   11.024  6.515   1.00 10.17 ? 2   GAL B O5  1 
HETATM 1114 O O6  . GAL B 2 .   ? 3.111   10.286  5.291   1.00 11.57 ? 2   GAL B O6  1 
HETATM 1115 O O1  . MES C 3 .   ? -0.441  3.557   9.797   1.00 15.53 ? 777 MES A O1  1 
HETATM 1116 C C2  . MES C 3 .   ? -0.186  2.866   11.034  1.00 14.45 ? 777 MES A C2  1 
HETATM 1117 C C3  . MES C 3 .   ? -1.505  2.410   11.651  1.00 15.79 ? 777 MES A C3  1 
HETATM 1118 N N4  . MES C 3 .   ? -2.173  1.694   10.637  1.00 16.44 ? 777 MES A N4  1 
HETATM 1119 C C5  . MES C 3 .   ? -2.517  2.337   9.444   1.00 15.40 ? 777 MES A C5  1 
HETATM 1120 C C6  . MES C 3 .   ? -1.203  2.815   8.825   1.00 14.93 ? 777 MES A C6  1 
HETATM 1121 C C7  . MES C 3 .   ? -3.558  1.398   10.930  1.00 18.52 ? 777 MES A C7  1 
HETATM 1122 C C8  . MES C 3 .   ? -3.585  0.315   11.982  1.00 20.81 ? 777 MES A C8  1 
HETATM 1123 S S   . MES C 3 .   ? -5.275  -0.298  12.275  1.00 22.82 ? 777 MES A S   1 
HETATM 1124 O O1S . MES C 3 .   ? -5.041  -1.193  13.369  1.00 23.76 ? 777 MES A O1S 1 
HETATM 1125 O O2S . MES C 3 .   ? -5.579  -1.040  11.097  1.00 24.08 ? 777 MES A O2S 1 
HETATM 1126 O O3S . MES C 3 .   ? -6.266  0.729   12.511  1.00 21.67 ? 777 MES A O3S 1 
HETATM 1127 O O   . HOH D 4 .   ? 10.665  -0.034  12.323  1.00 17.35 ? 324 HOH A O   1 
HETATM 1128 O O   . HOH D 4 .   ? -8.358  0.477   9.876   1.00 33.23 ? 501 HOH A O   1 
HETATM 1129 O O   . HOH D 4 .   ? -11.484 -6.663  3.794   1.00 15.01 ? 502 HOH A O   1 
HETATM 1130 O O   . HOH D 4 .   ? 2.700   -12.226 5.464   1.00 12.45 ? 503 HOH A O   1 
HETATM 1131 O O   . HOH D 4 .   ? 7.896   -19.580 5.113   1.00 15.47 ? 504 HOH A O   1 
HETATM 1132 O O   . HOH D 4 .   ? 7.154   -17.055 1.246   1.00 10.75 ? 505 HOH A O   1 
HETATM 1133 O O   . HOH D 4 .   ? 8.872   -18.429 2.764   1.00 20.24 ? 506 HOH A O   1 
HETATM 1134 O O   . HOH D 4 .   ? 9.177   -8.987  -4.349  1.00 16.72 ? 507 HOH A O   1 
HETATM 1135 O O   . HOH D 4 .   ? 14.299  -12.766 0.426   1.00 27.72 ? 508 HOH A O   1 
HETATM 1136 O O   . HOH D 4 .   ? -2.744  -3.909  -10.863 1.00 25.41 ? 509 HOH A O   1 
HETATM 1137 O O   . HOH D 4 .   ? -11.728 2.300   -7.341  1.00 14.14 ? 510 HOH A O   1 
HETATM 1138 O O   . HOH D 4 .   ? -9.568  1.344   -9.454  1.00 21.65 ? 511 HOH A O   1 
HETATM 1139 O O   . HOH D 4 .   ? -16.433 -1.283  0.289   1.00 28.93 ? 512 HOH A O   1 
HETATM 1140 O O   . HOH D 4 .   ? -18.367 7.594   -6.312  1.00 26.27 ? 513 HOH A O   1 
HETATM 1141 O O   . HOH D 4 .   ? -22.317 8.725   -1.878  1.00 37.72 ? 514 HOH A O   1 
HETATM 1142 O O   . HOH D 4 .   ? -24.259 6.971   1.240   1.00 48.22 ? 515 HOH A O   1 
HETATM 1143 O O   . HOH D 4 .   ? -10.268 12.827  6.682   1.00 30.58 ? 516 HOH A O   1 
HETATM 1144 O O   . HOH D 4 .   ? -5.728  5.395   5.191   1.00 14.35 ? 517 HOH A O   1 
HETATM 1145 O O   . HOH D 4 .   ? 10.019  0.533   8.455   1.00 14.63 ? 518 HOH A O   1 
HETATM 1146 O O   . HOH D 4 .   ? 8.922   -8.359  8.629   1.00 16.73 ? 519 HOH A O   1 
HETATM 1147 O O   . HOH D 4 .   ? 11.011  -6.817  7.440   1.00 25.55 ? 520 HOH A O   1 
HETATM 1148 O O   . HOH D 4 .   ? 1.660   2.793   14.512  1.00 20.89 ? 521 HOH A O   1 
HETATM 1149 O O   . HOH D 4 .   ? 6.326   4.749   15.107  1.00 27.66 ? 522 HOH A O   1 
HETATM 1150 O O   . HOH D 4 .   ? 6.007   7.239   16.390  1.00 37.82 ? 523 HOH A O   1 
HETATM 1151 O O   . HOH D 4 .   ? 12.331  4.244   6.679   1.00 12.03 ? 525 HOH A O   1 
HETATM 1152 O O   . HOH D 4 .   ? -12.928 14.555  -2.785  1.00 20.19 ? 526 HOH A O   1 
HETATM 1153 O O   . HOH D 4 .   ? -11.745 16.661  4.086   1.00 24.28 ? 527 HOH A O   1 
HETATM 1154 O O   . HOH D 4 .   ? -12.335 16.356  -5.299  1.00 43.07 ? 528 HOH A O   1 
HETATM 1155 O O   . HOH D 4 .   ? 2.930   5.029   -15.306 1.00 18.69 ? 530 HOH A O   1 
HETATM 1156 O O   . HOH D 4 .   ? 5.343   4.713   17.805  1.00 26.90 ? 531 HOH A O   1 
HETATM 1157 O O   . HOH D 4 .   ? 5.662   -2.307  16.657  1.00 46.45 ? 532 HOH A O   1 
HETATM 1158 O O   . HOH D 4 .   ? 12.823  9.479   4.337   1.00 24.05 ? 533 HOH A O   1 
HETATM 1159 O O   . HOH D 4 .   ? -10.402 -4.267  -10.666 1.00 48.17 ? 534 HOH A O   1 
HETATM 1160 O O   . HOH D 4 .   ? 6.782   13.605  -4.176  1.00 30.48 ? 535 HOH A O   1 
HETATM 1161 O O   . HOH D 4 .   ? 6.930   7.332   -4.801  1.00 30.60 ? 536 HOH A O   1 
HETATM 1162 O O   . HOH D 4 .   ? -4.789  0.119   -8.146  1.00 15.69 ? 537 HOH A O   1 
HETATM 1163 O O   . HOH D 4 .   ? -14.651 8.811   -6.385  1.00 20.00 ? 539 HOH A O   1 
HETATM 1164 O O   . HOH D 4 .   ? -12.109 4.232   -11.151 1.00 38.12 ? 540 HOH A O   1 
HETATM 1165 O O   . HOH D 4 .   ? -19.898 7.460   -8.398  1.00 46.03 ? 541 HOH A O   1 
HETATM 1166 O O   . HOH D 4 .   ? -18.262 -2.111  -7.192  1.00 42.64 ? 543 HOH A O   1 
HETATM 1167 O O   . HOH D 4 .   ? -10.701 -5.940  -8.375  1.00 29.47 ? 545 HOH A O   1 
HETATM 1168 O O   . HOH D 4 .   ? 4.513   -4.550  -9.740  1.00 20.14 ? 546 HOH A O   1 
HETATM 1169 O O   . HOH D 4 .   ? -19.899 7.388   -3.903  1.00 30.65 ? 547 HOH A O   1 
HETATM 1170 O O   . HOH D 4 .   ? 6.391   0.062   -10.789 1.00 14.18 ? 548 HOH A O   1 
HETATM 1171 O O   . HOH D 4 .   ? 6.482   5.156   -12.947 1.00 25.07 ? 550 HOH A O   1 
HETATM 1172 O O   . HOH D 4 .   ? 8.965   4.367   -14.336 1.00 35.74 ? 551 HOH A O   1 
HETATM 1173 O O   . HOH D 4 .   ? 7.086   6.761   -9.274  1.00 19.38 ? 552 HOH A O   1 
HETATM 1174 O O   . HOH D 4 .   ? 9.142   -2.179  8.434   1.00 18.14 ? 553 HOH A O   1 
HETATM 1175 O O   . HOH D 4 .   ? -10.744 1.489   9.358   1.00 59.03 ? 554 HOH A O   1 
HETATM 1176 O O   . HOH D 4 .   ? -12.288 -6.713  -6.340  1.00 36.65 ? 555 HOH A O   1 
HETATM 1177 O O   . HOH D 4 .   ? 0.657   -12.099 -7.335  1.00 21.12 ? 556 HOH A O   1 
HETATM 1178 O O   . HOH D 4 .   ? -1.017  12.031  12.418  1.00 27.75 ? 557 HOH A O   1 
HETATM 1179 O O   . HOH D 4 .   ? 6.952   -16.082 8.737   1.00 30.26 ? 559 HOH A O   1 
HETATM 1180 O O   . HOH D 4 .   ? -13.391 16.509  -0.796  1.00 28.19 ? 560 HOH A O   1 
HETATM 1181 O O   . HOH D 4 .   ? 3.506   -5.508  -12.177 1.00 27.41 ? 561 HOH A O   1 
HETATM 1182 O O   . HOH D 4 .   ? -19.547 1.358   1.166   1.00 25.58 ? 562 HOH A O   1 
HETATM 1183 O O   . HOH D 4 .   ? -12.396 14.358  6.022   1.00 36.30 ? 563 HOH A O   1 
HETATM 1184 O O   . HOH D 4 .   ? -12.379 9.097   8.983   1.00 17.75 ? 564 HOH A O   1 
HETATM 1185 O O   . HOH D 4 .   ? -12.216 5.864   8.573   1.00 31.81 ? 565 HOH A O   1 
HETATM 1186 O O   . HOH D 4 .   ? -10.170 10.308  7.655   1.00 16.58 ? 566 HOH A O   1 
HETATM 1187 O O   . HOH D 4 .   ? -4.274  4.100   6.854   1.00 29.06 ? 567 HOH A O   1 
HETATM 1188 O O   . HOH D 4 .   ? 10.653  -4.012  7.453   1.00 27.32 ? 568 HOH A O   1 
HETATM 1189 O O   . HOH D 4 .   ? 10.844  -10.201 7.775   1.00 35.97 ? 569 HOH A O   1 
HETATM 1190 O O   . HOH D 4 .   ? 10.900  1.792   2.109   1.00 18.03 ? 570 HOH A O   1 
HETATM 1191 O O   . HOH D 4 .   ? 0.448   0.793   15.757  1.00 32.40 ? 571 HOH A O   1 
HETATM 1192 O O   . HOH D 4 .   ? 12.456  -0.923  3.689   1.00 22.23 ? 572 HOH A O   1 
HETATM 1193 O O   . HOH D 4 .   ? -3.782  0.459   -4.775  1.00 33.97 ? 573 HOH A O   1 
HETATM 1194 O O   . HOH D 4 .   ? -9.578  15.540  6.823   1.00 45.18 ? 574 HOH A O   1 
HETATM 1195 O O   . HOH D 4 .   ? -2.216  16.435  4.011   1.00 30.12 ? 575 HOH A O   1 
HETATM 1196 O O   . HOH D 4 .   ? 0.136   -3.209  -17.782 1.00 36.44 ? 576 HOH A O   1 
HETATM 1197 O O   . HOH D 4 .   ? -8.386  11.145  -10.353 1.00 33.34 ? 577 HOH A O   1 
HETATM 1198 O O   . HOH D 4 .   ? 12.971  -2.888  12.138  1.00 51.16 ? 578 HOH A O   1 
HETATM 1199 O O   . HOH D 4 .   ? 6.224   3.517   20.105  1.00 30.84 ? 579 HOH A O   1 
HETATM 1200 O O   . HOH D 4 .   ? 0.258   8.166   12.421  1.00 30.70 ? 580 HOH A O   1 
HETATM 1201 O O   . HOH D 4 .   ? 7.567   14.298  4.664   1.00 47.46 ? 581 HOH A O   1 
HETATM 1202 O O   . HOH D 4 .   ? -0.732  10.236  -15.092 1.00 27.09 ? 582 HOH A O   1 
HETATM 1203 O O   . HOH D 4 .   ? -5.460  9.678   -12.563 1.00 25.43 ? 583 HOH A O   1 
HETATM 1204 O O   . HOH D 4 .   ? -3.327  9.441   -14.170 1.00 35.28 ? 584 HOH A O   1 
HETATM 1205 O O   . HOH D 4 .   ? -1.385  12.520  -16.250 1.00 36.66 ? 585 HOH A O   1 
HETATM 1206 O O   . HOH D 4 .   ? -5.439  12.077  -11.204 1.00 56.14 ? 586 HOH A O   1 
HETATM 1207 O O   . HOH D 4 .   ? -10.118 3.506   -13.083 1.00 51.94 ? 587 HOH A O   1 
HETATM 1208 O O   . HOH D 4 .   ? -8.894  1.373   -14.318 1.00 38.93 ? 588 HOH A O   1 
HETATM 1209 O O   . HOH D 4 .   ? -19.174 3.916   -7.681  1.00 16.77 ? 590 HOH A O   1 
HETATM 1210 O O   . HOH D 4 .   ? -23.540 6.360   -1.229  1.00 44.85 ? 591 HOH A O   1 
HETATM 1211 O O   . HOH D 4 .   ? 19.951  2.169   -1.888  1.00 57.17 ? 592 HOH A O   1 
HETATM 1212 O O   . HOH D 4 .   ? 17.607  1.366   -0.688  1.00 37.45 ? 593 HOH A O   1 
HETATM 1213 O O   . HOH D 4 .   ? 14.437  7.881   0.728   1.00 27.24 ? 594 HOH A O   1 
HETATM 1214 O O   . HOH D 4 .   ? 12.098  -1.098  9.952   1.00 44.74 ? 595 HOH A O   1 
HETATM 1215 O O   . HOH D 4 .   ? 7.933   -18.531 7.584   1.00 32.82 ? 596 HOH A O   1 
HETATM 1216 O O   . HOH D 4 .   ? -16.344 7.170   5.419   1.00 25.84 ? 597 HOH A O   1 
HETATM 1217 O O   . HOH D 4 .   ? 14.259  -3.589  8.820   1.00 31.52 ? 598 HOH A O   1 
# 
loop_
_pdbx_poly_seq_scheme.asym_id 
_pdbx_poly_seq_scheme.entity_id 
_pdbx_poly_seq_scheme.seq_id 
_pdbx_poly_seq_scheme.mon_id 
_pdbx_poly_seq_scheme.ndb_seq_num 
_pdbx_poly_seq_scheme.pdb_seq_num 
_pdbx_poly_seq_scheme.auth_seq_num 
_pdbx_poly_seq_scheme.pdb_mon_id 
_pdbx_poly_seq_scheme.auth_mon_id 
_pdbx_poly_seq_scheme.pdb_strand_id 
_pdbx_poly_seq_scheme.pdb_ins_code 
_pdbx_poly_seq_scheme.hetero 
A 1 1   SER 1   1   ?   ?   ?   A . n 
A 1 2   ASP 2   2   2   ASP ASP A . n 
A 1 3   ARG 3   3   3   ARG ARG A . n 
A 1 4   ALA 4   4   4   ALA ALA A . n 
A 1 5   GLU 5   5   5   GLU GLU A . n 
A 1 6   VAL 6   6   6   VAL VAL A . n 
A 1 7   ARG 7   7   7   ARG ARG A . n 
A 1 8   ASN 8   8   8   ASN ASN A . n 
A 1 9   ILE 9   9   9   ILE ILE A . n 
A 1 10  PRO 10  10  10  PRO PRO A . n 
A 1 11  PHE 11  11  11  PHE PHE A . n 
A 1 12  LYS 12  12  12  LYS LYS A . n 
A 1 13  LEU 13  13  13  LEU LEU A . n 
A 1 14  GLY 14  14  14  GLY GLY A . n 
A 1 15  MET 15  15  15  MET MET A . n 
A 1 16  TYR 16  16  16  TYR TYR A . n 
A 1 17  LEU 17  17  17  LEU LEU A . n 
A 1 18  THR 18  18  18  THR THR A . n 
A 1 19  VAL 19  19  19  VAL VAL A . n 
A 1 20  GLY 20  20  20  GLY GLY A . n 
A 1 21  GLY 21  21  21  GLY GLY A . n 
A 1 22  VAL 22  22  22  VAL VAL A . n 
A 1 23  VAL 23  23  23  VAL VAL A . n 
A 1 24  ASN 24  24  24  ASN ASN A . n 
A 1 25  SER 25  25  25  SER SER A . n 
A 1 26  ASN 26  26  26  ASN ASN A . n 
A 1 27  ALA 27  27  27  ALA ALA A . n 
A 1 28  THR 28  28  28  THR THR A . n 
A 1 29  ARG 29  29  29  ARG ARG A . n 
A 1 30  PHE 30  30  30  PHE PHE A . n 
A 1 31  SER 31  31  31  SER SER A . n 
A 1 32  ILE 32  32  32  ILE ILE A . n 
A 1 33  ASN 33  33  33  ASN ASN A . n 
A 1 34  VAL 34  34  34  VAL VAL A . n 
A 1 35  GLY 35  35  35  GLY GLY A . n 
A 1 36  GLU 36  36  36  GLU GLU A . n 
A 1 37  SER 37  37  37  SER SER A . n 
A 1 38  THR 38  38  38  THR THR A . n 
A 1 39  ASP 39  39  39  ASP ASP A . n 
A 1 40  SER 40  40  40  SER SER A . n 
A 1 41  ILE 41  41  41  ILE ILE A . n 
A 1 42  ALA 42  42  42  ALA ALA A . n 
A 1 43  MET 43  43  43  MET MET A . n 
A 1 44  HIS 44  44  44  HIS HIS A . n 
A 1 45  MET 45  45  45  MET MET A . n 
A 1 46  ASP 46  46  46  ASP ASP A . n 
A 1 47  HIS 47  47  47  HIS HIS A . n 
A 1 48  ARG 48  48  48  ARG ARG A . n 
A 1 49  PHE 49  49  49  PHE PHE A . n 
A 1 50  SER 50  50  50  SER SER A . n 
A 1 51  TYR 51  51  51  TYR TYR A . n 
A 1 52  GLY 52  52  52  GLY GLY A . n 
A 1 53  ALA 53  53  53  ALA ALA A . n 
A 1 54  ASP 54  54  54  ASP ASP A . n 
A 1 55  GLN 55  55  55  GLN GLN A . n 
A 1 56  ASN 56  56  56  ASN ASN A . n 
A 1 57  VAL 57  57  57  VAL VAL A . n 
A 1 58  LEU 58  58  58  LEU LEU A . n 
A 1 59  VAL 59  59  59  VAL VAL A . n 
A 1 60  LEU 60  60  60  LEU LEU A . n 
A 1 61  ASN 61  61  61  ASN ASN A . n 
A 1 62  SER 62  62  62  SER SER A . n 
A 1 63  LEU 63  63  63  LEU LEU A . n 
A 1 64  VAL 64  64  64  VAL VAL A . n 
A 1 65  HIS 65  65  65  HIS HIS A . n 
A 1 66  ASN 66  66  66  ASN ASN A . n 
A 1 67  VAL 67  67  67  VAL VAL A . n 
A 1 68  GLY 68  68  68  GLY GLY A . n 
A 1 69  TRP 69  69  69  TRP TRP A . n 
A 1 70  GLN 70  70  70  GLN GLN A . n 
A 1 71  GLN 71  71  71  GLN GLN A . n 
A 1 72  GLU 72  72  72  GLU GLU A . n 
A 1 73  GLU 73  73  73  GLU GLU A . n 
A 1 74  ARG 74  74  74  ARG ARG A . n 
A 1 75  SER 75  75  75  SER SER A . n 
A 1 76  LYS 76  76  76  LYS LYS A . n 
A 1 77  LYS 77  77  77  LYS LYS A . n 
A 1 78  PHE 78  78  78  PHE PHE A . n 
A 1 79  PRO 79  79  79  PRO PRO A . n 
A 1 80  PHE 80  80  80  PHE PHE A . n 
A 1 81  THR 81  81  81  THR THR A . n 
A 1 82  LYS 82  82  82  LYS LYS A . n 
A 1 83  GLY 83  83  83  GLY GLY A . n 
A 1 84  ASP 84  84  84  ASP ASP A . n 
A 1 85  HIS 85  85  85  HIS HIS A . n 
A 1 86  PHE 86  86  86  PHE PHE A . n 
A 1 87  GLN 87  87  87  GLN GLN A . n 
A 1 88  THR 88  88  88  THR THR A . n 
A 1 89  THR 89  89  89  THR THR A . n 
A 1 90  ILE 90  90  90  ILE ILE A . n 
A 1 91  THR 91  91  91  THR THR A . n 
A 1 92  PHE 92  92  92  PHE PHE A . n 
A 1 93  ASP 93  93  93  ASP ASP A . n 
A 1 94  THR 94  94  94  THR THR A . n 
A 1 95  HIS 95  95  95  HIS HIS A . n 
A 1 96  THR 96  96  96  THR THR A . n 
A 1 97  PHE 97  97  97  PHE PHE A . n 
A 1 98  TYR 98  98  98  TYR TYR A . n 
A 1 99  ILE 99  99  99  ILE ILE A . n 
A 1 100 GLN 100 100 100 GLN GLN A . n 
A 1 101 LEU 101 101 101 LEU LEU A . n 
A 1 102 SER 102 102 102 SER SER A . n 
A 1 103 ASN 103 103 103 ASN ASN A . n 
A 1 104 GLY 104 104 104 GLY GLY A . n 
A 1 105 GLU 105 105 105 GLU GLU A . n 
A 1 106 THR 106 106 106 THR THR A . n 
A 1 107 VAL 107 107 107 VAL VAL A . n 
A 1 108 GLU 108 108 108 GLU GLU A . n 
A 1 109 PHE 109 109 109 PHE PHE A . n 
A 1 110 PRO 110 110 110 PRO PRO A . n 
A 1 111 ASN 111 111 111 ASN ASN A . n 
A 1 112 ARG 112 112 112 ARG ARG A . n 
A 1 113 ASN 113 113 113 ASN ASN A . n 
A 1 114 LYS 114 114 114 LYS LYS A . n 
A 1 115 ASP 115 115 115 ASP ASP A . n 
A 1 116 ALA 116 116 116 ALA ALA A . n 
A 1 117 ALA 117 117 117 ALA ALA A . n 
A 1 118 PHE 118 118 118 PHE PHE A . n 
A 1 119 ASN 119 119 119 ASN ASN A . n 
A 1 120 LEU 120 120 120 LEU LEU A . n 
A 1 121 ILE 121 121 121 ILE ILE A . n 
A 1 122 TYR 122 122 122 TYR TYR A . n 
A 1 123 LEU 123 123 123 LEU LEU A . n 
A 1 124 ALA 124 124 124 ALA ALA A . n 
A 1 125 GLY 125 125 125 GLY GLY A . n 
A 1 126 ASP 126 126 126 ASP ASP A . n 
A 1 127 ALA 127 127 127 ALA ALA A . n 
A 1 128 ARG 128 128 128 ARG ARG A . n 
A 1 129 LEU 129 129 129 LEU LEU A . n 
A 1 130 THR 130 130 130 THR THR A . n 
A 1 131 PHE 131 131 131 PHE PHE A . n 
A 1 132 VAL 132 132 132 VAL VAL A . n 
A 1 133 ARG 133 133 133 ARG ARG A . n 
A 1 134 LEU 134 134 134 LEU LEU A . n 
A 1 135 GLU 135 135 135 GLU GLU A . n 
# 
loop_
_pdbx_nonpoly_scheme.asym_id 
_pdbx_nonpoly_scheme.entity_id 
_pdbx_nonpoly_scheme.mon_id 
_pdbx_nonpoly_scheme.ndb_seq_num 
_pdbx_nonpoly_scheme.pdb_seq_num 
_pdbx_nonpoly_scheme.auth_seq_num 
_pdbx_nonpoly_scheme.pdb_mon_id 
_pdbx_nonpoly_scheme.auth_mon_id 
_pdbx_nonpoly_scheme.pdb_strand_id 
_pdbx_nonpoly_scheme.pdb_ins_code 
C 3 MES 1  777 777 MES MES A . 
D 4 HOH 1  324 324 HOH HOH A . 
D 4 HOH 2  501 501 HOH HOH A . 
D 4 HOH 3  502 502 HOH HOH A . 
D 4 HOH 4  503 503 HOH HOH A . 
D 4 HOH 5  504 504 HOH HOH A . 
D 4 HOH 6  505 505 HOH HOH A . 
D 4 HOH 7  506 506 HOH HOH A . 
D 4 HOH 8  507 507 HOH HOH A . 
D 4 HOH 9  508 508 HOH HOH A . 
D 4 HOH 10 509 509 HOH HOH A . 
D 4 HOH 11 510 510 HOH HOH A . 
D 4 HOH 12 511 511 HOH HOH A . 
D 4 HOH 13 512 512 HOH HOH A . 
D 4 HOH 14 513 513 HOH HOH A . 
D 4 HOH 15 514 514 HOH HOH A . 
D 4 HOH 16 515 515 HOH HOH A . 
D 4 HOH 17 516 516 HOH HOH A . 
D 4 HOH 18 517 517 HOH HOH A . 
D 4 HOH 19 518 518 HOH HOH A . 
D 4 HOH 20 519 519 HOH HOH A . 
D 4 HOH 21 520 520 HOH HOH A . 
D 4 HOH 22 521 521 HOH HOH A . 
D 4 HOH 23 522 522 HOH HOH A . 
D 4 HOH 24 523 523 HOH HOH A . 
D 4 HOH 25 525 525 HOH HOH A . 
D 4 HOH 26 526 526 HOH HOH A . 
D 4 HOH 27 527 527 HOH HOH A . 
D 4 HOH 28 528 528 HOH HOH A . 
D 4 HOH 29 530 530 HOH HOH A . 
D 4 HOH 30 531 531 HOH HOH A . 
D 4 HOH 31 532 532 HOH HOH A . 
D 4 HOH 32 533 533 HOH HOH A . 
D 4 HOH 33 534 534 HOH HOH A . 
D 4 HOH 34 535 535 HOH HOH A . 
D 4 HOH 35 536 536 HOH HOH A . 
D 4 HOH 36 537 537 HOH HOH A . 
D 4 HOH 37 539 539 HOH HOH A . 
D 4 HOH 38 540 540 HOH HOH A . 
D 4 HOH 39 541 541 HOH HOH A . 
D 4 HOH 40 543 543 HOH HOH A . 
D 4 HOH 41 545 545 HOH HOH A . 
D 4 HOH 42 546 546 HOH HOH A . 
D 4 HOH 43 547 547 HOH HOH A . 
D 4 HOH 44 548 548 HOH HOH A . 
D 4 HOH 45 550 550 HOH HOH A . 
D 4 HOH 46 551 551 HOH HOH A . 
D 4 HOH 47 552 552 HOH HOH A . 
D 4 HOH 48 553 553 HOH HOH A . 
D 4 HOH 49 554 554 HOH HOH A . 
D 4 HOH 50 555 555 HOH HOH A . 
D 4 HOH 51 556 556 HOH HOH A . 
D 4 HOH 52 557 557 HOH HOH A . 
D 4 HOH 53 559 559 HOH HOH A . 
D 4 HOH 54 560 560 HOH HOH A . 
D 4 HOH 55 561 561 HOH HOH A . 
D 4 HOH 56 562 562 HOH HOH A . 
D 4 HOH 57 563 563 HOH HOH A . 
D 4 HOH 58 564 564 HOH HOH A . 
D 4 HOH 59 565 565 HOH HOH A . 
D 4 HOH 60 566 566 HOH HOH A . 
D 4 HOH 61 567 567 HOH HOH A . 
D 4 HOH 62 568 568 HOH HOH A . 
D 4 HOH 63 569 569 HOH HOH A . 
D 4 HOH 64 570 570 HOH HOH A . 
D 4 HOH 65 571 571 HOH HOH A . 
D 4 HOH 66 572 572 HOH HOH A . 
D 4 HOH 67 573 573 HOH HOH A . 
D 4 HOH 68 574 574 HOH HOH A . 
D 4 HOH 69 575 575 HOH HOH A . 
D 4 HOH 70 576 576 HOH HOH A . 
D 4 HOH 71 577 577 HOH HOH A . 
D 4 HOH 72 578 578 HOH HOH A . 
D 4 HOH 73 579 579 HOH HOH A . 
D 4 HOH 74 580 580 HOH HOH A . 
D 4 HOH 75 581 581 HOH HOH A . 
D 4 HOH 76 582 582 HOH HOH A . 
D 4 HOH 77 583 583 HOH HOH A . 
D 4 HOH 78 584 584 HOH HOH A . 
D 4 HOH 79 585 585 HOH HOH A . 
D 4 HOH 80 586 586 HOH HOH A . 
D 4 HOH 81 587 587 HOH HOH A . 
D 4 HOH 82 588 588 HOH HOH A . 
D 4 HOH 83 590 590 HOH HOH A . 
D 4 HOH 84 591 591 HOH HOH A . 
D 4 HOH 85 592 592 HOH HOH A . 
D 4 HOH 86 593 593 HOH HOH A . 
D 4 HOH 87 594 594 HOH HOH A . 
D 4 HOH 88 595 595 HOH HOH A . 
D 4 HOH 89 596 596 HOH HOH A . 
D 4 HOH 90 597 597 HOH HOH A . 
D 4 HOH 91 598 598 HOH HOH A . 
# 
_pdbx_molecule_features.prd_id    PRD_900004 
_pdbx_molecule_features.name      beta-lactose 
_pdbx_molecule_features.type      Oligosaccharide 
_pdbx_molecule_features.class     Nutrient 
_pdbx_molecule_features.details   oligosaccharide 
# 
_pdbx_molecule.instance_id   1 
_pdbx_molecule.prd_id        PRD_900004 
_pdbx_molecule.asym_id       B 
# 
_pdbx_struct_assembly.id                   1 
_pdbx_struct_assembly.details              author_defined_assembly 
_pdbx_struct_assembly.method_details       ? 
_pdbx_struct_assembly.oligomeric_details   dimeric 
_pdbx_struct_assembly.oligomeric_count     2 
# 
_pdbx_struct_assembly_gen.assembly_id       1 
_pdbx_struct_assembly_gen.oper_expression   1,2 
_pdbx_struct_assembly_gen.asym_id_list      A,B,C,D 
# 
loop_
_pdbx_struct_oper_list.id 
_pdbx_struct_oper_list.type 
_pdbx_struct_oper_list.name 
_pdbx_struct_oper_list.symmetry_operation 
_pdbx_struct_oper_list.matrix[1][1] 
_pdbx_struct_oper_list.matrix[1][2] 
_pdbx_struct_oper_list.matrix[1][3] 
_pdbx_struct_oper_list.vector[1] 
_pdbx_struct_oper_list.matrix[2][1] 
_pdbx_struct_oper_list.matrix[2][2] 
_pdbx_struct_oper_list.matrix[2][3] 
_pdbx_struct_oper_list.vector[2] 
_pdbx_struct_oper_list.matrix[3][1] 
_pdbx_struct_oper_list.matrix[3][2] 
_pdbx_struct_oper_list.matrix[3][3] 
_pdbx_struct_oper_list.vector[3] 
1 'identity operation'         1_555 x,y,z    1.0000000000  0.0000000000  0.0000000000  0.0000000000  0.0000000000  1.0000000000  0.0000000000 0.0000000000   0.0000000000  0.0000000000 1.0000000000 0.0000000000 
2 'crystal symmetry operation' 7_556 y,x,-z+1 -0.9977589203 -0.0170119735 -0.0647126705 -6.8151864639 -0.0170119735 -0.8708625840 0.4912320761 -27.3791086523 -0.0647126705 0.4912320761 0.8686215043 6.9615315025 
# 
loop_
_pdbx_audit_revision_history.ordinal 
_pdbx_audit_revision_history.data_content_type 
_pdbx_audit_revision_history.major_revision 
_pdbx_audit_revision_history.minor_revision 
_pdbx_audit_revision_history.revision_date 
1 'Structure model' 1 0 2002-09-18 
2 'Structure model' 1 1 2008-04-27 
3 'Structure model' 1 2 2011-07-13 
4 'Structure model' 2 0 2020-07-29 
5 'Structure model' 2 1 2023-10-25 
# 
loop_
_pdbx_audit_revision_details.ordinal 
_pdbx_audit_revision_details.revision_ordinal 
_pdbx_audit_revision_details.data_content_type 
_pdbx_audit_revision_details.provider 
_pdbx_audit_revision_details.type 
_pdbx_audit_revision_details.description 
_pdbx_audit_revision_details.details 
1 1 'Structure model' repository 'Initial release' ?                          ? 
2 4 'Structure model' repository Remediation       'Carbohydrate remediation' ? 
# 
loop_
_pdbx_audit_revision_group.ordinal 
_pdbx_audit_revision_group.revision_ordinal 
_pdbx_audit_revision_group.data_content_type 
_pdbx_audit_revision_group.group 
1  2 'Structure model' 'Version format compliance' 
2  3 'Structure model' 'Non-polymer description'   
3  3 'Structure model' 'Version format compliance' 
4  4 'Structure model' 'Atomic model'              
5  4 'Structure model' 'Data collection'           
6  4 'Structure model' 'Derived calculations'      
7  4 'Structure model' 'Non-polymer description'   
8  4 'Structure model' 'Structure summary'         
9  5 'Structure model' 'Data collection'           
10 5 'Structure model' 'Database references'       
11 5 'Structure model' 'Refinement description'    
12 5 'Structure model' 'Structure summary'         
# 
loop_
_pdbx_audit_revision_category.ordinal 
_pdbx_audit_revision_category.revision_ordinal 
_pdbx_audit_revision_category.data_content_type 
_pdbx_audit_revision_category.category 
1  4 'Structure model' atom_site                     
2  4 'Structure model' chem_comp                     
3  4 'Structure model' entity                        
4  4 'Structure model' entity_name_com               
5  4 'Structure model' pdbx_branch_scheme            
6  4 'Structure model' pdbx_chem_comp_identifier     
7  4 'Structure model' pdbx_entity_branch            
8  4 'Structure model' pdbx_entity_branch_descriptor 
9  4 'Structure model' pdbx_entity_branch_link       
10 4 'Structure model' pdbx_entity_branch_list       
11 4 'Structure model' pdbx_entity_nonpoly           
12 4 'Structure model' pdbx_molecule_features        
13 4 'Structure model' pdbx_nonpoly_scheme           
14 4 'Structure model' struct_conn                   
15 4 'Structure model' struct_site                   
16 4 'Structure model' struct_site_gen               
17 5 'Structure model' chem_comp                     
18 5 'Structure model' chem_comp_atom                
19 5 'Structure model' chem_comp_bond                
20 5 'Structure model' database_2                    
21 5 'Structure model' pdbx_initial_refinement_model 
# 
loop_
_pdbx_audit_revision_item.ordinal 
_pdbx_audit_revision_item.revision_ordinal 
_pdbx_audit_revision_item.data_content_type 
_pdbx_audit_revision_item.item 
1  4 'Structure model' '_atom_site.B_iso_or_equiv'           
2  4 'Structure model' '_atom_site.Cartn_x'                  
3  4 'Structure model' '_atom_site.Cartn_y'                  
4  4 'Structure model' '_atom_site.Cartn_z'                  
5  4 'Structure model' '_atom_site.auth_asym_id'             
6  4 'Structure model' '_atom_site.auth_atom_id'             
7  4 'Structure model' '_atom_site.auth_comp_id'             
8  4 'Structure model' '_atom_site.auth_seq_id'              
9  4 'Structure model' '_atom_site.label_atom_id'            
10 4 'Structure model' '_atom_site.label_comp_id'            
11 4 'Structure model' '_chem_comp.formula'                  
12 4 'Structure model' '_chem_comp.formula_weight'           
13 4 'Structure model' '_chem_comp.id'                       
14 4 'Structure model' '_chem_comp.mon_nstd_flag'            
15 4 'Structure model' '_chem_comp.name'                     
16 4 'Structure model' '_chem_comp.type'                     
17 4 'Structure model' '_entity.formula_weight'              
18 4 'Structure model' '_entity.pdbx_description'            
19 4 'Structure model' '_entity.type'                        
20 5 'Structure model' '_chem_comp.pdbx_synonyms'            
21 5 'Structure model' '_database_2.pdbx_DOI'                
22 5 'Structure model' '_database_2.pdbx_database_accession' 
# 
loop_
_software.name 
_software.classification 
_software.version 
_software.citation_id 
_software.pdbx_ordinal 
AMoRE     phasing          .   ? 1 
X-PLOR    refinement       3.1 ? 2 
DENZO     'data reduction' .   ? 3 
SCALEPACK 'data scaling'   .   ? 4 
# 
_pdbx_validate_rmsd_bond.id                        1 
_pdbx_validate_rmsd_bond.PDB_model_num             1 
_pdbx_validate_rmsd_bond.auth_atom_id_1            NE2 
_pdbx_validate_rmsd_bond.auth_asym_id_1            A 
_pdbx_validate_rmsd_bond.auth_comp_id_1            HIS 
_pdbx_validate_rmsd_bond.auth_seq_id_1             95 
_pdbx_validate_rmsd_bond.PDB_ins_code_1            ? 
_pdbx_validate_rmsd_bond.label_alt_id_1            ? 
_pdbx_validate_rmsd_bond.auth_atom_id_2            CD2 
_pdbx_validate_rmsd_bond.auth_asym_id_2            A 
_pdbx_validate_rmsd_bond.auth_comp_id_2            HIS 
_pdbx_validate_rmsd_bond.auth_seq_id_2             95 
_pdbx_validate_rmsd_bond.PDB_ins_code_2            ? 
_pdbx_validate_rmsd_bond.label_alt_id_2            ? 
_pdbx_validate_rmsd_bond.bond_value                1.300 
_pdbx_validate_rmsd_bond.bond_target_value         1.373 
_pdbx_validate_rmsd_bond.bond_deviation            -0.073 
_pdbx_validate_rmsd_bond.bond_standard_deviation   0.011 
_pdbx_validate_rmsd_bond.linker_flag               N 
# 
loop_
_pdbx_validate_rmsd_angle.id 
_pdbx_validate_rmsd_angle.PDB_model_num 
_pdbx_validate_rmsd_angle.auth_atom_id_1 
_pdbx_validate_rmsd_angle.auth_asym_id_1 
_pdbx_validate_rmsd_angle.auth_comp_id_1 
_pdbx_validate_rmsd_angle.auth_seq_id_1 
_pdbx_validate_rmsd_angle.PDB_ins_code_1 
_pdbx_validate_rmsd_angle.label_alt_id_1 
_pdbx_validate_rmsd_angle.auth_atom_id_2 
_pdbx_validate_rmsd_angle.auth_asym_id_2 
_pdbx_validate_rmsd_angle.auth_comp_id_2 
_pdbx_validate_rmsd_angle.auth_seq_id_2 
_pdbx_validate_rmsd_angle.PDB_ins_code_2 
_pdbx_validate_rmsd_angle.label_alt_id_2 
_pdbx_validate_rmsd_angle.auth_atom_id_3 
_pdbx_validate_rmsd_angle.auth_asym_id_3 
_pdbx_validate_rmsd_angle.auth_comp_id_3 
_pdbx_validate_rmsd_angle.auth_seq_id_3 
_pdbx_validate_rmsd_angle.PDB_ins_code_3 
_pdbx_validate_rmsd_angle.label_alt_id_3 
_pdbx_validate_rmsd_angle.angle_value 
_pdbx_validate_rmsd_angle.angle_target_value 
_pdbx_validate_rmsd_angle.angle_deviation 
_pdbx_validate_rmsd_angle.angle_standard_deviation 
_pdbx_validate_rmsd_angle.linker_flag 
1 1 NE  A ARG 3  ? ? CZ  A ARG 3  ? ? NH1 A ARG 3  ? ? 116.58 120.30 -3.72  0.50 N 
2 1 NE  A ARG 3  ? ? CZ  A ARG 3  ? ? NH2 A ARG 3  ? ? 125.15 120.30 4.85   0.50 N 
3 1 N   A SER 25 ? ? CA  A SER 25 ? ? C   A SER 25 ? A 93.59  111.00 -17.41 2.70 N 
4 1 N   A THR 28 ? ? CA  A THR 28 ? ? CB  A THR 28 ? ? 94.89  110.30 -15.41 1.90 N 
5 1 NE  A ARG 29 ? ? CZ  A ARG 29 ? ? NH1 A ARG 29 ? ? 117.13 120.30 -3.17  0.50 N 
6 1 NE  A ARG 29 ? ? CZ  A ARG 29 ? ? NH2 A ARG 29 ? ? 125.89 120.30 5.59   0.50 N 
7 1 CD1 A TRP 69 ? ? CG  A TRP 69 ? ? CD2 A TRP 69 ? ? 111.83 106.30 5.53   0.80 N 
8 1 CE2 A TRP 69 ? ? CD2 A TRP 69 ? ? CG  A TRP 69 ? ? 102.06 107.30 -5.24  0.80 N 
# 
loop_
_pdbx_validate_torsion.id 
_pdbx_validate_torsion.PDB_model_num 
_pdbx_validate_torsion.auth_comp_id 
_pdbx_validate_torsion.auth_asym_id 
_pdbx_validate_torsion.auth_seq_id 
_pdbx_validate_torsion.PDB_ins_code 
_pdbx_validate_torsion.label_alt_id 
_pdbx_validate_torsion.phi 
_pdbx_validate_torsion.psi 
1 1 ASN A 66 ? ? 57.82   17.83   
2 1 VAL A 67 ? ? -127.23 -54.67  
3 1 GLN A 70 ? ? -96.64  -146.92 
4 1 ASP A 93 ? ? -121.67 -165.24 
# 
_pdbx_unobs_or_zero_occ_residues.id               1 
_pdbx_unobs_or_zero_occ_residues.PDB_model_num    1 
_pdbx_unobs_or_zero_occ_residues.polymer_flag     Y 
_pdbx_unobs_or_zero_occ_residues.occupancy_flag   1 
_pdbx_unobs_or_zero_occ_residues.auth_asym_id     A 
_pdbx_unobs_or_zero_occ_residues.auth_comp_id     SER 
_pdbx_unobs_or_zero_occ_residues.auth_seq_id      1 
_pdbx_unobs_or_zero_occ_residues.PDB_ins_code     ? 
_pdbx_unobs_or_zero_occ_residues.label_asym_id    A 
_pdbx_unobs_or_zero_occ_residues.label_comp_id    SER 
_pdbx_unobs_or_zero_occ_residues.label_seq_id     1 
# 
loop_
_chem_comp_atom.comp_id 
_chem_comp_atom.atom_id 
_chem_comp_atom.type_symbol 
_chem_comp_atom.pdbx_aromatic_flag 
_chem_comp_atom.pdbx_stereo_config 
_chem_comp_atom.pdbx_ordinal 
ALA N    N N N 1   
ALA CA   C N S 2   
ALA C    C N N 3   
ALA O    O N N 4   
ALA CB   C N N 5   
ALA OXT  O N N 6   
ALA H    H N N 7   
ALA H2   H N N 8   
ALA HA   H N N 9   
ALA HB1  H N N 10  
ALA HB2  H N N 11  
ALA HB3  H N N 12  
ALA HXT  H N N 13  
ARG N    N N N 14  
ARG CA   C N S 15  
ARG C    C N N 16  
ARG O    O N N 17  
ARG CB   C N N 18  
ARG CG   C N N 19  
ARG CD   C N N 20  
ARG NE   N N N 21  
ARG CZ   C N N 22  
ARG NH1  N N N 23  
ARG NH2  N N N 24  
ARG OXT  O N N 25  
ARG H    H N N 26  
ARG H2   H N N 27  
ARG HA   H N N 28  
ARG HB2  H N N 29  
ARG HB3  H N N 30  
ARG HG2  H N N 31  
ARG HG3  H N N 32  
ARG HD2  H N N 33  
ARG HD3  H N N 34  
ARG HE   H N N 35  
ARG HH11 H N N 36  
ARG HH12 H N N 37  
ARG HH21 H N N 38  
ARG HH22 H N N 39  
ARG HXT  H N N 40  
ASN N    N N N 41  
ASN CA   C N S 42  
ASN C    C N N 43  
ASN O    O N N 44  
ASN CB   C N N 45  
ASN CG   C N N 46  
ASN OD1  O N N 47  
ASN ND2  N N N 48  
ASN OXT  O N N 49  
ASN H    H N N 50  
ASN H2   H N N 51  
ASN HA   H N N 52  
ASN HB2  H N N 53  
ASN HB3  H N N 54  
ASN HD21 H N N 55  
ASN HD22 H N N 56  
ASN HXT  H N N 57  
ASP N    N N N 58  
ASP CA   C N S 59  
ASP C    C N N 60  
ASP O    O N N 61  
ASP CB   C N N 62  
ASP CG   C N N 63  
ASP OD1  O N N 64  
ASP OD2  O N N 65  
ASP OXT  O N N 66  
ASP H    H N N 67  
ASP H2   H N N 68  
ASP HA   H N N 69  
ASP HB2  H N N 70  
ASP HB3  H N N 71  
ASP HD2  H N N 72  
ASP HXT  H N N 73  
BGC C2   C N R 74  
BGC C3   C N S 75  
BGC C4   C N S 76  
BGC C5   C N R 77  
BGC C6   C N N 78  
BGC C1   C N R 79  
BGC O1   O N N 80  
BGC O2   O N N 81  
BGC O3   O N N 82  
BGC O4   O N N 83  
BGC O5   O N N 84  
BGC O6   O N N 85  
BGC H2   H N N 86  
BGC H3   H N N 87  
BGC H4   H N N 88  
BGC H5   H N N 89  
BGC H61  H N N 90  
BGC H62  H N N 91  
BGC H1   H N N 92  
BGC HO1  H N N 93  
BGC HO2  H N N 94  
BGC HO3  H N N 95  
BGC HO4  H N N 96  
BGC HO6  H N N 97  
GAL C1   C N R 98  
GAL C2   C N R 99  
GAL C3   C N S 100 
GAL C4   C N R 101 
GAL C5   C N R 102 
GAL C6   C N N 103 
GAL O1   O N N 104 
GAL O2   O N N 105 
GAL O3   O N N 106 
GAL O4   O N N 107 
GAL O5   O N N 108 
GAL O6   O N N 109 
GAL H1   H N N 110 
GAL H2   H N N 111 
GAL H3   H N N 112 
GAL H4   H N N 113 
GAL H5   H N N 114 
GAL H61  H N N 115 
GAL H62  H N N 116 
GAL HO1  H N N 117 
GAL HO2  H N N 118 
GAL HO3  H N N 119 
GAL HO4  H N N 120 
GAL HO6  H N N 121 
GLN N    N N N 122 
GLN CA   C N S 123 
GLN C    C N N 124 
GLN O    O N N 125 
GLN CB   C N N 126 
GLN CG   C N N 127 
GLN CD   C N N 128 
GLN OE1  O N N 129 
GLN NE2  N N N 130 
GLN OXT  O N N 131 
GLN H    H N N 132 
GLN H2   H N N 133 
GLN HA   H N N 134 
GLN HB2  H N N 135 
GLN HB3  H N N 136 
GLN HG2  H N N 137 
GLN HG3  H N N 138 
GLN HE21 H N N 139 
GLN HE22 H N N 140 
GLN HXT  H N N 141 
GLU N    N N N 142 
GLU CA   C N S 143 
GLU C    C N N 144 
GLU O    O N N 145 
GLU CB   C N N 146 
GLU CG   C N N 147 
GLU CD   C N N 148 
GLU OE1  O N N 149 
GLU OE2  O N N 150 
GLU OXT  O N N 151 
GLU H    H N N 152 
GLU H2   H N N 153 
GLU HA   H N N 154 
GLU HB2  H N N 155 
GLU HB3  H N N 156 
GLU HG2  H N N 157 
GLU HG3  H N N 158 
GLU HE2  H N N 159 
GLU HXT  H N N 160 
GLY N    N N N 161 
GLY CA   C N N 162 
GLY C    C N N 163 
GLY O    O N N 164 
GLY OXT  O N N 165 
GLY H    H N N 166 
GLY H2   H N N 167 
GLY HA2  H N N 168 
GLY HA3  H N N 169 
GLY HXT  H N N 170 
HIS N    N N N 171 
HIS CA   C N S 172 
HIS C    C N N 173 
HIS O    O N N 174 
HIS CB   C N N 175 
HIS CG   C Y N 176 
HIS ND1  N Y N 177 
HIS CD2  C Y N 178 
HIS CE1  C Y N 179 
HIS NE2  N Y N 180 
HIS OXT  O N N 181 
HIS H    H N N 182 
HIS H2   H N N 183 
HIS HA   H N N 184 
HIS HB2  H N N 185 
HIS HB3  H N N 186 
HIS HD1  H N N 187 
HIS HD2  H N N 188 
HIS HE1  H N N 189 
HIS HE2  H N N 190 
HIS HXT  H N N 191 
HOH O    O N N 192 
HOH H1   H N N 193 
HOH H2   H N N 194 
ILE N    N N N 195 
ILE CA   C N S 196 
ILE C    C N N 197 
ILE O    O N N 198 
ILE CB   C N S 199 
ILE CG1  C N N 200 
ILE CG2  C N N 201 
ILE CD1  C N N 202 
ILE OXT  O N N 203 
ILE H    H N N 204 
ILE H2   H N N 205 
ILE HA   H N N 206 
ILE HB   H N N 207 
ILE HG12 H N N 208 
ILE HG13 H N N 209 
ILE HG21 H N N 210 
ILE HG22 H N N 211 
ILE HG23 H N N 212 
ILE HD11 H N N 213 
ILE HD12 H N N 214 
ILE HD13 H N N 215 
ILE HXT  H N N 216 
LEU N    N N N 217 
LEU CA   C N S 218 
LEU C    C N N 219 
LEU O    O N N 220 
LEU CB   C N N 221 
LEU CG   C N N 222 
LEU CD1  C N N 223 
LEU CD2  C N N 224 
LEU OXT  O N N 225 
LEU H    H N N 226 
LEU H2   H N N 227 
LEU HA   H N N 228 
LEU HB2  H N N 229 
LEU HB3  H N N 230 
LEU HG   H N N 231 
LEU HD11 H N N 232 
LEU HD12 H N N 233 
LEU HD13 H N N 234 
LEU HD21 H N N 235 
LEU HD22 H N N 236 
LEU HD23 H N N 237 
LEU HXT  H N N 238 
LYS N    N N N 239 
LYS CA   C N S 240 
LYS C    C N N 241 
LYS O    O N N 242 
LYS CB   C N N 243 
LYS CG   C N N 244 
LYS CD   C N N 245 
LYS CE   C N N 246 
LYS NZ   N N N 247 
LYS OXT  O N N 248 
LYS H    H N N 249 
LYS H2   H N N 250 
LYS HA   H N N 251 
LYS HB2  H N N 252 
LYS HB3  H N N 253 
LYS HG2  H N N 254 
LYS HG3  H N N 255 
LYS HD2  H N N 256 
LYS HD3  H N N 257 
LYS HE2  H N N 258 
LYS HE3  H N N 259 
LYS HZ1  H N N 260 
LYS HZ2  H N N 261 
LYS HZ3  H N N 262 
LYS HXT  H N N 263 
MES O1   O N N 264 
MES C2   C N N 265 
MES C3   C N N 266 
MES N4   N N N 267 
MES C5   C N N 268 
MES C6   C N N 269 
MES C7   C N N 270 
MES C8   C N N 271 
MES S    S N N 272 
MES O1S  O N N 273 
MES O2S  O N N 274 
MES O3S  O N N 275 
MES H21  H N N 276 
MES H22  H N N 277 
MES H31  H N N 278 
MES H32  H N N 279 
MES HN4  H N N 280 
MES H51  H N N 281 
MES H52  H N N 282 
MES H61  H N N 283 
MES H62  H N N 284 
MES H71  H N N 285 
MES H72  H N N 286 
MES H81  H N N 287 
MES H82  H N N 288 
MET N    N N N 289 
MET CA   C N S 290 
MET C    C N N 291 
MET O    O N N 292 
MET CB   C N N 293 
MET CG   C N N 294 
MET SD   S N N 295 
MET CE   C N N 296 
MET OXT  O N N 297 
MET H    H N N 298 
MET H2   H N N 299 
MET HA   H N N 300 
MET HB2  H N N 301 
MET HB3  H N N 302 
MET HG2  H N N 303 
MET HG3  H N N 304 
MET HE1  H N N 305 
MET HE2  H N N 306 
MET HE3  H N N 307 
MET HXT  H N N 308 
PHE N    N N N 309 
PHE CA   C N S 310 
PHE C    C N N 311 
PHE O    O N N 312 
PHE CB   C N N 313 
PHE CG   C Y N 314 
PHE CD1  C Y N 315 
PHE CD2  C Y N 316 
PHE CE1  C Y N 317 
PHE CE2  C Y N 318 
PHE CZ   C Y N 319 
PHE OXT  O N N 320 
PHE H    H N N 321 
PHE H2   H N N 322 
PHE HA   H N N 323 
PHE HB2  H N N 324 
PHE HB3  H N N 325 
PHE HD1  H N N 326 
PHE HD2  H N N 327 
PHE HE1  H N N 328 
PHE HE2  H N N 329 
PHE HZ   H N N 330 
PHE HXT  H N N 331 
PRO N    N N N 332 
PRO CA   C N S 333 
PRO C    C N N 334 
PRO O    O N N 335 
PRO CB   C N N 336 
PRO CG   C N N 337 
PRO CD   C N N 338 
PRO OXT  O N N 339 
PRO H    H N N 340 
PRO HA   H N N 341 
PRO HB2  H N N 342 
PRO HB3  H N N 343 
PRO HG2  H N N 344 
PRO HG3  H N N 345 
PRO HD2  H N N 346 
PRO HD3  H N N 347 
PRO HXT  H N N 348 
SER N    N N N 349 
SER CA   C N S 350 
SER C    C N N 351 
SER O    O N N 352 
SER CB   C N N 353 
SER OG   O N N 354 
SER OXT  O N N 355 
SER H    H N N 356 
SER H2   H N N 357 
SER HA   H N N 358 
SER HB2  H N N 359 
SER HB3  H N N 360 
SER HG   H N N 361 
SER HXT  H N N 362 
THR N    N N N 363 
THR CA   C N S 364 
THR C    C N N 365 
THR O    O N N 366 
THR CB   C N R 367 
THR OG1  O N N 368 
THR CG2  C N N 369 
THR OXT  O N N 370 
THR H    H N N 371 
THR H2   H N N 372 
THR HA   H N N 373 
THR HB   H N N 374 
THR HG1  H N N 375 
THR HG21 H N N 376 
THR HG22 H N N 377 
THR HG23 H N N 378 
THR HXT  H N N 379 
TRP N    N N N 380 
TRP CA   C N S 381 
TRP C    C N N 382 
TRP O    O N N 383 
TRP CB   C N N 384 
TRP CG   C Y N 385 
TRP CD1  C Y N 386 
TRP CD2  C Y N 387 
TRP NE1  N Y N 388 
TRP CE2  C Y N 389 
TRP CE3  C Y N 390 
TRP CZ2  C Y N 391 
TRP CZ3  C Y N 392 
TRP CH2  C Y N 393 
TRP OXT  O N N 394 
TRP H    H N N 395 
TRP H2   H N N 396 
TRP HA   H N N 397 
TRP HB2  H N N 398 
TRP HB3  H N N 399 
TRP HD1  H N N 400 
TRP HE1  H N N 401 
TRP HE3  H N N 402 
TRP HZ2  H N N 403 
TRP HZ3  H N N 404 
TRP HH2  H N N 405 
TRP HXT  H N N 406 
TYR N    N N N 407 
TYR CA   C N S 408 
TYR C    C N N 409 
TYR O    O N N 410 
TYR CB   C N N 411 
TYR CG   C Y N 412 
TYR CD1  C Y N 413 
TYR CD2  C Y N 414 
TYR CE1  C Y N 415 
TYR CE2  C Y N 416 
TYR CZ   C Y N 417 
TYR OH   O N N 418 
TYR OXT  O N N 419 
TYR H    H N N 420 
TYR H2   H N N 421 
TYR HA   H N N 422 
TYR HB2  H N N 423 
TYR HB3  H N N 424 
TYR HD1  H N N 425 
TYR HD2  H N N 426 
TYR HE1  H N N 427 
TYR HE2  H N N 428 
TYR HH   H N N 429 
TYR HXT  H N N 430 
VAL N    N N N 431 
VAL CA   C N S 432 
VAL C    C N N 433 
VAL O    O N N 434 
VAL CB   C N N 435 
VAL CG1  C N N 436 
VAL CG2  C N N 437 
VAL OXT  O N N 438 
VAL H    H N N 439 
VAL H2   H N N 440 
VAL HA   H N N 441 
VAL HB   H N N 442 
VAL HG11 H N N 443 
VAL HG12 H N N 444 
VAL HG13 H N N 445 
VAL HG21 H N N 446 
VAL HG22 H N N 447 
VAL HG23 H N N 448 
VAL HXT  H N N 449 
# 
loop_
_chem_comp_bond.comp_id 
_chem_comp_bond.atom_id_1 
_chem_comp_bond.atom_id_2 
_chem_comp_bond.value_order 
_chem_comp_bond.pdbx_aromatic_flag 
_chem_comp_bond.pdbx_stereo_config 
_chem_comp_bond.pdbx_ordinal 
ALA N   CA   sing N N 1   
ALA N   H    sing N N 2   
ALA N   H2   sing N N 3   
ALA CA  C    sing N N 4   
ALA CA  CB   sing N N 5   
ALA CA  HA   sing N N 6   
ALA C   O    doub N N 7   
ALA C   OXT  sing N N 8   
ALA CB  HB1  sing N N 9   
ALA CB  HB2  sing N N 10  
ALA CB  HB3  sing N N 11  
ALA OXT HXT  sing N N 12  
ARG N   CA   sing N N 13  
ARG N   H    sing N N 14  
ARG N   H2   sing N N 15  
ARG CA  C    sing N N 16  
ARG CA  CB   sing N N 17  
ARG CA  HA   sing N N 18  
ARG C   O    doub N N 19  
ARG C   OXT  sing N N 20  
ARG CB  CG   sing N N 21  
ARG CB  HB2  sing N N 22  
ARG CB  HB3  sing N N 23  
ARG CG  CD   sing N N 24  
ARG CG  HG2  sing N N 25  
ARG CG  HG3  sing N N 26  
ARG CD  NE   sing N N 27  
ARG CD  HD2  sing N N 28  
ARG CD  HD3  sing N N 29  
ARG NE  CZ   sing N N 30  
ARG NE  HE   sing N N 31  
ARG CZ  NH1  sing N N 32  
ARG CZ  NH2  doub N N 33  
ARG NH1 HH11 sing N N 34  
ARG NH1 HH12 sing N N 35  
ARG NH2 HH21 sing N N 36  
ARG NH2 HH22 sing N N 37  
ARG OXT HXT  sing N N 38  
ASN N   CA   sing N N 39  
ASN N   H    sing N N 40  
ASN N   H2   sing N N 41  
ASN CA  C    sing N N 42  
ASN CA  CB   sing N N 43  
ASN CA  HA   sing N N 44  
ASN C   O    doub N N 45  
ASN C   OXT  sing N N 46  
ASN CB  CG   sing N N 47  
ASN CB  HB2  sing N N 48  
ASN CB  HB3  sing N N 49  
ASN CG  OD1  doub N N 50  
ASN CG  ND2  sing N N 51  
ASN ND2 HD21 sing N N 52  
ASN ND2 HD22 sing N N 53  
ASN OXT HXT  sing N N 54  
ASP N   CA   sing N N 55  
ASP N   H    sing N N 56  
ASP N   H2   sing N N 57  
ASP CA  C    sing N N 58  
ASP CA  CB   sing N N 59  
ASP CA  HA   sing N N 60  
ASP C   O    doub N N 61  
ASP C   OXT  sing N N 62  
ASP CB  CG   sing N N 63  
ASP CB  HB2  sing N N 64  
ASP CB  HB3  sing N N 65  
ASP CG  OD1  doub N N 66  
ASP CG  OD2  sing N N 67  
ASP OD2 HD2  sing N N 68  
ASP OXT HXT  sing N N 69  
BGC C2  C3   sing N N 70  
BGC C2  C1   sing N N 71  
BGC C2  O2   sing N N 72  
BGC C2  H2   sing N N 73  
BGC C3  C4   sing N N 74  
BGC C3  O3   sing N N 75  
BGC C3  H3   sing N N 76  
BGC C4  C5   sing N N 77  
BGC C4  O4   sing N N 78  
BGC C4  H4   sing N N 79  
BGC C5  C6   sing N N 80  
BGC C5  O5   sing N N 81  
BGC C5  H5   sing N N 82  
BGC C6  O6   sing N N 83  
BGC C6  H61  sing N N 84  
BGC C6  H62  sing N N 85  
BGC C1  O1   sing N N 86  
BGC C1  O5   sing N N 87  
BGC C1  H1   sing N N 88  
BGC O1  HO1  sing N N 89  
BGC O2  HO2  sing N N 90  
BGC O3  HO3  sing N N 91  
BGC O4  HO4  sing N N 92  
BGC O6  HO6  sing N N 93  
GAL C1  C2   sing N N 94  
GAL C1  O1   sing N N 95  
GAL C1  O5   sing N N 96  
GAL C1  H1   sing N N 97  
GAL C2  C3   sing N N 98  
GAL C2  O2   sing N N 99  
GAL C2  H2   sing N N 100 
GAL C3  C4   sing N N 101 
GAL C3  O3   sing N N 102 
GAL C3  H3   sing N N 103 
GAL C4  C5   sing N N 104 
GAL C4  O4   sing N N 105 
GAL C4  H4   sing N N 106 
GAL C5  C6   sing N N 107 
GAL C5  O5   sing N N 108 
GAL C5  H5   sing N N 109 
GAL C6  O6   sing N N 110 
GAL C6  H61  sing N N 111 
GAL C6  H62  sing N N 112 
GAL O1  HO1  sing N N 113 
GAL O2  HO2  sing N N 114 
GAL O3  HO3  sing N N 115 
GAL O4  HO4  sing N N 116 
GAL O6  HO6  sing N N 117 
GLN N   CA   sing N N 118 
GLN N   H    sing N N 119 
GLN N   H2   sing N N 120 
GLN CA  C    sing N N 121 
GLN CA  CB   sing N N 122 
GLN CA  HA   sing N N 123 
GLN C   O    doub N N 124 
GLN C   OXT  sing N N 125 
GLN CB  CG   sing N N 126 
GLN CB  HB2  sing N N 127 
GLN CB  HB3  sing N N 128 
GLN CG  CD   sing N N 129 
GLN CG  HG2  sing N N 130 
GLN CG  HG3  sing N N 131 
GLN CD  OE1  doub N N 132 
GLN CD  NE2  sing N N 133 
GLN NE2 HE21 sing N N 134 
GLN NE2 HE22 sing N N 135 
GLN OXT HXT  sing N N 136 
GLU N   CA   sing N N 137 
GLU N   H    sing N N 138 
GLU N   H2   sing N N 139 
GLU CA  C    sing N N 140 
GLU CA  CB   sing N N 141 
GLU CA  HA   sing N N 142 
GLU C   O    doub N N 143 
GLU C   OXT  sing N N 144 
GLU CB  CG   sing N N 145 
GLU CB  HB2  sing N N 146 
GLU CB  HB3  sing N N 147 
GLU CG  CD   sing N N 148 
GLU CG  HG2  sing N N 149 
GLU CG  HG3  sing N N 150 
GLU CD  OE1  doub N N 151 
GLU CD  OE2  sing N N 152 
GLU OE2 HE2  sing N N 153 
GLU OXT HXT  sing N N 154 
GLY N   CA   sing N N 155 
GLY N   H    sing N N 156 
GLY N   H2   sing N N 157 
GLY CA  C    sing N N 158 
GLY CA  HA2  sing N N 159 
GLY CA  HA3  sing N N 160 
GLY C   O    doub N N 161 
GLY C   OXT  sing N N 162 
GLY OXT HXT  sing N N 163 
HIS N   CA   sing N N 164 
HIS N   H    sing N N 165 
HIS N   H2   sing N N 166 
HIS CA  C    sing N N 167 
HIS CA  CB   sing N N 168 
HIS CA  HA   sing N N 169 
HIS C   O    doub N N 170 
HIS C   OXT  sing N N 171 
HIS CB  CG   sing N N 172 
HIS CB  HB2  sing N N 173 
HIS CB  HB3  sing N N 174 
HIS CG  ND1  sing Y N 175 
HIS CG  CD2  doub Y N 176 
HIS ND1 CE1  doub Y N 177 
HIS ND1 HD1  sing N N 178 
HIS CD2 NE2  sing Y N 179 
HIS CD2 HD2  sing N N 180 
HIS CE1 NE2  sing Y N 181 
HIS CE1 HE1  sing N N 182 
HIS NE2 HE2  sing N N 183 
HIS OXT HXT  sing N N 184 
HOH O   H1   sing N N 185 
HOH O   H2   sing N N 186 
ILE N   CA   sing N N 187 
ILE N   H    sing N N 188 
ILE N   H2   sing N N 189 
ILE CA  C    sing N N 190 
ILE CA  CB   sing N N 191 
ILE CA  HA   sing N N 192 
ILE C   O    doub N N 193 
ILE C   OXT  sing N N 194 
ILE CB  CG1  sing N N 195 
ILE CB  CG2  sing N N 196 
ILE CB  HB   sing N N 197 
ILE CG1 CD1  sing N N 198 
ILE CG1 HG12 sing N N 199 
ILE CG1 HG13 sing N N 200 
ILE CG2 HG21 sing N N 201 
ILE CG2 HG22 sing N N 202 
ILE CG2 HG23 sing N N 203 
ILE CD1 HD11 sing N N 204 
ILE CD1 HD12 sing N N 205 
ILE CD1 HD13 sing N N 206 
ILE OXT HXT  sing N N 207 
LEU N   CA   sing N N 208 
LEU N   H    sing N N 209 
LEU N   H2   sing N N 210 
LEU CA  C    sing N N 211 
LEU CA  CB   sing N N 212 
LEU CA  HA   sing N N 213 
LEU C   O    doub N N 214 
LEU C   OXT  sing N N 215 
LEU CB  CG   sing N N 216 
LEU CB  HB2  sing N N 217 
LEU CB  HB3  sing N N 218 
LEU CG  CD1  sing N N 219 
LEU CG  CD2  sing N N 220 
LEU CG  HG   sing N N 221 
LEU CD1 HD11 sing N N 222 
LEU CD1 HD12 sing N N 223 
LEU CD1 HD13 sing N N 224 
LEU CD2 HD21 sing N N 225 
LEU CD2 HD22 sing N N 226 
LEU CD2 HD23 sing N N 227 
LEU OXT HXT  sing N N 228 
LYS N   CA   sing N N 229 
LYS N   H    sing N N 230 
LYS N   H2   sing N N 231 
LYS CA  C    sing N N 232 
LYS CA  CB   sing N N 233 
LYS CA  HA   sing N N 234 
LYS C   O    doub N N 235 
LYS C   OXT  sing N N 236 
LYS CB  CG   sing N N 237 
LYS CB  HB2  sing N N 238 
LYS CB  HB3  sing N N 239 
LYS CG  CD   sing N N 240 
LYS CG  HG2  sing N N 241 
LYS CG  HG3  sing N N 242 
LYS CD  CE   sing N N 243 
LYS CD  HD2  sing N N 244 
LYS CD  HD3  sing N N 245 
LYS CE  NZ   sing N N 246 
LYS CE  HE2  sing N N 247 
LYS CE  HE3  sing N N 248 
LYS NZ  HZ1  sing N N 249 
LYS NZ  HZ2  sing N N 250 
LYS NZ  HZ3  sing N N 251 
LYS OXT HXT  sing N N 252 
MES O1  C2   sing N N 253 
MES O1  C6   sing N N 254 
MES C2  C3   sing N N 255 
MES C2  H21  sing N N 256 
MES C2  H22  sing N N 257 
MES C3  N4   sing N N 258 
MES C3  H31  sing N N 259 
MES C3  H32  sing N N 260 
MES N4  C5   sing N N 261 
MES N4  C7   sing N N 262 
MES N4  HN4  sing N N 263 
MES C5  C6   sing N N 264 
MES C5  H51  sing N N 265 
MES C5  H52  sing N N 266 
MES C6  H61  sing N N 267 
MES C6  H62  sing N N 268 
MES C7  C8   sing N N 269 
MES C7  H71  sing N N 270 
MES C7  H72  sing N N 271 
MES C8  S    sing N N 272 
MES C8  H81  sing N N 273 
MES C8  H82  sing N N 274 
MES S   O1S  doub N N 275 
MES S   O2S  doub N N 276 
MES S   O3S  sing N N 277 
MET N   CA   sing N N 278 
MET N   H    sing N N 279 
MET N   H2   sing N N 280 
MET CA  C    sing N N 281 
MET CA  CB   sing N N 282 
MET CA  HA   sing N N 283 
MET C   O    doub N N 284 
MET C   OXT  sing N N 285 
MET CB  CG   sing N N 286 
MET CB  HB2  sing N N 287 
MET CB  HB3  sing N N 288 
MET CG  SD   sing N N 289 
MET CG  HG2  sing N N 290 
MET CG  HG3  sing N N 291 
MET SD  CE   sing N N 292 
MET CE  HE1  sing N N 293 
MET CE  HE2  sing N N 294 
MET CE  HE3  sing N N 295 
MET OXT HXT  sing N N 296 
PHE N   CA   sing N N 297 
PHE N   H    sing N N 298 
PHE N   H2   sing N N 299 
PHE CA  C    sing N N 300 
PHE CA  CB   sing N N 301 
PHE CA  HA   sing N N 302 
PHE C   O    doub N N 303 
PHE C   OXT  sing N N 304 
PHE CB  CG   sing N N 305 
PHE CB  HB2  sing N N 306 
PHE CB  HB3  sing N N 307 
PHE CG  CD1  doub Y N 308 
PHE CG  CD2  sing Y N 309 
PHE CD1 CE1  sing Y N 310 
PHE CD1 HD1  sing N N 311 
PHE CD2 CE2  doub Y N 312 
PHE CD2 HD2  sing N N 313 
PHE CE1 CZ   doub Y N 314 
PHE CE1 HE1  sing N N 315 
PHE CE2 CZ   sing Y N 316 
PHE CE2 HE2  sing N N 317 
PHE CZ  HZ   sing N N 318 
PHE OXT HXT  sing N N 319 
PRO N   CA   sing N N 320 
PRO N   CD   sing N N 321 
PRO N   H    sing N N 322 
PRO CA  C    sing N N 323 
PRO CA  CB   sing N N 324 
PRO CA  HA   sing N N 325 
PRO C   O    doub N N 326 
PRO C   OXT  sing N N 327 
PRO CB  CG   sing N N 328 
PRO CB  HB2  sing N N 329 
PRO CB  HB3  sing N N 330 
PRO CG  CD   sing N N 331 
PRO CG  HG2  sing N N 332 
PRO CG  HG3  sing N N 333 
PRO CD  HD2  sing N N 334 
PRO CD  HD3  sing N N 335 
PRO OXT HXT  sing N N 336 
SER N   CA   sing N N 337 
SER N   H    sing N N 338 
SER N   H2   sing N N 339 
SER CA  C    sing N N 340 
SER CA  CB   sing N N 341 
SER CA  HA   sing N N 342 
SER C   O    doub N N 343 
SER C   OXT  sing N N 344 
SER CB  OG   sing N N 345 
SER CB  HB2  sing N N 346 
SER CB  HB3  sing N N 347 
SER OG  HG   sing N N 348 
SER OXT HXT  sing N N 349 
THR N   CA   sing N N 350 
THR N   H    sing N N 351 
THR N   H2   sing N N 352 
THR CA  C    sing N N 353 
THR CA  CB   sing N N 354 
THR CA  HA   sing N N 355 
THR C   O    doub N N 356 
THR C   OXT  sing N N 357 
THR CB  OG1  sing N N 358 
THR CB  CG2  sing N N 359 
THR CB  HB   sing N N 360 
THR OG1 HG1  sing N N 361 
THR CG2 HG21 sing N N 362 
THR CG2 HG22 sing N N 363 
THR CG2 HG23 sing N N 364 
THR OXT HXT  sing N N 365 
TRP N   CA   sing N N 366 
TRP N   H    sing N N 367 
TRP N   H2   sing N N 368 
TRP CA  C    sing N N 369 
TRP CA  CB   sing N N 370 
TRP CA  HA   sing N N 371 
TRP C   O    doub N N 372 
TRP C   OXT  sing N N 373 
TRP CB  CG   sing N N 374 
TRP CB  HB2  sing N N 375 
TRP CB  HB3  sing N N 376 
TRP CG  CD1  doub Y N 377 
TRP CG  CD2  sing Y N 378 
TRP CD1 NE1  sing Y N 379 
TRP CD1 HD1  sing N N 380 
TRP CD2 CE2  doub Y N 381 
TRP CD2 CE3  sing Y N 382 
TRP NE1 CE2  sing Y N 383 
TRP NE1 HE1  sing N N 384 
TRP CE2 CZ2  sing Y N 385 
TRP CE3 CZ3  doub Y N 386 
TRP CE3 HE3  sing N N 387 
TRP CZ2 CH2  doub Y N 388 
TRP CZ2 HZ2  sing N N 389 
TRP CZ3 CH2  sing Y N 390 
TRP CZ3 HZ3  sing N N 391 
TRP CH2 HH2  sing N N 392 
TRP OXT HXT  sing N N 393 
TYR N   CA   sing N N 394 
TYR N   H    sing N N 395 
TYR N   H2   sing N N 396 
TYR CA  C    sing N N 397 
TYR CA  CB   sing N N 398 
TYR CA  HA   sing N N 399 
TYR C   O    doub N N 400 
TYR C   OXT  sing N N 401 
TYR CB  CG   sing N N 402 
TYR CB  HB2  sing N N 403 
TYR CB  HB3  sing N N 404 
TYR CG  CD1  doub Y N 405 
TYR CG  CD2  sing Y N 406 
TYR CD1 CE1  sing Y N 407 
TYR CD1 HD1  sing N N 408 
TYR CD2 CE2  doub Y N 409 
TYR CD2 HD2  sing N N 410 
TYR CE1 CZ   doub Y N 411 
TYR CE1 HE1  sing N N 412 
TYR CE2 CZ   sing Y N 413 
TYR CE2 HE2  sing N N 414 
TYR CZ  OH   sing N N 415 
TYR OH  HH   sing N N 416 
TYR OXT HXT  sing N N 417 
VAL N   CA   sing N N 418 
VAL N   H    sing N N 419 
VAL N   H2   sing N N 420 
VAL CA  C    sing N N 421 
VAL CA  CB   sing N N 422 
VAL CA  HA   sing N N 423 
VAL C   O    doub N N 424 
VAL C   OXT  sing N N 425 
VAL CB  CG1  sing N N 426 
VAL CB  CG2  sing N N 427 
VAL CB  HB   sing N N 428 
VAL CG1 HG11 sing N N 429 
VAL CG1 HG12 sing N N 430 
VAL CG1 HG13 sing N N 431 
VAL CG2 HG21 sing N N 432 
VAL CG2 HG22 sing N N 433 
VAL CG2 HG23 sing N N 434 
VAL OXT HXT  sing N N 435 
# 
loop_
_pdbx_branch_scheme.asym_id 
_pdbx_branch_scheme.entity_id 
_pdbx_branch_scheme.mon_id 
_pdbx_branch_scheme.num 
_pdbx_branch_scheme.pdb_asym_id 
_pdbx_branch_scheme.pdb_mon_id 
_pdbx_branch_scheme.pdb_seq_num 
_pdbx_branch_scheme.auth_asym_id 
_pdbx_branch_scheme.auth_mon_id 
_pdbx_branch_scheme.auth_seq_num 
_pdbx_branch_scheme.hetero 
B 2 BGC 1 B BGC 1 B GLC 402 n 
B 2 GAL 2 B GAL 2 B GAL 401 n 
# 
loop_
_pdbx_chem_comp_identifier.comp_id 
_pdbx_chem_comp_identifier.type 
_pdbx_chem_comp_identifier.program 
_pdbx_chem_comp_identifier.program_version 
_pdbx_chem_comp_identifier.identifier 
BGC 'CONDENSED IUPAC CARBOHYDRATE SYMBOL' GMML     1.0 DGlcpb              
BGC 'COMMON NAME'                         GMML     1.0 b-D-glucopyranose   
BGC 'IUPAC CARBOHYDRATE SYMBOL'           PDB-CARE 1.0 b-D-Glcp            
BGC 'SNFG CARBOHYDRATE SYMBOL'            GMML     1.0 Glc                 
GAL 'CONDENSED IUPAC CARBOHYDRATE SYMBOL' GMML     1.0 DGalpb              
GAL 'COMMON NAME'                         GMML     1.0 b-D-galactopyranose 
GAL 'IUPAC CARBOHYDRATE SYMBOL'           PDB-CARE 1.0 b-D-Galp            
GAL 'SNFG CARBOHYDRATE SYMBOL'            GMML     1.0 Gal                 
# 
_pdbx_entity_branch.entity_id   2 
_pdbx_entity_branch.type        oligosaccharide 
# 
loop_
_pdbx_entity_branch_descriptor.ordinal 
_pdbx_entity_branch_descriptor.entity_id 
_pdbx_entity_branch_descriptor.descriptor 
_pdbx_entity_branch_descriptor.type 
_pdbx_entity_branch_descriptor.program 
_pdbx_entity_branch_descriptor.program_version 
1 2 DGalpb1-4DGlcpb1-ROH                                       'Glycam Condensed Sequence' GMML       1.0   
2 2 'WURCS=2.0/2,2,1/[a2122h-1b_1-5][a2112h-1b_1-5]/1-2/a4-b1' WURCS                       PDB2Glycan 1.1.0 
3 2 '[][b-D-Glcp]{[(4+1)][b-D-Galp]{}}'                        LINUCS                      PDB-CARE   ?     
# 
_pdbx_entity_branch_link.link_id                    1 
_pdbx_entity_branch_link.entity_id                  2 
_pdbx_entity_branch_link.entity_branch_list_num_1   2 
_pdbx_entity_branch_link.comp_id_1                  GAL 
_pdbx_entity_branch_link.atom_id_1                  C1 
_pdbx_entity_branch_link.leaving_atom_id_1          O1 
_pdbx_entity_branch_link.entity_branch_list_num_2   1 
_pdbx_entity_branch_link.comp_id_2                  BGC 
_pdbx_entity_branch_link.atom_id_2                  O4 
_pdbx_entity_branch_link.leaving_atom_id_2          HO4 
_pdbx_entity_branch_link.value_order                sing 
_pdbx_entity_branch_link.details                    ? 
# 
loop_
_pdbx_entity_branch_list.entity_id 
_pdbx_entity_branch_list.comp_id 
_pdbx_entity_branch_list.num 
_pdbx_entity_branch_list.hetero 
2 BGC 1 n 
2 GAL 2 n 
# 
loop_
_pdbx_entity_nonpoly.entity_id 
_pdbx_entity_nonpoly.name 
_pdbx_entity_nonpoly.comp_id 
3 '2-(N-MORPHOLINO)-ETHANESULFONIC ACID' MES 
4 water                                  HOH 
# 
_pdbx_initial_refinement_model.id               1 
_pdbx_initial_refinement_model.entity_id_list   ? 
_pdbx_initial_refinement_model.type             'experimental model' 
_pdbx_initial_refinement_model.source_name      PDB 
_pdbx_initial_refinement_model.accession_code   1C1L 
_pdbx_initial_refinement_model.details          'PDB ENTRY 1C1L' 
# 
